data_5NAL
# 
_entry.id   5NAL 
# 
_audit_conform.dict_name       mmcif_pdbx.dic 
_audit_conform.dict_version    5.397 
_audit_conform.dict_location   http://mmcif.pdb.org/dictionaries/ascii/mmcif_pdbx.dic 
# 
loop_
_database_2.database_id 
_database_2.database_code 
_database_2.pdbx_database_accession 
_database_2.pdbx_DOI 
PDB   5NAL         pdb_00005nal 10.2210/pdb5nal/pdb 
WWPDB D_1200003755 ?            ?                   
# 
loop_
_pdbx_audit_revision_history.ordinal 
_pdbx_audit_revision_history.data_content_type 
_pdbx_audit_revision_history.major_revision 
_pdbx_audit_revision_history.minor_revision 
_pdbx_audit_revision_history.revision_date 
1 'Structure model' 1 0 2017-05-10 
2 'Structure model' 1 1 2017-05-31 
3 'Structure model' 1 2 2024-01-17 
4 'Structure model' 1 3 2024-10-23 
# 
_pdbx_audit_revision_details.ordinal             1 
_pdbx_audit_revision_details.revision_ordinal    1 
_pdbx_audit_revision_details.data_content_type   'Structure model' 
_pdbx_audit_revision_details.provider            repository 
_pdbx_audit_revision_details.type                'Initial release' 
_pdbx_audit_revision_details.description         ? 
_pdbx_audit_revision_details.details             ? 
# 
loop_
_pdbx_audit_revision_group.ordinal 
_pdbx_audit_revision_group.revision_ordinal 
_pdbx_audit_revision_group.data_content_type 
_pdbx_audit_revision_group.group 
1 2 'Structure model' 'Database references'    
2 3 'Structure model' 'Data collection'        
3 3 'Structure model' 'Database references'    
4 3 'Structure model' 'Refinement description' 
5 4 'Structure model' 'Structure summary'      
# 
loop_
_pdbx_audit_revision_category.ordinal 
_pdbx_audit_revision_category.revision_ordinal 
_pdbx_audit_revision_category.data_content_type 
_pdbx_audit_revision_category.category 
1 3 'Structure model' chem_comp_atom                
2 3 'Structure model' chem_comp_bond                
3 3 'Structure model' database_2                    
4 3 'Structure model' pdbx_initial_refinement_model 
5 4 'Structure model' pdbx_entry_details            
6 4 'Structure model' pdbx_modification_feature     
# 
loop_
_pdbx_audit_revision_item.ordinal 
_pdbx_audit_revision_item.revision_ordinal 
_pdbx_audit_revision_item.data_content_type 
_pdbx_audit_revision_item.item 
1 3 'Structure model' '_database_2.pdbx_DOI'                
2 3 'Structure model' '_database_2.pdbx_database_accession' 
# 
_pdbx_database_status.status_code                     REL 
_pdbx_database_status.status_code_sf                  REL 
_pdbx_database_status.status_code_mr                  ? 
_pdbx_database_status.entry_id                        5NAL 
_pdbx_database_status.recvd_initial_deposition_date   2017-02-28 
_pdbx_database_status.SG_entry                        N 
_pdbx_database_status.deposit_site                    PDBE 
_pdbx_database_status.process_site                    PDBE 
_pdbx_database_status.status_code_cs                  ? 
_pdbx_database_status.methods_development_category    ? 
_pdbx_database_status.pdb_format_compatible           Y 
_pdbx_database_status.status_code_nmr_data            ? 
# 
loop_
_audit_author.name 
_audit_author.pdbx_ordinal 
_audit_author.identifier_ORCID 
'Fansa, E.K.'      1 ? 
'Martin-Gago, P.'  2 ? 
'Waldmann, H.'     3 ? 
'Wittinghofer, A.' 4 ? 
# 
_citation.abstract                  ? 
_citation.abstract_id_CAS           ? 
_citation.book_id_ISBN              ? 
_citation.book_publisher            ? 
_citation.book_publisher_city       ? 
_citation.book_title                ? 
_citation.coordinate_linkage        ? 
_citation.country                   US 
_citation.database_id_Medline       ? 
_citation.details                   ? 
_citation.id                        primary 
_citation.journal_abbrev            'Cell Chem Biol' 
_citation.journal_id_ASTM           ? 
_citation.journal_id_CSD            ? 
_citation.journal_id_ISSN           2451-9456 
_citation.journal_full              ? 
_citation.journal_issue             ? 
_citation.journal_volume            24 
_citation.language                  ? 
_citation.page_first                589 
_citation.page_last                 597.e5 
_citation.title                     'Covalent Protein Labeling at Glutamic Acids.' 
_citation.year                      2017 
_citation.database_id_CSD           ? 
_citation.pdbx_database_id_DOI      10.1016/j.chembiol.2017.03.015 
_citation.pdbx_database_id_PubMed   28434875 
_citation.unpublished_flag          ? 
# 
loop_
_citation_author.citation_id 
_citation_author.name 
_citation_author.ordinal 
_citation_author.identifier_ORCID 
primary 'Martin-Gago, P.'        1 ? 
primary 'Fansa, E.K.'            2 ? 
primary 'Winzker, M.'            3 ? 
primary 'Murarka, S.'            4 ? 
primary 'Janning, P.'            5 ? 
primary 'Schultz-Fademrecht, C.' 6 ? 
primary 'Baumann, M.'            7 ? 
primary 'Wittinghofer, A.'       8 ? 
primary 'Waldmann, H.'           9 ? 
# 
loop_
_entity.id 
_entity.type 
_entity.src_method 
_entity.pdbx_description 
_entity.formula_weight 
_entity.pdbx_number_of_molecules 
_entity.pdbx_ec 
_entity.pdbx_mutation 
_entity.pdbx_fragment 
_entity.details 
1 polymer     man 
;Retinal rod rhodopsin-sensitive cGMP 3',5'-cyclic phosphodiesterase subunit delta
;
17440.990 1  ? ? ? ? 
2 non-polymer syn 
;~{N}4-[(4-chlorophenyl)methyl]-~{N}1-(cyclohexylmethyl)-~{N}4-cyclopentyl-~{N}1-[(~{Z})-4-[(~{E})-methyliminomethyl]-5-oxidanyl-hex-4-enyl]benzene-1,4-disulfonamide
;
664.318   1  ? ? ? ? 
3 water       nat water 18.015    87 ? ? ? ? 
# 
_entity_name_com.entity_id   1 
_entity_name_com.name        'GMP-PDE delta,Protein p17' 
# 
_entity_poly.entity_id                      1 
_entity_poly.type                           'polypeptide(L)' 
_entity_poly.nstd_linkage                   no 
_entity_poly.nstd_monomer                   no 
_entity_poly.pdbx_seq_one_letter_code       
;MSAKDERAREILRGFKLNWMNLRDAETGKILWQGTEDLSVPGVEHEARVPKKILKCKAVSRELNFSSTEQMEKFRLEQKV
YFKGQCLEEWFFEFGFVIPNSTNTWQSLIEAAPESQMMPASVLTGNVIIETKFFDDDLLVSTSRVRLFYV
;
_entity_poly.pdbx_seq_one_letter_code_can   
;MSAKDERAREILRGFKLNWMNLRDAETGKILWQGTEDLSVPGVEHEARVPKKILKCKAVSRELNFSSTEQMEKFRLEQKV
YFKGQCLEEWFFEFGFVIPNSTNTWQSLIEAAPESQMMPASVLTGNVIIETKFFDDDLLVSTSRVRLFYV
;
_entity_poly.pdbx_strand_id                 B 
_entity_poly.pdbx_target_identifier         ? 
# 
loop_
_pdbx_entity_nonpoly.entity_id 
_pdbx_entity_nonpoly.name 
_pdbx_entity_nonpoly.comp_id 
2 
;~{N}4-[(4-chlorophenyl)methyl]-~{N}1-(cyclohexylmethyl)-~{N}4-cyclopentyl-~{N}1-[(~{Z})-4-[(~{E})-methyliminomethyl]-5-oxidanyl-hex-4-enyl]benzene-1,4-disulfonamide
;
8RQ 
3 water HOH 
# 
loop_
_entity_poly_seq.entity_id 
_entity_poly_seq.num 
_entity_poly_seq.mon_id 
_entity_poly_seq.hetero 
1 1   MET n 
1 2   SER n 
1 3   ALA n 
1 4   LYS n 
1 5   ASP n 
1 6   GLU n 
1 7   ARG n 
1 8   ALA n 
1 9   ARG n 
1 10  GLU n 
1 11  ILE n 
1 12  LEU n 
1 13  ARG n 
1 14  GLY n 
1 15  PHE n 
1 16  LYS n 
1 17  LEU n 
1 18  ASN n 
1 19  TRP n 
1 20  MET n 
1 21  ASN n 
1 22  LEU n 
1 23  ARG n 
1 24  ASP n 
1 25  ALA n 
1 26  GLU n 
1 27  THR n 
1 28  GLY n 
1 29  LYS n 
1 30  ILE n 
1 31  LEU n 
1 32  TRP n 
1 33  GLN n 
1 34  GLY n 
1 35  THR n 
1 36  GLU n 
1 37  ASP n 
1 38  LEU n 
1 39  SER n 
1 40  VAL n 
1 41  PRO n 
1 42  GLY n 
1 43  VAL n 
1 44  GLU n 
1 45  HIS n 
1 46  GLU n 
1 47  ALA n 
1 48  ARG n 
1 49  VAL n 
1 50  PRO n 
1 51  LYS n 
1 52  LYS n 
1 53  ILE n 
1 54  LEU n 
1 55  LYS n 
1 56  CYS n 
1 57  LYS n 
1 58  ALA n 
1 59  VAL n 
1 60  SER n 
1 61  ARG n 
1 62  GLU n 
1 63  LEU n 
1 64  ASN n 
1 65  PHE n 
1 66  SER n 
1 67  SER n 
1 68  THR n 
1 69  GLU n 
1 70  GLN n 
1 71  MET n 
1 72  GLU n 
1 73  LYS n 
1 74  PHE n 
1 75  ARG n 
1 76  LEU n 
1 77  GLU n 
1 78  GLN n 
1 79  LYS n 
1 80  VAL n 
1 81  TYR n 
1 82  PHE n 
1 83  LYS n 
1 84  GLY n 
1 85  GLN n 
1 86  CYS n 
1 87  LEU n 
1 88  GLU n 
1 89  GLU n 
1 90  TRP n 
1 91  PHE n 
1 92  PHE n 
1 93  GLU n 
1 94  PHE n 
1 95  GLY n 
1 96  PHE n 
1 97  VAL n 
1 98  ILE n 
1 99  PRO n 
1 100 ASN n 
1 101 SER n 
1 102 THR n 
1 103 ASN n 
1 104 THR n 
1 105 TRP n 
1 106 GLN n 
1 107 SER n 
1 108 LEU n 
1 109 ILE n 
1 110 GLU n 
1 111 ALA n 
1 112 ALA n 
1 113 PRO n 
1 114 GLU n 
1 115 SER n 
1 116 GLN n 
1 117 MET n 
1 118 MET n 
1 119 PRO n 
1 120 ALA n 
1 121 SER n 
1 122 VAL n 
1 123 LEU n 
1 124 THR n 
1 125 GLY n 
1 126 ASN n 
1 127 VAL n 
1 128 ILE n 
1 129 ILE n 
1 130 GLU n 
1 131 THR n 
1 132 LYS n 
1 133 PHE n 
1 134 PHE n 
1 135 ASP n 
1 136 ASP n 
1 137 ASP n 
1 138 LEU n 
1 139 LEU n 
1 140 VAL n 
1 141 SER n 
1 142 THR n 
1 143 SER n 
1 144 ARG n 
1 145 VAL n 
1 146 ARG n 
1 147 LEU n 
1 148 PHE n 
1 149 TYR n 
1 150 VAL n 
# 
_entity_src_gen.entity_id                          1 
_entity_src_gen.pdbx_src_id                        1 
_entity_src_gen.pdbx_alt_source_flag               sample 
_entity_src_gen.pdbx_seq_type                      'Biological sequence' 
_entity_src_gen.pdbx_beg_seq_num                   1 
_entity_src_gen.pdbx_end_seq_num                   150 
_entity_src_gen.gene_src_common_name               Human 
_entity_src_gen.gene_src_genus                     ? 
_entity_src_gen.pdbx_gene_src_gene                 'PDE6D, PDED' 
_entity_src_gen.gene_src_species                   ? 
_entity_src_gen.gene_src_strain                    ? 
_entity_src_gen.gene_src_tissue                    ? 
_entity_src_gen.gene_src_tissue_fraction           ? 
_entity_src_gen.gene_src_details                   ? 
_entity_src_gen.pdbx_gene_src_fragment             ? 
_entity_src_gen.pdbx_gene_src_scientific_name      'Homo sapiens' 
_entity_src_gen.pdbx_gene_src_ncbi_taxonomy_id     9606 
_entity_src_gen.pdbx_gene_src_variant              ? 
_entity_src_gen.pdbx_gene_src_cell_line            ? 
_entity_src_gen.pdbx_gene_src_atcc                 ? 
_entity_src_gen.pdbx_gene_src_organ                ? 
_entity_src_gen.pdbx_gene_src_organelle            ? 
_entity_src_gen.pdbx_gene_src_cell                 ? 
_entity_src_gen.pdbx_gene_src_cellular_location    ? 
_entity_src_gen.host_org_common_name               ? 
_entity_src_gen.pdbx_host_org_scientific_name      'Escherichia coli' 
_entity_src_gen.pdbx_host_org_ncbi_taxonomy_id     562 
_entity_src_gen.host_org_genus                     ? 
_entity_src_gen.pdbx_host_org_gene                 ? 
_entity_src_gen.pdbx_host_org_organ                ? 
_entity_src_gen.host_org_species                   ? 
_entity_src_gen.pdbx_host_org_tissue               ? 
_entity_src_gen.pdbx_host_org_tissue_fraction      ? 
_entity_src_gen.pdbx_host_org_strain               ? 
_entity_src_gen.pdbx_host_org_variant              ? 
_entity_src_gen.pdbx_host_org_cell_line            ? 
_entity_src_gen.pdbx_host_org_atcc                 ? 
_entity_src_gen.pdbx_host_org_culture_collection   ? 
_entity_src_gen.pdbx_host_org_cell                 ? 
_entity_src_gen.pdbx_host_org_organelle            ? 
_entity_src_gen.pdbx_host_org_cellular_location    ? 
_entity_src_gen.pdbx_host_org_vector_type          ? 
_entity_src_gen.pdbx_host_org_vector               ? 
_entity_src_gen.host_org_details                   ? 
_entity_src_gen.expression_system_id               ? 
_entity_src_gen.plasmid_name                       ? 
_entity_src_gen.plasmid_details                    ? 
_entity_src_gen.pdbx_description                   ? 
# 
loop_
_chem_comp.id 
_chem_comp.type 
_chem_comp.mon_nstd_flag 
_chem_comp.name 
_chem_comp.pdbx_synonyms 
_chem_comp.formula 
_chem_comp.formula_weight 
8RQ non-polymer         . 
;~{N}4-[(4-chlorophenyl)methyl]-~{N}1-(cyclohexylmethyl)-~{N}4-cyclopentyl-~{N}1-[(~{Z})-4-[(~{E})-methyliminomethyl]-5-oxidanyl-hex-4-enyl]benzene-1,4-disulfonamide
;
? 'C33 H46 Cl N3 O5 S2' 664.318 
ALA 'L-peptide linking' y ALANINE ? 'C3 H7 N O2'          89.093  
ARG 'L-peptide linking' y ARGININE ? 'C6 H15 N4 O2 1'      175.209 
ASN 'L-peptide linking' y ASPARAGINE ? 'C4 H8 N2 O3'         132.118 
ASP 'L-peptide linking' y 'ASPARTIC ACID' ? 'C4 H7 N O4'          133.103 
CYS 'L-peptide linking' y CYSTEINE ? 'C3 H7 N O2 S'        121.158 
GLN 'L-peptide linking' y GLUTAMINE ? 'C5 H10 N2 O3'        146.144 
GLU 'L-peptide linking' y 'GLUTAMIC ACID' ? 'C5 H9 N O4'          147.129 
GLY 'peptide linking'   y GLYCINE ? 'C2 H5 N O2'          75.067  
HIS 'L-peptide linking' y HISTIDINE ? 'C6 H10 N3 O2 1'      156.162 
HOH non-polymer         . WATER ? 'H2 O'                18.015  
ILE 'L-peptide linking' y ISOLEUCINE ? 'C6 H13 N O2'         131.173 
LEU 'L-peptide linking' y LEUCINE ? 'C6 H13 N O2'         131.173 
LYS 'L-peptide linking' y LYSINE ? 'C6 H15 N2 O2 1'      147.195 
MET 'L-peptide linking' y METHIONINE ? 'C5 H11 N O2 S'       149.211 
PHE 'L-peptide linking' y PHENYLALANINE ? 'C9 H11 N O2'         165.189 
PRO 'L-peptide linking' y PROLINE ? 'C5 H9 N O2'          115.130 
SER 'L-peptide linking' y SERINE ? 'C3 H7 N O3'          105.093 
THR 'L-peptide linking' y THREONINE ? 'C4 H9 N O3'          119.119 
TRP 'L-peptide linking' y TRYPTOPHAN ? 'C11 H12 N2 O2'       204.225 
TYR 'L-peptide linking' y TYROSINE ? 'C9 H11 N O3'         181.189 
VAL 'L-peptide linking' y VALINE ? 'C5 H11 N O2'         117.146 
# 
loop_
_pdbx_poly_seq_scheme.asym_id 
_pdbx_poly_seq_scheme.entity_id 
_pdbx_poly_seq_scheme.seq_id 
_pdbx_poly_seq_scheme.mon_id 
_pdbx_poly_seq_scheme.ndb_seq_num 
_pdbx_poly_seq_scheme.pdb_seq_num 
_pdbx_poly_seq_scheme.auth_seq_num 
_pdbx_poly_seq_scheme.pdb_mon_id 
_pdbx_poly_seq_scheme.auth_mon_id 
_pdbx_poly_seq_scheme.pdb_strand_id 
_pdbx_poly_seq_scheme.pdb_ins_code 
_pdbx_poly_seq_scheme.hetero 
A 1 1   MET 1   1   1   MET MET B . n 
A 1 2   SER 2   2   2   SER SER B . n 
A 1 3   ALA 3   3   3   ALA ALA B . n 
A 1 4   LYS 4   4   4   LYS LYS B . n 
A 1 5   ASP 5   5   5   ASP ASP B . n 
A 1 6   GLU 6   6   6   GLU GLU B . n 
A 1 7   ARG 7   7   7   ARG ARG B . n 
A 1 8   ALA 8   8   8   ALA ALA B . n 
A 1 9   ARG 9   9   9   ARG ARG B . n 
A 1 10  GLU 10  10  10  GLU GLU B . n 
A 1 11  ILE 11  11  11  ILE ILE B . n 
A 1 12  LEU 12  12  12  LEU LEU B . n 
A 1 13  ARG 13  13  13  ARG ARG B . n 
A 1 14  GLY 14  14  14  GLY GLY B . n 
A 1 15  PHE 15  15  15  PHE PHE B . n 
A 1 16  LYS 16  16  16  LYS LYS B . n 
A 1 17  LEU 17  17  17  LEU LEU B . n 
A 1 18  ASN 18  18  18  ASN ASN B . n 
A 1 19  TRP 19  19  19  TRP TRP B . n 
A 1 20  MET 20  20  20  MET MET B . n 
A 1 21  ASN 21  21  21  ASN ASN B . n 
A 1 22  LEU 22  22  22  LEU LEU B . n 
A 1 23  ARG 23  23  23  ARG ARG B . n 
A 1 24  ASP 24  24  24  ASP ASP B . n 
A 1 25  ALA 25  25  25  ALA ALA B . n 
A 1 26  GLU 26  26  26  GLU ALA B . n 
A 1 27  THR 27  27  27  THR THR B . n 
A 1 28  GLY 28  28  28  GLY GLY B . n 
A 1 29  LYS 29  29  29  LYS LYS B . n 
A 1 30  ILE 30  30  30  ILE ILE B . n 
A 1 31  LEU 31  31  31  LEU LEU B . n 
A 1 32  TRP 32  32  32  TRP TRP B . n 
A 1 33  GLN 33  33  33  GLN GLN B . n 
A 1 34  GLY 34  34  34  GLY GLY B . n 
A 1 35  THR 35  35  35  THR THR B . n 
A 1 36  GLU 36  36  36  GLU GLU B . n 
A 1 37  ASP 37  37  37  ASP ASP B . n 
A 1 38  LEU 38  38  38  LEU LEU B . n 
A 1 39  SER 39  39  39  SER SER B . n 
A 1 40  VAL 40  40  40  VAL VAL B . n 
A 1 41  PRO 41  41  41  PRO PRO B . n 
A 1 42  GLY 42  42  42  GLY GLY B . n 
A 1 43  VAL 43  43  43  VAL VAL B . n 
A 1 44  GLU 44  44  44  GLU GLU B . n 
A 1 45  HIS 45  45  45  HIS HIS B . n 
A 1 46  GLU 46  46  46  GLU GLU B . n 
A 1 47  ALA 47  47  47  ALA ALA B . n 
A 1 48  ARG 48  48  48  ARG ARG B . n 
A 1 49  VAL 49  49  49  VAL VAL B . n 
A 1 50  PRO 50  50  50  PRO PRO B . n 
A 1 51  LYS 51  51  51  LYS LYS B . n 
A 1 52  LYS 52  52  52  LYS LYS B . n 
A 1 53  ILE 53  53  53  ILE ILE B . n 
A 1 54  LEU 54  54  54  LEU LEU B . n 
A 1 55  LYS 55  55  55  LYS LYS B . n 
A 1 56  CYS 56  56  56  CYS CYS B . n 
A 1 57  LYS 57  57  57  LYS LYS B . n 
A 1 58  ALA 58  58  58  ALA ALA B . n 
A 1 59  VAL 59  59  59  VAL VAL B . n 
A 1 60  SER 60  60  60  SER SER B . n 
A 1 61  ARG 61  61  61  ARG ARG B . n 
A 1 62  GLU 62  62  62  GLU GLU B . n 
A 1 63  LEU 63  63  63  LEU LEU B . n 
A 1 64  ASN 64  64  64  ASN ASN B . n 
A 1 65  PHE 65  65  65  PHE PHE B . n 
A 1 66  SER 66  66  66  SER SER B . n 
A 1 67  SER 67  67  67  SER SER B . n 
A 1 68  THR 68  68  68  THR THR B . n 
A 1 69  GLU 69  69  69  GLU GLU B . n 
A 1 70  GLN 70  70  70  GLN GLN B . n 
A 1 71  MET 71  71  71  MET MET B . n 
A 1 72  GLU 72  72  72  GLU GLU B . n 
A 1 73  LYS 73  73  73  LYS LYS B . n 
A 1 74  PHE 74  74  74  PHE PHE B . n 
A 1 75  ARG 75  75  75  ARG ARG B . n 
A 1 76  LEU 76  76  76  LEU LEU B . n 
A 1 77  GLU 77  77  77  GLU GLU B . n 
A 1 78  GLN 78  78  78  GLN GLN B . n 
A 1 79  LYS 79  79  79  LYS LYS B . n 
A 1 80  VAL 80  80  80  VAL VAL B . n 
A 1 81  TYR 81  81  81  TYR TYR B . n 
A 1 82  PHE 82  82  82  PHE PHE B . n 
A 1 83  LYS 83  83  83  LYS LYS B . n 
A 1 84  GLY 84  84  84  GLY GLY B . n 
A 1 85  GLN 85  85  85  GLN GLN B . n 
A 1 86  CYS 86  86  86  CYS CYS B . n 
A 1 87  LEU 87  87  87  LEU LEU B . n 
A 1 88  GLU 88  88  88  GLU GLU B . n 
A 1 89  GLU 89  89  89  GLU GLU B . n 
A 1 90  TRP 90  90  90  TRP TRP B . n 
A 1 91  PHE 91  91  91  PHE PHE B . n 
A 1 92  PHE 92  92  92  PHE PHE B . n 
A 1 93  GLU 93  93  93  GLU GLU B . n 
A 1 94  PHE 94  94  94  PHE PHE B . n 
A 1 95  GLY 95  95  95  GLY GLY B . n 
A 1 96  PHE 96  96  96  PHE PHE B . n 
A 1 97  VAL 97  97  97  VAL VAL B . n 
A 1 98  ILE 98  98  98  ILE ILE B . n 
A 1 99  PRO 99  99  99  PRO PRO B . n 
A 1 100 ASN 100 100 100 ASN ASN B . n 
A 1 101 SER 101 101 101 SER SER B . n 
A 1 102 THR 102 102 102 THR THR B . n 
A 1 103 ASN 103 103 103 ASN ASN B . n 
A 1 104 THR 104 104 104 THR THR B . n 
A 1 105 TRP 105 105 105 TRP TRP B . n 
A 1 106 GLN 106 106 106 GLN GLN B . n 
A 1 107 SER 107 107 107 SER SER B . n 
A 1 108 LEU 108 108 108 LEU LEU B . n 
A 1 109 ILE 109 109 109 ILE ILE B . n 
A 1 110 GLU 110 110 110 GLU GLU B . n 
A 1 111 ALA 111 111 111 ALA ALA B . n 
A 1 112 ALA 112 112 112 ALA ALA B . n 
A 1 113 PRO 113 113 113 PRO PRO B . n 
A 1 114 GLU 114 114 114 GLU GLU B . n 
A 1 115 SER 115 115 115 SER SER B . n 
A 1 116 GLN 116 116 116 GLN GLN B . n 
A 1 117 MET 117 117 117 MET MET B . n 
A 1 118 MET 118 118 118 MET MET B . n 
A 1 119 PRO 119 119 119 PRO PRO B . n 
A 1 120 ALA 120 120 120 ALA ALA B . n 
A 1 121 SER 121 121 121 SER SER B . n 
A 1 122 VAL 122 122 122 VAL VAL B . n 
A 1 123 LEU 123 123 123 LEU LEU B . n 
A 1 124 THR 124 124 124 THR THR B . n 
A 1 125 GLY 125 125 125 GLY GLY B . n 
A 1 126 ASN 126 126 126 ASN ASN B . n 
A 1 127 VAL 127 127 127 VAL VAL B . n 
A 1 128 ILE 128 128 128 ILE ILE B . n 
A 1 129 ILE 129 129 129 ILE ILE B . n 
A 1 130 GLU 130 130 130 GLU GLU B . n 
A 1 131 THR 131 131 131 THR THR B . n 
A 1 132 LYS 132 132 132 LYS LYS B . n 
A 1 133 PHE 133 133 133 PHE PHE B . n 
A 1 134 PHE 134 134 134 PHE PHE B . n 
A 1 135 ASP 135 135 135 ASP ASP B . n 
A 1 136 ASP 136 136 136 ASP ASP B . n 
A 1 137 ASP 137 137 137 ASP ASP B . n 
A 1 138 LEU 138 138 138 LEU LEU B . n 
A 1 139 LEU 139 139 139 LEU LEU B . n 
A 1 140 VAL 140 140 140 VAL VAL B . n 
A 1 141 SER 141 141 141 SER SER B . n 
A 1 142 THR 142 142 142 THR THR B . n 
A 1 143 SER 143 143 143 SER SER B . n 
A 1 144 ARG 144 144 144 ARG ARG B . n 
A 1 145 VAL 145 145 145 VAL VAL B . n 
A 1 146 ARG 146 146 146 ARG ARG B . n 
A 1 147 LEU 147 147 147 LEU LEU B . n 
A 1 148 PHE 148 148 148 PHE PHE B . n 
A 1 149 TYR 149 149 149 TYR TYR B . n 
A 1 150 VAL 150 150 150 VAL VAL B . n 
# 
loop_
_pdbx_nonpoly_scheme.asym_id 
_pdbx_nonpoly_scheme.entity_id 
_pdbx_nonpoly_scheme.mon_id 
_pdbx_nonpoly_scheme.ndb_seq_num 
_pdbx_nonpoly_scheme.pdb_seq_num 
_pdbx_nonpoly_scheme.auth_seq_num 
_pdbx_nonpoly_scheme.pdb_mon_id 
_pdbx_nonpoly_scheme.auth_mon_id 
_pdbx_nonpoly_scheme.pdb_strand_id 
_pdbx_nonpoly_scheme.pdb_ins_code 
B 2 8RQ 1  201 1  8RQ DRG B . 
C 3 HOH 1  301 16 HOH HOH B . 
C 3 HOH 2  302 76 HOH HOH B . 
C 3 HOH 3  303 59 HOH HOH B . 
C 3 HOH 4  304 39 HOH HOH B . 
C 3 HOH 5  305 89 HOH HOH B . 
C 3 HOH 6  306 58 HOH HOH B . 
C 3 HOH 7  307 88 HOH HOH B . 
C 3 HOH 8  308 30 HOH HOH B . 
C 3 HOH 9  309 15 HOH HOH B . 
C 3 HOH 10 310 33 HOH HOH B . 
C 3 HOH 11 311 40 HOH HOH B . 
C 3 HOH 12 312 64 HOH HOH B . 
C 3 HOH 13 313 60 HOH HOH B . 
C 3 HOH 14 314 9  HOH HOH B . 
C 3 HOH 15 315 7  HOH HOH B . 
C 3 HOH 16 316 75 HOH HOH B . 
C 3 HOH 17 317 69 HOH HOH B . 
C 3 HOH 18 318 10 HOH HOH B . 
C 3 HOH 19 319 38 HOH HOH B . 
C 3 HOH 20 320 73 HOH HOH B . 
C 3 HOH 21 321 27 HOH HOH B . 
C 3 HOH 22 322 74 HOH HOH B . 
C 3 HOH 23 323 97 HOH HOH B . 
C 3 HOH 24 324 50 HOH HOH B . 
C 3 HOH 25 325 52 HOH HOH B . 
C 3 HOH 26 326 29 HOH HOH B . 
C 3 HOH 27 327 26 HOH HOH B . 
C 3 HOH 28 328 44 HOH HOH B . 
C 3 HOH 29 329 61 HOH HOH B . 
C 3 HOH 30 330 1  HOH HOH B . 
C 3 HOH 31 331 24 HOH HOH B . 
C 3 HOH 32 332 8  HOH HOH B . 
C 3 HOH 33 333 12 HOH HOH B . 
C 3 HOH 34 334 36 HOH HOH B . 
C 3 HOH 35 335 87 HOH HOH B . 
C 3 HOH 36 336 54 HOH HOH B . 
C 3 HOH 37 337 3  HOH HOH B . 
C 3 HOH 38 338 62 HOH HOH B . 
C 3 HOH 39 339 48 HOH HOH B . 
C 3 HOH 40 340 78 HOH HOH B . 
C 3 HOH 41 341 71 HOH HOH B . 
C 3 HOH 42 342 99 HOH HOH B . 
C 3 HOH 43 343 53 HOH HOH B . 
C 3 HOH 44 344 14 HOH HOH B . 
C 3 HOH 45 345 34 HOH HOH B . 
C 3 HOH 46 346 66 HOH HOH B . 
C 3 HOH 47 347 70 HOH HOH B . 
C 3 HOH 48 348 47 HOH HOH B . 
C 3 HOH 49 349 49 HOH HOH B . 
C 3 HOH 50 350 11 HOH HOH B . 
C 3 HOH 51 351 86 HOH HOH B . 
C 3 HOH 52 352 65 HOH HOH B . 
C 3 HOH 53 353 80 HOH HOH B . 
C 3 HOH 54 354 2  HOH HOH B . 
C 3 HOH 55 355 55 HOH HOH B . 
C 3 HOH 56 356 96 HOH HOH B . 
C 3 HOH 57 357 6  HOH HOH B . 
C 3 HOH 58 358 18 HOH HOH B . 
C 3 HOH 59 359 35 HOH HOH B . 
C 3 HOH 60 360 81 HOH HOH B . 
C 3 HOH 61 361 28 HOH HOH B . 
C 3 HOH 62 362 77 HOH HOH B . 
C 3 HOH 63 363 17 HOH HOH B . 
C 3 HOH 64 364 4  HOH HOH B . 
C 3 HOH 65 365 85 HOH HOH B . 
C 3 HOH 66 366 63 HOH HOH B . 
C 3 HOH 67 367 90 HOH HOH B . 
C 3 HOH 68 368 68 HOH HOH B . 
C 3 HOH 69 369 84 HOH HOH B . 
C 3 HOH 70 370 19 HOH HOH B . 
C 3 HOH 71 371 72 HOH HOH B . 
C 3 HOH 72 372 37 HOH HOH B . 
C 3 HOH 73 373 20 HOH HOH B . 
C 3 HOH 74 374 31 HOH HOH B . 
C 3 HOH 75 375 82 HOH HOH B . 
C 3 HOH 76 376 25 HOH HOH B . 
C 3 HOH 77 377 98 HOH HOH B . 
C 3 HOH 78 378 93 HOH HOH B . 
C 3 HOH 79 379 95 HOH HOH B . 
C 3 HOH 80 380 92 HOH HOH B . 
C 3 HOH 81 381 46 HOH HOH B . 
C 3 HOH 82 382 57 HOH HOH B . 
C 3 HOH 83 383 83 HOH HOH B . 
C 3 HOH 84 384 21 HOH HOH B . 
C 3 HOH 85 385 56 HOH HOH B . 
C 3 HOH 86 386 79 HOH HOH B . 
C 3 HOH 87 387 91 HOH HOH B . 
# 
loop_
_pdbx_unobs_or_zero_occ_atoms.id 
_pdbx_unobs_or_zero_occ_atoms.PDB_model_num 
_pdbx_unobs_or_zero_occ_atoms.polymer_flag 
_pdbx_unobs_or_zero_occ_atoms.occupancy_flag 
_pdbx_unobs_or_zero_occ_atoms.auth_asym_id 
_pdbx_unobs_or_zero_occ_atoms.auth_comp_id 
_pdbx_unobs_or_zero_occ_atoms.auth_seq_id 
_pdbx_unobs_or_zero_occ_atoms.PDB_ins_code 
_pdbx_unobs_or_zero_occ_atoms.auth_atom_id 
_pdbx_unobs_or_zero_occ_atoms.label_alt_id 
_pdbx_unobs_or_zero_occ_atoms.label_asym_id 
_pdbx_unobs_or_zero_occ_atoms.label_comp_id 
_pdbx_unobs_or_zero_occ_atoms.label_seq_id 
_pdbx_unobs_or_zero_occ_atoms.label_atom_id 
1  1 Y 1 B GLU 10  ? CG  ? A GLU 10  CG  
2  1 Y 1 B GLU 10  ? CD  ? A GLU 10  CD  
3  1 Y 1 B GLU 10  ? OE1 ? A GLU 10  OE1 
4  1 Y 1 B GLU 10  ? OE2 ? A GLU 10  OE2 
5  1 Y 1 B GLU 26  ? CG  ? A GLU 26  CG  
6  1 Y 1 B GLU 26  ? CD  ? A GLU 26  CD  
7  1 Y 1 B GLU 26  ? OE1 ? A GLU 26  OE1 
8  1 Y 1 B GLU 26  ? OE2 ? A GLU 26  OE2 
9  1 Y 1 B GLU 114 ? CG  ? A GLU 114 CG  
10 1 Y 1 B GLU 114 ? CD  ? A GLU 114 CD  
11 1 Y 1 B GLU 114 ? OE1 ? A GLU 114 OE1 
12 1 Y 1 B GLU 114 ? OE2 ? A GLU 114 OE2 
# 
loop_
_software.citation_id 
_software.classification 
_software.compiler_name 
_software.compiler_version 
_software.contact_author 
_software.contact_author_email 
_software.date 
_software.description 
_software.dependencies 
_software.hardware 
_software.language 
_software.location 
_software.mods 
_software.name 
_software.os 
_software.os_version 
_software.type 
_software.version 
_software.pdbx_ordinal 
? 'data scaling'    ? ? ? ? ? ? ? ? ? ? ? XSCALE      ? ? ? .        1 
? refinement        ? ? ? ? ? ? ? ? ? ? ? REFMAC      ? ? ? 5.8.0155 2 
? 'data extraction' ? ? ? ? ? ? ? ? ? ? ? PDB_EXTRACT ? ? ? 3.22     3 
? 'data reduction'  ? ? ? ? ? ? ? ? ? ? ? XDS         ? ? ? .        4 
? phasing           ? ? ? ? ? ? ? ? ? ? ? MOLREP      ? ? ? .        5 
# 
_cell.angle_alpha                  90.000 
_cell.angle_alpha_esd              ? 
_cell.angle_beta                   90.000 
_cell.angle_beta_esd               ? 
_cell.angle_gamma                  120.000 
_cell.angle_gamma_esd              ? 
_cell.entry_id                     5NAL 
_cell.details                      ? 
_cell.formula_units_Z              ? 
_cell.length_a                     56.070 
_cell.length_a_esd                 ? 
_cell.length_b                     56.070 
_cell.length_b_esd                 ? 
_cell.length_c                     115.080 
_cell.length_c_esd                 ? 
_cell.volume                       ? 
_cell.volume_esd                   ? 
_cell.Z_PDB                        6 
_cell.reciprocal_angle_alpha       ? 
_cell.reciprocal_angle_beta        ? 
_cell.reciprocal_angle_gamma       ? 
_cell.reciprocal_angle_alpha_esd   ? 
_cell.reciprocal_angle_beta_esd    ? 
_cell.reciprocal_angle_gamma_esd   ? 
_cell.reciprocal_length_a          ? 
_cell.reciprocal_length_b          ? 
_cell.reciprocal_length_c          ? 
_cell.reciprocal_length_a_esd      ? 
_cell.reciprocal_length_b_esd      ? 
_cell.reciprocal_length_c_esd      ? 
_cell.pdbx_unique_axis             ? 
# 
_symmetry.entry_id                         5NAL 
_symmetry.cell_setting                     ? 
_symmetry.Int_Tables_number                154 
_symmetry.space_group_name_Hall            ? 
_symmetry.space_group_name_H-M             'P 32 2 1' 
_symmetry.pdbx_full_space_group_name_H-M   ? 
# 
_exptl.absorpt_coefficient_mu     ? 
_exptl.absorpt_correction_T_max   ? 
_exptl.absorpt_correction_T_min   ? 
_exptl.absorpt_correction_type    ? 
_exptl.absorpt_process_details    ? 
_exptl.entry_id                   5NAL 
_exptl.crystals_number            1 
_exptl.details                    ? 
_exptl.method                     'X-RAY DIFFRACTION' 
_exptl.method_details             ? 
# 
_exptl_crystal.colour                      ? 
_exptl_crystal.density_diffrn              ? 
_exptl_crystal.density_Matthews            3.00 
_exptl_crystal.density_method              ? 
_exptl_crystal.density_percent_sol         59.06 
_exptl_crystal.description                 ? 
_exptl_crystal.F_000                       ? 
_exptl_crystal.id                          1 
_exptl_crystal.preparation                 ? 
_exptl_crystal.size_max                    ? 
_exptl_crystal.size_mid                    ? 
_exptl_crystal.size_min                    ? 
_exptl_crystal.size_rad                    ? 
_exptl_crystal.colour_lustre               ? 
_exptl_crystal.colour_modifier             ? 
_exptl_crystal.colour_primary              ? 
_exptl_crystal.density_meas                ? 
_exptl_crystal.density_meas_esd            ? 
_exptl_crystal.density_meas_gt             ? 
_exptl_crystal.density_meas_lt             ? 
_exptl_crystal.density_meas_temp           ? 
_exptl_crystal.density_meas_temp_esd       ? 
_exptl_crystal.density_meas_temp_gt        ? 
_exptl_crystal.density_meas_temp_lt        ? 
_exptl_crystal.pdbx_crystal_image_url      ? 
_exptl_crystal.pdbx_crystal_image_format   ? 
_exptl_crystal.pdbx_mosaicity              ? 
_exptl_crystal.pdbx_mosaicity_esd          ? 
# 
_exptl_crystal_grow.apparatus       ? 
_exptl_crystal_grow.atmosphere      ? 
_exptl_crystal_grow.crystal_id      1 
_exptl_crystal_grow.details         ? 
_exptl_crystal_grow.method          'VAPOR DIFFUSION, SITTING DROP' 
_exptl_crystal_grow.method_ref      ? 
_exptl_crystal_grow.pH              4.6 
_exptl_crystal_grow.pressure        ? 
_exptl_crystal_grow.pressure_esd    ? 
_exptl_crystal_grow.seeding         ? 
_exptl_crystal_grow.seeding_ref     ? 
_exptl_crystal_grow.temp            293 
_exptl_crystal_grow.temp_details    ? 
_exptl_crystal_grow.temp_esd        ? 
_exptl_crystal_grow.time            ? 
_exptl_crystal_grow.pdbx_details    '2 M Na-formate, 0.1 M NaAcanh, pH 4.6' 
_exptl_crystal_grow.pdbx_pH_range   ? 
# 
_diffrn.ambient_environment    ? 
_diffrn.ambient_temp           100 
_diffrn.ambient_temp_details   ? 
_diffrn.ambient_temp_esd       ? 
_diffrn.crystal_id             1 
_diffrn.crystal_support        ? 
_diffrn.crystal_treatment      ? 
_diffrn.details                ? 
_diffrn.id                     1 
_diffrn.ambient_pressure       ? 
_diffrn.ambient_pressure_esd   ? 
_diffrn.ambient_pressure_gt    ? 
_diffrn.ambient_pressure_lt    ? 
_diffrn.ambient_temp_gt        ? 
_diffrn.ambient_temp_lt        ? 
# 
_diffrn_detector.details                      ? 
_diffrn_detector.detector                     'IMAGE PLATE' 
_diffrn_detector.diffrn_id                    1 
_diffrn_detector.type                         'MAR scanner 345 mm plate' 
_diffrn_detector.area_resol_mean              ? 
_diffrn_detector.dtime                        ? 
_diffrn_detector.pdbx_frames_total            ? 
_diffrn_detector.pdbx_collection_time_total   ? 
_diffrn_detector.pdbx_collection_date         2015-08-11 
# 
_diffrn_radiation.collimation                      ? 
_diffrn_radiation.diffrn_id                        1 
_diffrn_radiation.filter_edge                      ? 
_diffrn_radiation.inhomogeneity                    ? 
_diffrn_radiation.monochromator                    ? 
_diffrn_radiation.polarisn_norm                    ? 
_diffrn_radiation.polarisn_ratio                   ? 
_diffrn_radiation.probe                            ? 
_diffrn_radiation.type                             ? 
_diffrn_radiation.xray_symbol                      ? 
_diffrn_radiation.wavelength_id                    1 
_diffrn_radiation.pdbx_monochromatic_or_laue_m_l   M 
_diffrn_radiation.pdbx_wavelength_list             ? 
_diffrn_radiation.pdbx_wavelength                  ? 
_diffrn_radiation.pdbx_diffrn_protocol             'SINGLE WAVELENGTH' 
_diffrn_radiation.pdbx_analyzer                    ? 
_diffrn_radiation.pdbx_scattering_type             x-ray 
# 
_diffrn_radiation_wavelength.id           1 
_diffrn_radiation_wavelength.wavelength   1.57 
_diffrn_radiation_wavelength.wt           1.0 
# 
_diffrn_source.current                     ? 
_diffrn_source.details                     ? 
_diffrn_source.diffrn_id                   1 
_diffrn_source.power                       ? 
_diffrn_source.size                        ? 
_diffrn_source.source                      'ROTATING ANODE' 
_diffrn_source.target                      ? 
_diffrn_source.type                        'ENRAF-NONIUS FR571' 
_diffrn_source.voltage                     ? 
_diffrn_source.take-off_angle              ? 
_diffrn_source.pdbx_wavelength_list        1.57 
_diffrn_source.pdbx_wavelength             ? 
_diffrn_source.pdbx_synchrotron_beamline   ? 
_diffrn_source.pdbx_synchrotron_site       ? 
# 
_reflns.B_iso_Wilson_estimate            ? 
_reflns.entry_id                         5NAL 
_reflns.data_reduction_details           ? 
_reflns.data_reduction_method            ? 
_reflns.d_resolution_high                2.20 
_reflns.d_resolution_low                 28.030 
_reflns.details                          ? 
_reflns.limit_h_max                      ? 
_reflns.limit_h_min                      ? 
_reflns.limit_k_max                      ? 
_reflns.limit_k_min                      ? 
_reflns.limit_l_max                      ? 
_reflns.limit_l_min                      ? 
_reflns.number_all                       ? 
_reflns.number_obs                       10469 
_reflns.observed_criterion               ? 
_reflns.observed_criterion_F_max         ? 
_reflns.observed_criterion_F_min         ? 
_reflns.observed_criterion_I_max         ? 
_reflns.observed_criterion_I_min         ? 
_reflns.observed_criterion_sigma_F       ? 
_reflns.observed_criterion_sigma_I       ? 
_reflns.percent_possible_obs             98.6 
_reflns.R_free_details                   ? 
_reflns.Rmerge_F_all                     ? 
_reflns.Rmerge_F_obs                     ? 
_reflns.Friedel_coverage                 ? 
_reflns.number_gt                        ? 
_reflns.threshold_expression             ? 
_reflns.pdbx_redundancy                  5.0 
_reflns.pdbx_Rmerge_I_obs                0.175 
_reflns.pdbx_Rmerge_I_all                ? 
_reflns.pdbx_Rsym_value                  ? 
_reflns.pdbx_netI_over_av_sigmaI         ? 
_reflns.pdbx_netI_over_sigmaI            8.5 
_reflns.pdbx_res_netI_over_av_sigmaI_2   ? 
_reflns.pdbx_res_netI_over_sigmaI_2      ? 
_reflns.pdbx_chi_squared                 ? 
_reflns.pdbx_scaling_rejects             ? 
_reflns.pdbx_d_res_high_opt              ? 
_reflns.pdbx_d_res_low_opt               ? 
_reflns.pdbx_d_res_opt_method            ? 
_reflns.phase_calculation_details        ? 
_reflns.pdbx_Rrim_I_all                  ? 
_reflns.pdbx_Rpim_I_all                  ? 
_reflns.pdbx_d_opt                       ? 
_reflns.pdbx_number_measured_all         ? 
_reflns.pdbx_diffrn_id                   1 
_reflns.pdbx_ordinal                     1 
_reflns.pdbx_CC_half                     ? 
_reflns.pdbx_R_split                     ? 
# 
_reflns_shell.d_res_high                  2.20 
_reflns_shell.d_res_low                   2.30 
_reflns_shell.meanI_over_sigI_all         ? 
_reflns_shell.meanI_over_sigI_obs         2.8 
_reflns_shell.number_measured_all         ? 
_reflns_shell.number_measured_obs         ? 
_reflns_shell.number_possible             ? 
_reflns_shell.number_unique_all           ? 
_reflns_shell.number_unique_obs           ? 
_reflns_shell.percent_possible_all        97.3 
_reflns_shell.percent_possible_obs        ? 
_reflns_shell.Rmerge_F_all                ? 
_reflns_shell.Rmerge_F_obs                ? 
_reflns_shell.Rmerge_I_all                ? 
_reflns_shell.Rmerge_I_obs                0.75 
_reflns_shell.meanI_over_sigI_gt          ? 
_reflns_shell.meanI_over_uI_all           ? 
_reflns_shell.meanI_over_uI_gt            ? 
_reflns_shell.number_measured_gt          ? 
_reflns_shell.number_unique_gt            ? 
_reflns_shell.percent_possible_gt         ? 
_reflns_shell.Rmerge_F_gt                 ? 
_reflns_shell.Rmerge_I_gt                 ? 
_reflns_shell.pdbx_redundancy             5.1 
_reflns_shell.pdbx_Rsym_value             ? 
_reflns_shell.pdbx_chi_squared            ? 
_reflns_shell.pdbx_netI_over_sigmaI_all   ? 
_reflns_shell.pdbx_netI_over_sigmaI_obs   ? 
_reflns_shell.pdbx_Rrim_I_all             ? 
_reflns_shell.pdbx_Rpim_I_all             ? 
_reflns_shell.pdbx_rejects                ? 
_reflns_shell.pdbx_ordinal                1 
_reflns_shell.pdbx_diffrn_id              1 
_reflns_shell.pdbx_CC_half                ? 
_reflns_shell.pdbx_R_split                ? 
# 
_refine.aniso_B[1][1]                            0.5300 
_refine.aniso_B[1][2]                            0.2600 
_refine.aniso_B[1][3]                            0.0000 
_refine.aniso_B[2][2]                            0.5300 
_refine.aniso_B[2][3]                            -0.0000 
_refine.aniso_B[3][3]                            -1.7100 
_refine.B_iso_max                                72.020 
_refine.B_iso_mean                               27.3640 
_refine.B_iso_min                                11.560 
_refine.correlation_coeff_Fo_to_Fc               0.9420 
_refine.correlation_coeff_Fo_to_Fc_free          0.9140 
_refine.details                                  
'HYDROGENS HAVE BEEN ADDED IN THE RIDING POSITIONS U VALUES      : REFINED INDIVIDUALLY' 
_refine.diff_density_max                         ? 
_refine.diff_density_max_esd                     ? 
_refine.diff_density_min                         ? 
_refine.diff_density_min_esd                     ? 
_refine.diff_density_rms                         ? 
_refine.diff_density_rms_esd                     ? 
_refine.entry_id                                 5NAL 
_refine.pdbx_refine_id                           'X-RAY DIFFRACTION' 
_refine.ls_abs_structure_details                 ? 
_refine.ls_abs_structure_Flack                   ? 
_refine.ls_abs_structure_Flack_esd               ? 
_refine.ls_abs_structure_Rogers                  ? 
_refine.ls_abs_structure_Rogers_esd              ? 
_refine.ls_d_res_high                            2.2000 
_refine.ls_d_res_low                             28.0300 
_refine.ls_extinction_coef                       ? 
_refine.ls_extinction_coef_esd                   ? 
_refine.ls_extinction_expression                 ? 
_refine.ls_extinction_method                     ? 
_refine.ls_goodness_of_fit_all                   ? 
_refine.ls_goodness_of_fit_all_esd               ? 
_refine.ls_goodness_of_fit_obs                   ? 
_refine.ls_goodness_of_fit_obs_esd               ? 
_refine.ls_hydrogen_treatment                    ? 
_refine.ls_matrix_type                           ? 
_refine.ls_number_constraints                    ? 
_refine.ls_number_parameters                     ? 
_refine.ls_number_reflns_all                     ? 
_refine.ls_number_reflns_obs                     10469 
_refine.ls_number_reflns_R_free                  551 
_refine.ls_number_reflns_R_work                  ? 
_refine.ls_number_restraints                     ? 
_refine.ls_percent_reflns_obs                    98.6300 
_refine.ls_percent_reflns_R_free                 5.0000 
_refine.ls_R_factor_all                          ? 
_refine.ls_R_factor_obs                          0.1975 
_refine.ls_R_factor_R_free                       0.2435 
_refine.ls_R_factor_R_free_error                 ? 
_refine.ls_R_factor_R_free_error_details         ? 
_refine.ls_R_factor_R_work                       0.1951 
_refine.ls_R_Fsqd_factor_obs                     ? 
_refine.ls_R_I_factor_obs                        ? 
_refine.ls_redundancy_reflns_all                 ? 
_refine.ls_redundancy_reflns_obs                 ? 
_refine.ls_restrained_S_all                      ? 
_refine.ls_restrained_S_obs                      ? 
_refine.ls_shift_over_esd_max                    ? 
_refine.ls_shift_over_esd_mean                   ? 
_refine.ls_structure_factor_coef                 ? 
_refine.ls_weighting_details                     ? 
_refine.ls_weighting_scheme                      ? 
_refine.ls_wR_factor_all                         ? 
_refine.ls_wR_factor_obs                         ? 
_refine.ls_wR_factor_R_free                      ? 
_refine.ls_wR_factor_R_work                      ? 
_refine.occupancy_max                            ? 
_refine.occupancy_min                            ? 
_refine.solvent_model_details                    ? 
_refine.solvent_model_param_bsol                 ? 
_refine.solvent_model_param_ksol                 ? 
_refine.ls_R_factor_gt                           ? 
_refine.ls_goodness_of_fit_gt                    ? 
_refine.ls_goodness_of_fit_ref                   ? 
_refine.ls_shift_over_su_max                     ? 
_refine.ls_shift_over_su_max_lt                  ? 
_refine.ls_shift_over_su_mean                    ? 
_refine.ls_shift_over_su_mean_lt                 ? 
_refine.pdbx_ls_sigma_I                          ? 
_refine.pdbx_ls_sigma_F                          0.000 
_refine.pdbx_ls_sigma_Fsqd                       ? 
_refine.pdbx_data_cutoff_high_absF               ? 
_refine.pdbx_data_cutoff_high_rms_absF           ? 
_refine.pdbx_data_cutoff_low_absF                ? 
_refine.pdbx_isotropic_thermal_model             ? 
_refine.pdbx_ls_cross_valid_method               THROUGHOUT 
_refine.pdbx_method_to_determine_struct          'MOLECULAR REPLACEMENT' 
_refine.pdbx_starting_model                      3T5G 
_refine.pdbx_stereochemistry_target_values       ? 
_refine.pdbx_R_Free_selection_details            RANDOM 
_refine.pdbx_stereochem_target_val_spec_case     ? 
_refine.pdbx_overall_ESU_R                       0.2250 
_refine.pdbx_overall_ESU_R_Free                  0.1960 
_refine.pdbx_solvent_vdw_probe_radii             1.2000 
_refine.pdbx_solvent_ion_probe_radii             0.8000 
_refine.pdbx_solvent_shrinkage_radii             0.8000 
_refine.pdbx_real_space_R                        ? 
_refine.pdbx_density_correlation                 ? 
_refine.pdbx_pd_number_of_powder_patterns        ? 
_refine.pdbx_pd_number_of_points                 ? 
_refine.pdbx_pd_meas_number_of_points            ? 
_refine.pdbx_pd_proc_ls_prof_R_factor            ? 
_refine.pdbx_pd_proc_ls_prof_wR_factor           ? 
_refine.pdbx_pd_Marquardt_correlation_coeff      ? 
_refine.pdbx_pd_Fsqrd_R_factor                   ? 
_refine.pdbx_pd_ls_matrix_band_width             ? 
_refine.pdbx_overall_phase_error                 ? 
_refine.pdbx_overall_SU_R_free_Cruickshank_DPI   ? 
_refine.pdbx_overall_SU_R_free_Blow_DPI          ? 
_refine.pdbx_overall_SU_R_Blow_DPI               ? 
_refine.pdbx_TLS_residual_ADP_flag               ? 
_refine.pdbx_diffrn_id                           1 
_refine.overall_SU_B                             5.7720 
_refine.overall_SU_ML                            0.1430 
_refine.overall_SU_R_Cruickshank_DPI             ? 
_refine.overall_SU_R_free                        ? 
_refine.overall_FOM_free_R_set                   ? 
_refine.overall_FOM_work_R_set                   ? 
_refine.pdbx_average_fsc_overall                 ? 
_refine.pdbx_average_fsc_work                    ? 
_refine.pdbx_average_fsc_free                    ? 
# 
_refine_hist.cycle_id                         final 
_refine_hist.pdbx_refine_id                   'X-RAY DIFFRACTION' 
_refine_hist.d_res_high                       2.2000 
_refine_hist.d_res_low                        28.0300 
_refine_hist.pdbx_number_atoms_ligand         44 
_refine_hist.number_atoms_solvent             87 
_refine_hist.number_atoms_total               1344 
_refine_hist.pdbx_number_residues_total       150 
_refine_hist.pdbx_B_iso_mean_ligand           37.46 
_refine_hist.pdbx_B_iso_mean_solvent          30.70 
_refine_hist.pdbx_number_atoms_protein        1213 
_refine_hist.pdbx_number_atoms_nucleic_acid   0 
# 
loop_
_refine_ls_restr.pdbx_refine_id 
_refine_ls_restr.criterion 
_refine_ls_restr.dev_ideal 
_refine_ls_restr.dev_ideal_target 
_refine_ls_restr.number 
_refine_ls_restr.rejects 
_refine_ls_restr.type 
_refine_ls_restr.weight 
_refine_ls_restr.pdbx_restraint_function 
'X-RAY DIFFRACTION' ? 0.011  0.020  1287 ? r_bond_refined_d       ? ? 
'X-RAY DIFFRACTION' ? 0.006  0.020  1238 ? r_bond_other_d         ? ? 
'X-RAY DIFFRACTION' ? 1.580  1.985  1736 ? r_angle_refined_deg    ? ? 
'X-RAY DIFFRACTION' ? 1.139  3.011  2848 ? r_angle_other_deg      ? ? 
'X-RAY DIFFRACTION' ? 6.528  5.000  149  ? r_dihedral_angle_1_deg ? ? 
'X-RAY DIFFRACTION' ? 42.731 23.793 58   ? r_dihedral_angle_2_deg ? ? 
'X-RAY DIFFRACTION' ? 12.421 15.000 228  ? r_dihedral_angle_3_deg ? ? 
'X-RAY DIFFRACTION' ? 16.095 15.000 9    ? r_dihedral_angle_4_deg ? ? 
'X-RAY DIFFRACTION' ? 0.112  0.200  189  ? r_chiral_restr         ? ? 
'X-RAY DIFFRACTION' ? 0.006  0.020  1404 ? r_gen_planes_refined   ? ? 
'X-RAY DIFFRACTION' ? 0.001  0.020  304  ? r_gen_planes_other     ? ? 
# 
_refine_ls_shell.pdbx_refine_id                   'X-RAY DIFFRACTION' 
_refine_ls_shell.d_res_high                       2.2000 
_refine_ls_shell.d_res_low                        2.2570 
_refine_ls_shell.number_reflns_all                788 
_refine_ls_shell.number_reflns_obs                ? 
_refine_ls_shell.number_reflns_R_free             39 
_refine_ls_shell.number_reflns_R_work             749 
_refine_ls_shell.percent_reflns_obs               97.1600 
_refine_ls_shell.percent_reflns_R_free            ? 
_refine_ls_shell.R_factor_all                     ? 
_refine_ls_shell.R_factor_obs                     ? 
_refine_ls_shell.R_factor_R_free                  0.3650 
_refine_ls_shell.R_factor_R_free_error            0.0000 
_refine_ls_shell.R_factor_R_work                  0.2480 
_refine_ls_shell.redundancy_reflns_all            ? 
_refine_ls_shell.redundancy_reflns_obs            ? 
_refine_ls_shell.wR_factor_all                    ? 
_refine_ls_shell.wR_factor_obs                    ? 
_refine_ls_shell.wR_factor_R_free                 ? 
_refine_ls_shell.wR_factor_R_work                 ? 
_refine_ls_shell.pdbx_total_number_of_bins_used   20 
_refine_ls_shell.pdbx_phase_error                 ? 
_refine_ls_shell.pdbx_fsc_work                    ? 
_refine_ls_shell.pdbx_fsc_free                    ? 
# 
_struct.entry_id                     5NAL 
_struct.title                        'The crystal structure of inhibitor-15 covalently bound to PDE6D' 
_struct.pdbx_model_details           ? 
_struct.pdbx_formula_weight          ? 
_struct.pdbx_formula_weight_method   ? 
_struct.pdbx_model_type_details      ? 
_struct.pdbx_CASP_flag               N 
# 
_struct_keywords.entry_id        5NAL 
_struct_keywords.text            
;Lipid binding protein, Woodward's reagent K, Covalent Protein Labeling at Glutamic Acids, Arl2 mediated cargo release
;
_struct_keywords.pdbx_keywords   'LIPID BINDING PROTEIN' 
# 
loop_
_struct_asym.id 
_struct_asym.pdbx_blank_PDB_chainid_flag 
_struct_asym.pdbx_modified 
_struct_asym.entity_id 
_struct_asym.details 
A N N 1 ? 
B N N 2 ? 
C N N 3 ? 
# 
_struct_ref.id                         1 
_struct_ref.db_name                    UNP 
_struct_ref.db_code                    PDE6D_HUMAN 
_struct_ref.pdbx_db_accession          O43924 
_struct_ref.pdbx_db_isoform            ? 
_struct_ref.entity_id                  1 
_struct_ref.pdbx_seq_one_letter_code   
;MSAKDERAREILRGFKLNWMNLRDAETGKILWQGTEDLSVPGVEHEARVPKKILKCKAVSRELNFSSTEQMEKFRLEQKV
YFKGQCLEEWFFEFGFVIPNSTNTWQSLIEAAPESQMMPASVLTGNVIIETKFFDDDLLVSTSRVRLFYV
;
_struct_ref.pdbx_align_begin           1 
# 
_struct_ref_seq.align_id                      1 
_struct_ref_seq.ref_id                        1 
_struct_ref_seq.pdbx_PDB_id_code              5NAL 
_struct_ref_seq.pdbx_strand_id                B 
_struct_ref_seq.seq_align_beg                 1 
_struct_ref_seq.pdbx_seq_align_beg_ins_code   ? 
_struct_ref_seq.seq_align_end                 150 
_struct_ref_seq.pdbx_seq_align_end_ins_code   ? 
_struct_ref_seq.pdbx_db_accession             O43924 
_struct_ref_seq.db_align_beg                  1 
_struct_ref_seq.pdbx_db_align_beg_ins_code    ? 
_struct_ref_seq.db_align_end                  150 
_struct_ref_seq.pdbx_db_align_end_ins_code    ? 
_struct_ref_seq.pdbx_auth_seq_align_beg       1 
_struct_ref_seq.pdbx_auth_seq_align_end       150 
# 
_pdbx_struct_assembly.id                   1 
_pdbx_struct_assembly.details              software_defined_assembly 
_pdbx_struct_assembly.method_details       PISA 
_pdbx_struct_assembly.oligomeric_details   monomeric 
_pdbx_struct_assembly.oligomeric_count     1 
# 
loop_
_pdbx_struct_assembly_prop.biol_id 
_pdbx_struct_assembly_prop.type 
_pdbx_struct_assembly_prop.value 
_pdbx_struct_assembly_prop.details 
1 'ABSA (A^2)' 0    ? 
1 MORE         0    ? 
1 'SSA (A^2)'  8250 ? 
# 
_pdbx_struct_assembly_gen.assembly_id       1 
_pdbx_struct_assembly_gen.oper_expression   1 
_pdbx_struct_assembly_gen.asym_id_list      A,B,C 
# 
_pdbx_struct_assembly_auth_evidence.id                     1 
_pdbx_struct_assembly_auth_evidence.assembly_id            1 
_pdbx_struct_assembly_auth_evidence.experimental_support   none 
_pdbx_struct_assembly_auth_evidence.details                ? 
# 
_pdbx_struct_oper_list.id                   1 
_pdbx_struct_oper_list.type                 'identity operation' 
_pdbx_struct_oper_list.name                 1_555 
_pdbx_struct_oper_list.symmetry_operation   x,y,z 
_pdbx_struct_oper_list.matrix[1][1]         1.0000000000 
_pdbx_struct_oper_list.matrix[1][2]         0.0000000000 
_pdbx_struct_oper_list.matrix[1][3]         0.0000000000 
_pdbx_struct_oper_list.vector[1]            0.0000000000 
_pdbx_struct_oper_list.matrix[2][1]         0.0000000000 
_pdbx_struct_oper_list.matrix[2][2]         1.0000000000 
_pdbx_struct_oper_list.matrix[2][3]         0.0000000000 
_pdbx_struct_oper_list.vector[2]            0.0000000000 
_pdbx_struct_oper_list.matrix[3][1]         0.0000000000 
_pdbx_struct_oper_list.matrix[3][2]         0.0000000000 
_pdbx_struct_oper_list.matrix[3][3]         1.0000000000 
_pdbx_struct_oper_list.vector[3]            0.0000000000 
# 
loop_
_struct_conf.conf_type_id 
_struct_conf.id 
_struct_conf.pdbx_PDB_helix_id 
_struct_conf.beg_label_comp_id 
_struct_conf.beg_label_asym_id 
_struct_conf.beg_label_seq_id 
_struct_conf.pdbx_beg_PDB_ins_code 
_struct_conf.end_label_comp_id 
_struct_conf.end_label_asym_id 
_struct_conf.end_label_seq_id 
_struct_conf.pdbx_end_PDB_ins_code 
_struct_conf.beg_auth_comp_id 
_struct_conf.beg_auth_asym_id 
_struct_conf.beg_auth_seq_id 
_struct_conf.end_auth_comp_id 
_struct_conf.end_auth_asym_id 
_struct_conf.end_auth_seq_id 
_struct_conf.pdbx_PDB_helix_class 
_struct_conf.details 
_struct_conf.pdbx_PDB_helix_length 
HELX_P HELX_P1 AA1 SER A 2   ? GLY A 14  ? SER B 2   GLY B 14  1 ? 13 
HELX_P HELX_P2 AA2 LYS A 52  ? CYS A 56  ? LYS B 52  CYS B 56  5 ? 5  
HELX_P HELX_P3 AA3 PRO A 119 ? THR A 124 ? PRO B 119 THR B 124 1 ? 6  
# 
_struct_conf_type.id          HELX_P 
_struct_conf_type.criteria    ? 
_struct_conf_type.reference   ? 
# 
_struct_conn.id                            covale1 
_struct_conn.conn_type_id                  covale 
_struct_conn.pdbx_leaving_atom_flag        none 
_struct_conn.pdbx_PDB_id                   ? 
_struct_conn.ptnr1_label_asym_id           A 
_struct_conn.ptnr1_label_comp_id           GLU 
_struct_conn.ptnr1_label_seq_id            88 
_struct_conn.ptnr1_label_atom_id           OE2 
_struct_conn.pdbx_ptnr1_label_alt_id       ? 
_struct_conn.pdbx_ptnr1_PDB_ins_code       ? 
_struct_conn.pdbx_ptnr1_standard_comp_id   ? 
_struct_conn.ptnr1_symmetry                1_555 
_struct_conn.ptnr2_label_asym_id           B 
_struct_conn.ptnr2_label_comp_id           8RQ 
_struct_conn.ptnr2_label_seq_id            . 
_struct_conn.ptnr2_label_atom_id           CBH 
_struct_conn.pdbx_ptnr2_label_alt_id       ? 
_struct_conn.pdbx_ptnr2_PDB_ins_code       ? 
_struct_conn.ptnr1_auth_asym_id            B 
_struct_conn.ptnr1_auth_comp_id            GLU 
_struct_conn.ptnr1_auth_seq_id             88 
_struct_conn.ptnr2_auth_asym_id            B 
_struct_conn.ptnr2_auth_comp_id            8RQ 
_struct_conn.ptnr2_auth_seq_id             201 
_struct_conn.ptnr2_symmetry                1_555 
_struct_conn.pdbx_ptnr3_label_atom_id      ? 
_struct_conn.pdbx_ptnr3_label_seq_id       ? 
_struct_conn.pdbx_ptnr3_label_comp_id      ? 
_struct_conn.pdbx_ptnr3_label_asym_id      ? 
_struct_conn.pdbx_ptnr3_label_alt_id       ? 
_struct_conn.pdbx_ptnr3_PDB_ins_code       ? 
_struct_conn.details                       ? 
_struct_conn.pdbx_dist_value               1.381 
_struct_conn.pdbx_value_order              ? 
_struct_conn.pdbx_role                     ? 
# 
_struct_conn_type.id          covale 
_struct_conn_type.criteria    ? 
_struct_conn_type.reference   ? 
# 
_pdbx_modification_feature.ordinal                            1 
_pdbx_modification_feature.label_comp_id                      8RQ 
_pdbx_modification_feature.label_asym_id                      B 
_pdbx_modification_feature.label_seq_id                       . 
_pdbx_modification_feature.label_alt_id                       ? 
_pdbx_modification_feature.modified_residue_label_comp_id     GLU 
_pdbx_modification_feature.modified_residue_label_asym_id     A 
_pdbx_modification_feature.modified_residue_label_seq_id      88 
_pdbx_modification_feature.modified_residue_label_alt_id      ? 
_pdbx_modification_feature.auth_comp_id                       8RQ 
_pdbx_modification_feature.auth_asym_id                       B 
_pdbx_modification_feature.auth_seq_id                        201 
_pdbx_modification_feature.PDB_ins_code                       ? 
_pdbx_modification_feature.symmetry                           1_555 
_pdbx_modification_feature.modified_residue_auth_comp_id      GLU 
_pdbx_modification_feature.modified_residue_auth_asym_id      B 
_pdbx_modification_feature.modified_residue_auth_seq_id       88 
_pdbx_modification_feature.modified_residue_PDB_ins_code      ? 
_pdbx_modification_feature.modified_residue_symmetry          1_555 
_pdbx_modification_feature.comp_id_linking_atom               CBH 
_pdbx_modification_feature.modified_residue_id_linking_atom   OE2 
_pdbx_modification_feature.modified_residue_id                GLU 
_pdbx_modification_feature.ref_pcm_id                         1 
_pdbx_modification_feature.ref_comp_id                        8RQ 
_pdbx_modification_feature.type                               None 
_pdbx_modification_feature.category                           'Covalent chemical modification' 
# 
loop_
_struct_sheet.id 
_struct_sheet.type 
_struct_sheet.number_strands 
_struct_sheet.details 
AA1 ? 4 ? 
AA2 ? 5 ? 
# 
loop_
_struct_sheet_order.sheet_id 
_struct_sheet_order.range_id_1 
_struct_sheet_order.range_id_2 
_struct_sheet_order.offset 
_struct_sheet_order.sense 
AA1 1 2 ? anti-parallel 
AA1 2 3 ? anti-parallel 
AA1 3 4 ? anti-parallel 
AA2 1 2 ? parallel      
AA2 2 3 ? anti-parallel 
AA2 3 4 ? anti-parallel 
AA2 4 5 ? anti-parallel 
# 
loop_
_struct_sheet_range.sheet_id 
_struct_sheet_range.id 
_struct_sheet_range.beg_label_comp_id 
_struct_sheet_range.beg_label_asym_id 
_struct_sheet_range.beg_label_seq_id 
_struct_sheet_range.pdbx_beg_PDB_ins_code 
_struct_sheet_range.end_label_comp_id 
_struct_sheet_range.end_label_asym_id 
_struct_sheet_range.end_label_seq_id 
_struct_sheet_range.pdbx_end_PDB_ins_code 
_struct_sheet_range.beg_auth_comp_id 
_struct_sheet_range.beg_auth_asym_id 
_struct_sheet_range.beg_auth_seq_id 
_struct_sheet_range.end_auth_comp_id 
_struct_sheet_range.end_auth_asym_id 
_struct_sheet_range.end_auth_seq_id 
AA1 1 ILE A 30  ? GLY A 34  ? ILE B 30  GLY B 34  
AA1 2 PHE A 15  ? ASP A 24  ? PHE B 15  ASP B 24  
AA1 3 ALA A 58  ? SER A 67  ? ALA B 58  SER B 67  
AA1 4 SER A 101 ? GLU A 110 ? SER B 101 GLU B 110 
AA2 1 GLU A 44  ? PRO A 50  ? GLU B 44  PRO B 50  
AA2 2 LEU A 138 ? VAL A 150 ? LEU B 138 VAL B 150 
AA2 3 VAL A 127 ? ASP A 135 ? VAL B 127 ASP B 135 
AA2 4 MET A 71  ? PHE A 82  ? MET B 71  PHE B 82  
AA2 5 GLN A 85  ? VAL A 97  ? GLN B 85  VAL B 97  
# 
loop_
_pdbx_struct_sheet_hbond.sheet_id 
_pdbx_struct_sheet_hbond.range_id_1 
_pdbx_struct_sheet_hbond.range_id_2 
_pdbx_struct_sheet_hbond.range_1_label_atom_id 
_pdbx_struct_sheet_hbond.range_1_label_comp_id 
_pdbx_struct_sheet_hbond.range_1_label_asym_id 
_pdbx_struct_sheet_hbond.range_1_label_seq_id 
_pdbx_struct_sheet_hbond.range_1_PDB_ins_code 
_pdbx_struct_sheet_hbond.range_1_auth_atom_id 
_pdbx_struct_sheet_hbond.range_1_auth_comp_id 
_pdbx_struct_sheet_hbond.range_1_auth_asym_id 
_pdbx_struct_sheet_hbond.range_1_auth_seq_id 
_pdbx_struct_sheet_hbond.range_2_label_atom_id 
_pdbx_struct_sheet_hbond.range_2_label_comp_id 
_pdbx_struct_sheet_hbond.range_2_label_asym_id 
_pdbx_struct_sheet_hbond.range_2_label_seq_id 
_pdbx_struct_sheet_hbond.range_2_PDB_ins_code 
_pdbx_struct_sheet_hbond.range_2_auth_atom_id 
_pdbx_struct_sheet_hbond.range_2_auth_comp_id 
_pdbx_struct_sheet_hbond.range_2_auth_asym_id 
_pdbx_struct_sheet_hbond.range_2_auth_seq_id 
AA1 1 2 O LEU A 31  ? O LEU B 31  N LEU A 22  ? N LEU B 22  
AA1 2 3 N TRP A 19  ? N TRP B 19  O ASN A 64  ? O ASN B 64  
AA1 3 4 N VAL A 59  ? N VAL B 59  O ILE A 109 ? O ILE B 109 
AA2 1 2 N VAL A 49  ? N VAL B 49  O PHE A 148 ? O PHE B 148 
AA2 2 3 O VAL A 140 ? O VAL B 140 N PHE A 133 ? N PHE B 133 
AA2 3 4 O LYS A 132 ? O LYS B 132 N GLU A 77  ? N GLU B 77  
AA2 4 5 N VAL A 80  ? N VAL B 80  O LEU A 87  ? O LEU B 87  
# 
_struct_site.id                   AC1 
_struct_site.pdbx_evidence_code   Software 
_struct_site.pdbx_auth_asym_id    B 
_struct_site.pdbx_auth_comp_id    8RQ 
_struct_site.pdbx_auth_seq_id     201 
_struct_site.pdbx_auth_ins_code   ? 
_struct_site.pdbx_num_residues    21 
_struct_site.details              'binding site for residue 8RQ B 201' 
# 
loop_
_struct_site_gen.id 
_struct_site_gen.site_id 
_struct_site_gen.pdbx_num_res 
_struct_site_gen.label_comp_id 
_struct_site_gen.label_asym_id 
_struct_site_gen.label_seq_id 
_struct_site_gen.pdbx_auth_ins_code 
_struct_site_gen.auth_comp_id 
_struct_site_gen.auth_asym_id 
_struct_site_gen.auth_seq_id 
_struct_site_gen.label_atom_id 
_struct_site_gen.label_alt_id 
_struct_site_gen.symmetry 
_struct_site_gen.details 
1  AC1 21 LEU A 17  ? LEU B 17  . ? 1_555 ? 
2  AC1 21 MET A 20  ? MET B 20  . ? 1_555 ? 
3  AC1 21 LEU A 22  ? LEU B 22  . ? 1_555 ? 
4  AC1 21 VAL A 49  ? VAL B 49  . ? 1_555 ? 
5  AC1 21 ILE A 53  ? ILE B 53  . ? 1_555 ? 
6  AC1 21 CYS A 56  ? CYS B 56  . ? 1_555 ? 
7  AC1 21 ARG A 61  ? ARG B 61  . ? 1_555 ? 
8  AC1 21 GLN A 78  ? GLN B 78  . ? 1_555 ? 
9  AC1 21 VAL A 80  ? VAL B 80  . ? 1_555 ? 
10 AC1 21 LEU A 87  ? LEU B 87  . ? 1_555 ? 
11 AC1 21 GLU A 88  ? GLU B 88  . ? 1_555 ? 
12 AC1 21 TRP A 90  ? TRP B 90  . ? 1_555 ? 
13 AC1 21 ILE A 109 ? ILE B 109 . ? 1_555 ? 
14 AC1 21 ALA A 111 ? ALA B 111 . ? 1_555 ? 
15 AC1 21 SER A 115 ? SER B 115 . ? 1_555 ? 
16 AC1 21 MET A 117 ? MET B 117 . ? 1_555 ? 
17 AC1 21 VAL A 127 ? VAL B 127 . ? 1_555 ? 
18 AC1 21 THR A 131 ? THR B 131 . ? 1_555 ? 
19 AC1 21 PHE A 133 ? PHE B 133 . ? 1_555 ? 
20 AC1 21 LEU A 147 ? LEU B 147 . ? 1_555 ? 
21 AC1 21 TYR A 149 ? TYR B 149 . ? 1_555 ? 
# 
_pdbx_entry_details.entry_id                   5NAL 
_pdbx_entry_details.compound_details           ? 
_pdbx_entry_details.source_details             ? 
_pdbx_entry_details.nonpolymer_details         ? 
_pdbx_entry_details.sequence_details           ? 
_pdbx_entry_details.has_ligand_of_interest     ? 
_pdbx_entry_details.has_protein_modification   Y 
# 
_pdbx_validate_close_contact.id               1 
_pdbx_validate_close_contact.PDB_model_num    1 
_pdbx_validate_close_contact.auth_atom_id_1   OE2 
_pdbx_validate_close_contact.auth_asym_id_1   B 
_pdbx_validate_close_contact.auth_comp_id_1   GLU 
_pdbx_validate_close_contact.auth_seq_id_1    88 
_pdbx_validate_close_contact.PDB_ins_code_1   ? 
_pdbx_validate_close_contact.label_alt_id_1   ? 
_pdbx_validate_close_contact.auth_atom_id_2   NBI 
_pdbx_validate_close_contact.auth_asym_id_2   B 
_pdbx_validate_close_contact.auth_comp_id_2   8RQ 
_pdbx_validate_close_contact.auth_seq_id_2    201 
_pdbx_validate_close_contact.PDB_ins_code_2   ? 
_pdbx_validate_close_contact.label_alt_id_2   ? 
_pdbx_validate_close_contact.dist             1.93 
# 
_pdbx_validate_torsion.id              1 
_pdbx_validate_torsion.PDB_model_num   1 
_pdbx_validate_torsion.auth_comp_id    ASP 
_pdbx_validate_torsion.auth_asym_id    B 
_pdbx_validate_torsion.auth_seq_id     136 
_pdbx_validate_torsion.PDB_ins_code    ? 
_pdbx_validate_torsion.label_alt_id    ? 
_pdbx_validate_torsion.phi             60.23 
_pdbx_validate_torsion.psi             -108.80 
# 
_pdbx_distant_solvent_atoms.id                                1 
_pdbx_distant_solvent_atoms.PDB_model_num                     1 
_pdbx_distant_solvent_atoms.auth_atom_id                      O 
_pdbx_distant_solvent_atoms.label_alt_id                      ? 
_pdbx_distant_solvent_atoms.auth_asym_id                      B 
_pdbx_distant_solvent_atoms.auth_comp_id                      HOH 
_pdbx_distant_solvent_atoms.auth_seq_id                       387 
_pdbx_distant_solvent_atoms.PDB_ins_code                      ? 
_pdbx_distant_solvent_atoms.neighbor_macromolecule_distance   6.11 
_pdbx_distant_solvent_atoms.neighbor_ligand_distance          . 
# 
loop_
_chem_comp_atom.comp_id 
_chem_comp_atom.atom_id 
_chem_comp_atom.type_symbol 
_chem_comp_atom.pdbx_aromatic_flag 
_chem_comp_atom.pdbx_stereo_config 
_chem_comp_atom.pdbx_ordinal 
8RQ CBJ  C  N N 1   
8RQ CBK  C  N N 2   
8RQ CBL  C  N N 3   
8RQ CBM  C  N N 4   
8RQ CBN  C  N N 5   
8RQ CBO  C  N N 6   
8RQ CBP  C  N N 7   
8RQ NBQ  N  N N 8   
8RQ CBA  C  N N 9   
8RQ CBB  C  N N 10  
8RQ CBC  C  N N 11  
8RQ CBD  C  N N 12  
8RQ CBE  C  N N 13  
8RQ CBF  C  N N 14  
8RQ OBG  O  N N 15  
8RQ CBH  C  N N 16  
8RQ NBI  N  N N 17  
8RQ CBR  C  N N 18  
8RQ SAG  S  N N 19  
8RQ OAI  O  N N 20  
8RQ OAJ  O  N N 21  
8RQ CAF  C  Y N 22  
8RQ CAE  C  Y N 23  
8RQ CAD  C  Y N 24  
8RQ CAA  C  Y N 25  
8RQ CAB  C  Y N 26  
8RQ CAC  C  Y N 27  
8RQ SAH  S  N N 28  
8RQ OAK  O  N N 29  
8RQ OAL  O  N N 30  
8RQ NAO  N  N N 31  
8RQ CAP  C  N N 32  
8RQ CAV  C  N N 33  
8RQ CAW  C  N N 34  
8RQ CAX  C  N N 35  
8RQ CAY  C  N N 36  
8RQ CAN  C  N N 37  
8RQ CAM  C  Y N 38  
8RQ CAQ  C  Y N 39  
8RQ CAR  C  Y N 40  
8RQ CAS  C  Y N 41  
8RQ CL1  CL N N 42  
8RQ CAT  C  Y N 43  
8RQ CAU  C  Y N 44  
8RQ H1   H  N N 45  
8RQ H2   H  N N 46  
8RQ H3   H  N N 47  
8RQ H4   H  N N 48  
8RQ H5   H  N N 49  
8RQ H6   H  N N 50  
8RQ H7   H  N N 51  
8RQ H8   H  N N 52  
8RQ H9   H  N N 53  
8RQ H10  H  N N 54  
8RQ H11  H  N N 55  
8RQ H12  H  N N 56  
8RQ H13  H  N N 57  
8RQ H14  H  N N 58  
8RQ H15  H  N N 59  
8RQ H16  H  N N 60  
8RQ H17  H  N N 61  
8RQ H18  H  N N 62  
8RQ H19  H  N N 63  
8RQ H20  H  N N 64  
8RQ H21  H  N N 65  
8RQ H22  H  N N 66  
8RQ H23  H  N N 67  
8RQ H24  H  N N 68  
8RQ H25  H  N N 69  
8RQ H26  H  N N 70  
8RQ H27  H  N N 71  
8RQ H28  H  N N 72  
8RQ H29  H  N N 73  
8RQ H30  H  N N 74  
8RQ H31  H  N N 75  
8RQ H32  H  N N 76  
8RQ H33  H  N N 77  
8RQ H34  H  N N 78  
8RQ H35  H  N N 79  
8RQ H36  H  N N 80  
8RQ H37  H  N N 81  
8RQ H38  H  N N 82  
8RQ H39  H  N N 83  
8RQ H40  H  N N 84  
8RQ H41  H  N N 85  
8RQ H42  H  N N 86  
8RQ H43  H  N N 87  
8RQ H44  H  N N 88  
8RQ H45  H  N N 89  
8RQ H46  H  N N 90  
ALA N    N  N N 91  
ALA CA   C  N S 92  
ALA C    C  N N 93  
ALA O    O  N N 94  
ALA CB   C  N N 95  
ALA OXT  O  N N 96  
ALA H    H  N N 97  
ALA H2   H  N N 98  
ALA HA   H  N N 99  
ALA HB1  H  N N 100 
ALA HB2  H  N N 101 
ALA HB3  H  N N 102 
ALA HXT  H  N N 103 
ARG N    N  N N 104 
ARG CA   C  N S 105 
ARG C    C  N N 106 
ARG O    O  N N 107 
ARG CB   C  N N 108 
ARG CG   C  N N 109 
ARG CD   C  N N 110 
ARG NE   N  N N 111 
ARG CZ   C  N N 112 
ARG NH1  N  N N 113 
ARG NH2  N  N N 114 
ARG OXT  O  N N 115 
ARG H    H  N N 116 
ARG H2   H  N N 117 
ARG HA   H  N N 118 
ARG HB2  H  N N 119 
ARG HB3  H  N N 120 
ARG HG2  H  N N 121 
ARG HG3  H  N N 122 
ARG HD2  H  N N 123 
ARG HD3  H  N N 124 
ARG HE   H  N N 125 
ARG HH11 H  N N 126 
ARG HH12 H  N N 127 
ARG HH21 H  N N 128 
ARG HH22 H  N N 129 
ARG HXT  H  N N 130 
ASN N    N  N N 131 
ASN CA   C  N S 132 
ASN C    C  N N 133 
ASN O    O  N N 134 
ASN CB   C  N N 135 
ASN CG   C  N N 136 
ASN OD1  O  N N 137 
ASN ND2  N  N N 138 
ASN OXT  O  N N 139 
ASN H    H  N N 140 
ASN H2   H  N N 141 
ASN HA   H  N N 142 
ASN HB2  H  N N 143 
ASN HB3  H  N N 144 
ASN HD21 H  N N 145 
ASN HD22 H  N N 146 
ASN HXT  H  N N 147 
ASP N    N  N N 148 
ASP CA   C  N S 149 
ASP C    C  N N 150 
ASP O    O  N N 151 
ASP CB   C  N N 152 
ASP CG   C  N N 153 
ASP OD1  O  N N 154 
ASP OD2  O  N N 155 
ASP OXT  O  N N 156 
ASP H    H  N N 157 
ASP H2   H  N N 158 
ASP HA   H  N N 159 
ASP HB2  H  N N 160 
ASP HB3  H  N N 161 
ASP HD2  H  N N 162 
ASP HXT  H  N N 163 
CYS N    N  N N 164 
CYS CA   C  N R 165 
CYS C    C  N N 166 
CYS O    O  N N 167 
CYS CB   C  N N 168 
CYS SG   S  N N 169 
CYS OXT  O  N N 170 
CYS H    H  N N 171 
CYS H2   H  N N 172 
CYS HA   H  N N 173 
CYS HB2  H  N N 174 
CYS HB3  H  N N 175 
CYS HG   H  N N 176 
CYS HXT  H  N N 177 
GLN N    N  N N 178 
GLN CA   C  N S 179 
GLN C    C  N N 180 
GLN O    O  N N 181 
GLN CB   C  N N 182 
GLN CG   C  N N 183 
GLN CD   C  N N 184 
GLN OE1  O  N N 185 
GLN NE2  N  N N 186 
GLN OXT  O  N N 187 
GLN H    H  N N 188 
GLN H2   H  N N 189 
GLN HA   H  N N 190 
GLN HB2  H  N N 191 
GLN HB3  H  N N 192 
GLN HG2  H  N N 193 
GLN HG3  H  N N 194 
GLN HE21 H  N N 195 
GLN HE22 H  N N 196 
GLN HXT  H  N N 197 
GLU N    N  N N 198 
GLU CA   C  N S 199 
GLU C    C  N N 200 
GLU O    O  N N 201 
GLU CB   C  N N 202 
GLU CG   C  N N 203 
GLU CD   C  N N 204 
GLU OE1  O  N N 205 
GLU OE2  O  N N 206 
GLU OXT  O  N N 207 
GLU H    H  N N 208 
GLU H2   H  N N 209 
GLU HA   H  N N 210 
GLU HB2  H  N N 211 
GLU HB3  H  N N 212 
GLU HG2  H  N N 213 
GLU HG3  H  N N 214 
GLU HE2  H  N N 215 
GLU HXT  H  N N 216 
GLY N    N  N N 217 
GLY CA   C  N N 218 
GLY C    C  N N 219 
GLY O    O  N N 220 
GLY OXT  O  N N 221 
GLY H    H  N N 222 
GLY H2   H  N N 223 
GLY HA2  H  N N 224 
GLY HA3  H  N N 225 
GLY HXT  H  N N 226 
HIS N    N  N N 227 
HIS CA   C  N S 228 
HIS C    C  N N 229 
HIS O    O  N N 230 
HIS CB   C  N N 231 
HIS CG   C  Y N 232 
HIS ND1  N  Y N 233 
HIS CD2  C  Y N 234 
HIS CE1  C  Y N 235 
HIS NE2  N  Y N 236 
HIS OXT  O  N N 237 
HIS H    H  N N 238 
HIS H2   H  N N 239 
HIS HA   H  N N 240 
HIS HB2  H  N N 241 
HIS HB3  H  N N 242 
HIS HD1  H  N N 243 
HIS HD2  H  N N 244 
HIS HE1  H  N N 245 
HIS HE2  H  N N 246 
HIS HXT  H  N N 247 
HOH O    O  N N 248 
HOH H1   H  N N 249 
HOH H2   H  N N 250 
ILE N    N  N N 251 
ILE CA   C  N S 252 
ILE C    C  N N 253 
ILE O    O  N N 254 
ILE CB   C  N S 255 
ILE CG1  C  N N 256 
ILE CG2  C  N N 257 
ILE CD1  C  N N 258 
ILE OXT  O  N N 259 
ILE H    H  N N 260 
ILE H2   H  N N 261 
ILE HA   H  N N 262 
ILE HB   H  N N 263 
ILE HG12 H  N N 264 
ILE HG13 H  N N 265 
ILE HG21 H  N N 266 
ILE HG22 H  N N 267 
ILE HG23 H  N N 268 
ILE HD11 H  N N 269 
ILE HD12 H  N N 270 
ILE HD13 H  N N 271 
ILE HXT  H  N N 272 
LEU N    N  N N 273 
LEU CA   C  N S 274 
LEU C    C  N N 275 
LEU O    O  N N 276 
LEU CB   C  N N 277 
LEU CG   C  N N 278 
LEU CD1  C  N N 279 
LEU CD2  C  N N 280 
LEU OXT  O  N N 281 
LEU H    H  N N 282 
LEU H2   H  N N 283 
LEU HA   H  N N 284 
LEU HB2  H  N N 285 
LEU HB3  H  N N 286 
LEU HG   H  N N 287 
LEU HD11 H  N N 288 
LEU HD12 H  N N 289 
LEU HD13 H  N N 290 
LEU HD21 H  N N 291 
LEU HD22 H  N N 292 
LEU HD23 H  N N 293 
LEU HXT  H  N N 294 
LYS N    N  N N 295 
LYS CA   C  N S 296 
LYS C    C  N N 297 
LYS O    O  N N 298 
LYS CB   C  N N 299 
LYS CG   C  N N 300 
LYS CD   C  N N 301 
LYS CE   C  N N 302 
LYS NZ   N  N N 303 
LYS OXT  O  N N 304 
LYS H    H  N N 305 
LYS H2   H  N N 306 
LYS HA   H  N N 307 
LYS HB2  H  N N 308 
LYS HB3  H  N N 309 
LYS HG2  H  N N 310 
LYS HG3  H  N N 311 
LYS HD2  H  N N 312 
LYS HD3  H  N N 313 
LYS HE2  H  N N 314 
LYS HE3  H  N N 315 
LYS HZ1  H  N N 316 
LYS HZ2  H  N N 317 
LYS HZ3  H  N N 318 
LYS HXT  H  N N 319 
MET N    N  N N 320 
MET CA   C  N S 321 
MET C    C  N N 322 
MET O    O  N N 323 
MET CB   C  N N 324 
MET CG   C  N N 325 
MET SD   S  N N 326 
MET CE   C  N N 327 
MET OXT  O  N N 328 
MET H    H  N N 329 
MET H2   H  N N 330 
MET HA   H  N N 331 
MET HB2  H  N N 332 
MET HB3  H  N N 333 
MET HG2  H  N N 334 
MET HG3  H  N N 335 
MET HE1  H  N N 336 
MET HE2  H  N N 337 
MET HE3  H  N N 338 
MET HXT  H  N N 339 
PHE N    N  N N 340 
PHE CA   C  N S 341 
PHE C    C  N N 342 
PHE O    O  N N 343 
PHE CB   C  N N 344 
PHE CG   C  Y N 345 
PHE CD1  C  Y N 346 
PHE CD2  C  Y N 347 
PHE CE1  C  Y N 348 
PHE CE2  C  Y N 349 
PHE CZ   C  Y N 350 
PHE OXT  O  N N 351 
PHE H    H  N N 352 
PHE H2   H  N N 353 
PHE HA   H  N N 354 
PHE HB2  H  N N 355 
PHE HB3  H  N N 356 
PHE HD1  H  N N 357 
PHE HD2  H  N N 358 
PHE HE1  H  N N 359 
PHE HE2  H  N N 360 
PHE HZ   H  N N 361 
PHE HXT  H  N N 362 
PRO N    N  N N 363 
PRO CA   C  N S 364 
PRO C    C  N N 365 
PRO O    O  N N 366 
PRO CB   C  N N 367 
PRO CG   C  N N 368 
PRO CD   C  N N 369 
PRO OXT  O  N N 370 
PRO H    H  N N 371 
PRO HA   H  N N 372 
PRO HB2  H  N N 373 
PRO HB3  H  N N 374 
PRO HG2  H  N N 375 
PRO HG3  H  N N 376 
PRO HD2  H  N N 377 
PRO HD3  H  N N 378 
PRO HXT  H  N N 379 
SER N    N  N N 380 
SER CA   C  N S 381 
SER C    C  N N 382 
SER O    O  N N 383 
SER CB   C  N N 384 
SER OG   O  N N 385 
SER OXT  O  N N 386 
SER H    H  N N 387 
SER H2   H  N N 388 
SER HA   H  N N 389 
SER HB2  H  N N 390 
SER HB3  H  N N 391 
SER HG   H  N N 392 
SER HXT  H  N N 393 
THR N    N  N N 394 
THR CA   C  N S 395 
THR C    C  N N 396 
THR O    O  N N 397 
THR CB   C  N R 398 
THR OG1  O  N N 399 
THR CG2  C  N N 400 
THR OXT  O  N N 401 
THR H    H  N N 402 
THR H2   H  N N 403 
THR HA   H  N N 404 
THR HB   H  N N 405 
THR HG1  H  N N 406 
THR HG21 H  N N 407 
THR HG22 H  N N 408 
THR HG23 H  N N 409 
THR HXT  H  N N 410 
TRP N    N  N N 411 
TRP CA   C  N S 412 
TRP C    C  N N 413 
TRP O    O  N N 414 
TRP CB   C  N N 415 
TRP CG   C  Y N 416 
TRP CD1  C  Y N 417 
TRP CD2  C  Y N 418 
TRP NE1  N  Y N 419 
TRP CE2  C  Y N 420 
TRP CE3  C  Y N 421 
TRP CZ2  C  Y N 422 
TRP CZ3  C  Y N 423 
TRP CH2  C  Y N 424 
TRP OXT  O  N N 425 
TRP H    H  N N 426 
TRP H2   H  N N 427 
TRP HA   H  N N 428 
TRP HB2  H  N N 429 
TRP HB3  H  N N 430 
TRP HD1  H  N N 431 
TRP HE1  H  N N 432 
TRP HE3  H  N N 433 
TRP HZ2  H  N N 434 
TRP HZ3  H  N N 435 
TRP HH2  H  N N 436 
TRP HXT  H  N N 437 
TYR N    N  N N 438 
TYR CA   C  N S 439 
TYR C    C  N N 440 
TYR O    O  N N 441 
TYR CB   C  N N 442 
TYR CG   C  Y N 443 
TYR CD1  C  Y N 444 
TYR CD2  C  Y N 445 
TYR CE1  C  Y N 446 
TYR CE2  C  Y N 447 
TYR CZ   C  Y N 448 
TYR OH   O  N N 449 
TYR OXT  O  N N 450 
TYR H    H  N N 451 
TYR H2   H  N N 452 
TYR HA   H  N N 453 
TYR HB2  H  N N 454 
TYR HB3  H  N N 455 
TYR HD1  H  N N 456 
TYR HD2  H  N N 457 
TYR HE1  H  N N 458 
TYR HE2  H  N N 459 
TYR HH   H  N N 460 
TYR HXT  H  N N 461 
VAL N    N  N N 462 
VAL CA   C  N S 463 
VAL C    C  N N 464 
VAL O    O  N N 465 
VAL CB   C  N N 466 
VAL CG1  C  N N 467 
VAL CG2  C  N N 468 
VAL OXT  O  N N 469 
VAL H    H  N N 470 
VAL H2   H  N N 471 
VAL HA   H  N N 472 
VAL HB   H  N N 473 
VAL HG11 H  N N 474 
VAL HG12 H  N N 475 
VAL HG13 H  N N 476 
VAL HG21 H  N N 477 
VAL HG22 H  N N 478 
VAL HG23 H  N N 479 
VAL HXT  H  N N 480 
# 
loop_
_chem_comp_bond.comp_id 
_chem_comp_bond.atom_id_1 
_chem_comp_bond.atom_id_2 
_chem_comp_bond.value_order 
_chem_comp_bond.pdbx_aromatic_flag 
_chem_comp_bond.pdbx_stereo_config 
_chem_comp_bond.pdbx_ordinal 
8RQ CBF CBE  sing N N 1   
8RQ OBG CBE  sing N N 2   
8RQ CBE CBD  doub N Z 3   
8RQ OAJ SAG  doub N N 4   
8RQ CBD CBC  sing N N 5   
8RQ CBD CBH  sing N N 6   
8RQ CBB CBC  sing N N 7   
8RQ CBB CBA  sing N N 8   
8RQ CBH NBI  doub N N 9   
8RQ CAX CAW  sing N N 10  
8RQ CAX CAY  sing N N 11  
8RQ OAI SAG  doub N N 12  
8RQ NBI CBR  sing N N 13  
8RQ SAG NBQ  sing N N 14  
8RQ SAG CAF  sing N N 15  
8RQ CBA NBQ  sing N N 16  
8RQ CAW CAV  sing N N 17  
8RQ CAY CAP  sing N N 18  
8RQ NBQ CBP  sing N N 19  
8RQ CBP CBO  sing N N 20  
8RQ CAA CAF  doub Y N 21  
8RQ CAA CAB  sing Y N 22  
8RQ CAF CAE  sing Y N 23  
8RQ CAB CAC  doub Y N 24  
8RQ CAV CAP  sing N N 25  
8RQ CAE CAD  doub Y N 26  
8RQ CAP NAO  sing N N 27  
8RQ CBN CBO  sing N N 28  
8RQ CBN CBM  sing N N 29  
8RQ CBO CBJ  sing N N 30  
8RQ CAN NAO  sing N N 31  
8RQ CAN CAM  sing N N 32  
8RQ CAC CAD  sing Y N 33  
8RQ CAC SAH  sing N N 34  
8RQ NAO SAH  sing N N 35  
8RQ CAQ CAM  doub Y N 36  
8RQ CAQ CAR  sing Y N 37  
8RQ CAM CAU  sing Y N 38  
8RQ CBM CBL  sing N N 39  
8RQ CBJ CBK  sing N N 40  
8RQ SAH OAL  doub N N 41  
8RQ SAH OAK  doub N N 42  
8RQ CAR CAS  doub Y N 43  
8RQ CBL CBK  sing N N 44  
8RQ CAU CAT  doub Y N 45  
8RQ CAS CAT  sing Y N 46  
8RQ CAS CL1  sing N N 47  
8RQ CBJ H1   sing N N 48  
8RQ CBJ H2   sing N N 49  
8RQ CBK H3   sing N N 50  
8RQ CBK H4   sing N N 51  
8RQ CBL H5   sing N N 52  
8RQ CBL H6   sing N N 53  
8RQ CBM H7   sing N N 54  
8RQ CBM H8   sing N N 55  
8RQ CBN H9   sing N N 56  
8RQ CBN H10  sing N N 57  
8RQ CBO H11  sing N N 58  
8RQ CBP H12  sing N N 59  
8RQ CBP H13  sing N N 60  
8RQ CBA H14  sing N N 61  
8RQ CBA H15  sing N N 62  
8RQ CBB H16  sing N N 63  
8RQ CBB H17  sing N N 64  
8RQ CBC H18  sing N N 65  
8RQ CBC H19  sing N N 66  
8RQ CBF H20  sing N N 67  
8RQ CBF H21  sing N N 68  
8RQ CBF H22  sing N N 69  
8RQ OBG H23  sing N N 70  
8RQ CBH H24  sing N N 71  
8RQ CBR H25  sing N N 72  
8RQ CBR H26  sing N N 73  
8RQ CBR H27  sing N N 74  
8RQ CAE H28  sing N N 75  
8RQ CAD H29  sing N N 76  
8RQ CAA H30  sing N N 77  
8RQ CAB H31  sing N N 78  
8RQ CAP H32  sing N N 79  
8RQ CAV H33  sing N N 80  
8RQ CAV H34  sing N N 81  
8RQ CAW H35  sing N N 82  
8RQ CAW H36  sing N N 83  
8RQ CAX H37  sing N N 84  
8RQ CAX H38  sing N N 85  
8RQ CAY H39  sing N N 86  
8RQ CAY H40  sing N N 87  
8RQ CAN H41  sing N N 88  
8RQ CAN H42  sing N N 89  
8RQ CAQ H43  sing N N 90  
8RQ CAR H44  sing N N 91  
8RQ CAT H45  sing N N 92  
8RQ CAU H46  sing N N 93  
ALA N   CA   sing N N 94  
ALA N   H    sing N N 95  
ALA N   H2   sing N N 96  
ALA CA  C    sing N N 97  
ALA CA  CB   sing N N 98  
ALA CA  HA   sing N N 99  
ALA C   O    doub N N 100 
ALA C   OXT  sing N N 101 
ALA CB  HB1  sing N N 102 
ALA CB  HB2  sing N N 103 
ALA CB  HB3  sing N N 104 
ALA OXT HXT  sing N N 105 
ARG N   CA   sing N N 106 
ARG N   H    sing N N 107 
ARG N   H2   sing N N 108 
ARG CA  C    sing N N 109 
ARG CA  CB   sing N N 110 
ARG CA  HA   sing N N 111 
ARG C   O    doub N N 112 
ARG C   OXT  sing N N 113 
ARG CB  CG   sing N N 114 
ARG CB  HB2  sing N N 115 
ARG CB  HB3  sing N N 116 
ARG CG  CD   sing N N 117 
ARG CG  HG2  sing N N 118 
ARG CG  HG3  sing N N 119 
ARG CD  NE   sing N N 120 
ARG CD  HD2  sing N N 121 
ARG CD  HD3  sing N N 122 
ARG NE  CZ   sing N N 123 
ARG NE  HE   sing N N 124 
ARG CZ  NH1  sing N N 125 
ARG CZ  NH2  doub N N 126 
ARG NH1 HH11 sing N N 127 
ARG NH1 HH12 sing N N 128 
ARG NH2 HH21 sing N N 129 
ARG NH2 HH22 sing N N 130 
ARG OXT HXT  sing N N 131 
ASN N   CA   sing N N 132 
ASN N   H    sing N N 133 
ASN N   H2   sing N N 134 
ASN CA  C    sing N N 135 
ASN CA  CB   sing N N 136 
ASN CA  HA   sing N N 137 
ASN C   O    doub N N 138 
ASN C   OXT  sing N N 139 
ASN CB  CG   sing N N 140 
ASN CB  HB2  sing N N 141 
ASN CB  HB3  sing N N 142 
ASN CG  OD1  doub N N 143 
ASN CG  ND2  sing N N 144 
ASN ND2 HD21 sing N N 145 
ASN ND2 HD22 sing N N 146 
ASN OXT HXT  sing N N 147 
ASP N   CA   sing N N 148 
ASP N   H    sing N N 149 
ASP N   H2   sing N N 150 
ASP CA  C    sing N N 151 
ASP CA  CB   sing N N 152 
ASP CA  HA   sing N N 153 
ASP C   O    doub N N 154 
ASP C   OXT  sing N N 155 
ASP CB  CG   sing N N 156 
ASP CB  HB2  sing N N 157 
ASP CB  HB3  sing N N 158 
ASP CG  OD1  doub N N 159 
ASP CG  OD2  sing N N 160 
ASP OD2 HD2  sing N N 161 
ASP OXT HXT  sing N N 162 
CYS N   CA   sing N N 163 
CYS N   H    sing N N 164 
CYS N   H2   sing N N 165 
CYS CA  C    sing N N 166 
CYS CA  CB   sing N N 167 
CYS CA  HA   sing N N 168 
CYS C   O    doub N N 169 
CYS C   OXT  sing N N 170 
CYS CB  SG   sing N N 171 
CYS CB  HB2  sing N N 172 
CYS CB  HB3  sing N N 173 
CYS SG  HG   sing N N 174 
CYS OXT HXT  sing N N 175 
GLN N   CA   sing N N 176 
GLN N   H    sing N N 177 
GLN N   H2   sing N N 178 
GLN CA  C    sing N N 179 
GLN CA  CB   sing N N 180 
GLN CA  HA   sing N N 181 
GLN C   O    doub N N 182 
GLN C   OXT  sing N N 183 
GLN CB  CG   sing N N 184 
GLN CB  HB2  sing N N 185 
GLN CB  HB3  sing N N 186 
GLN CG  CD   sing N N 187 
GLN CG  HG2  sing N N 188 
GLN CG  HG3  sing N N 189 
GLN CD  OE1  doub N N 190 
GLN CD  NE2  sing N N 191 
GLN NE2 HE21 sing N N 192 
GLN NE2 HE22 sing N N 193 
GLN OXT HXT  sing N N 194 
GLU N   CA   sing N N 195 
GLU N   H    sing N N 196 
GLU N   H2   sing N N 197 
GLU CA  C    sing N N 198 
GLU CA  CB   sing N N 199 
GLU CA  HA   sing N N 200 
GLU C   O    doub N N 201 
GLU C   OXT  sing N N 202 
GLU CB  CG   sing N N 203 
GLU CB  HB2  sing N N 204 
GLU CB  HB3  sing N N 205 
GLU CG  CD   sing N N 206 
GLU CG  HG2  sing N N 207 
GLU CG  HG3  sing N N 208 
GLU CD  OE1  doub N N 209 
GLU CD  OE2  sing N N 210 
GLU OE2 HE2  sing N N 211 
GLU OXT HXT  sing N N 212 
GLY N   CA   sing N N 213 
GLY N   H    sing N N 214 
GLY N   H2   sing N N 215 
GLY CA  C    sing N N 216 
GLY CA  HA2  sing N N 217 
GLY CA  HA3  sing N N 218 
GLY C   O    doub N N 219 
GLY C   OXT  sing N N 220 
GLY OXT HXT  sing N N 221 
HIS N   CA   sing N N 222 
HIS N   H    sing N N 223 
HIS N   H2   sing N N 224 
HIS CA  C    sing N N 225 
HIS CA  CB   sing N N 226 
HIS CA  HA   sing N N 227 
HIS C   O    doub N N 228 
HIS C   OXT  sing N N 229 
HIS CB  CG   sing N N 230 
HIS CB  HB2  sing N N 231 
HIS CB  HB3  sing N N 232 
HIS CG  ND1  sing Y N 233 
HIS CG  CD2  doub Y N 234 
HIS ND1 CE1  doub Y N 235 
HIS ND1 HD1  sing N N 236 
HIS CD2 NE2  sing Y N 237 
HIS CD2 HD2  sing N N 238 
HIS CE1 NE2  sing Y N 239 
HIS CE1 HE1  sing N N 240 
HIS NE2 HE2  sing N N 241 
HIS OXT HXT  sing N N 242 
HOH O   H1   sing N N 243 
HOH O   H2   sing N N 244 
ILE N   CA   sing N N 245 
ILE N   H    sing N N 246 
ILE N   H2   sing N N 247 
ILE CA  C    sing N N 248 
ILE CA  CB   sing N N 249 
ILE CA  HA   sing N N 250 
ILE C   O    doub N N 251 
ILE C   OXT  sing N N 252 
ILE CB  CG1  sing N N 253 
ILE CB  CG2  sing N N 254 
ILE CB  HB   sing N N 255 
ILE CG1 CD1  sing N N 256 
ILE CG1 HG12 sing N N 257 
ILE CG1 HG13 sing N N 258 
ILE CG2 HG21 sing N N 259 
ILE CG2 HG22 sing N N 260 
ILE CG2 HG23 sing N N 261 
ILE CD1 HD11 sing N N 262 
ILE CD1 HD12 sing N N 263 
ILE CD1 HD13 sing N N 264 
ILE OXT HXT  sing N N 265 
LEU N   CA   sing N N 266 
LEU N   H    sing N N 267 
LEU N   H2   sing N N 268 
LEU CA  C    sing N N 269 
LEU CA  CB   sing N N 270 
LEU CA  HA   sing N N 271 
LEU C   O    doub N N 272 
LEU C   OXT  sing N N 273 
LEU CB  CG   sing N N 274 
LEU CB  HB2  sing N N 275 
LEU CB  HB3  sing N N 276 
LEU CG  CD1  sing N N 277 
LEU CG  CD2  sing N N 278 
LEU CG  HG   sing N N 279 
LEU CD1 HD11 sing N N 280 
LEU CD1 HD12 sing N N 281 
LEU CD1 HD13 sing N N 282 
LEU CD2 HD21 sing N N 283 
LEU CD2 HD22 sing N N 284 
LEU CD2 HD23 sing N N 285 
LEU OXT HXT  sing N N 286 
LYS N   CA   sing N N 287 
LYS N   H    sing N N 288 
LYS N   H2   sing N N 289 
LYS CA  C    sing N N 290 
LYS CA  CB   sing N N 291 
LYS CA  HA   sing N N 292 
LYS C   O    doub N N 293 
LYS C   OXT  sing N N 294 
LYS CB  CG   sing N N 295 
LYS CB  HB2  sing N N 296 
LYS CB  HB3  sing N N 297 
LYS CG  CD   sing N N 298 
LYS CG  HG2  sing N N 299 
LYS CG  HG3  sing N N 300 
LYS CD  CE   sing N N 301 
LYS CD  HD2  sing N N 302 
LYS CD  HD3  sing N N 303 
LYS CE  NZ   sing N N 304 
LYS CE  HE2  sing N N 305 
LYS CE  HE3  sing N N 306 
LYS NZ  HZ1  sing N N 307 
LYS NZ  HZ2  sing N N 308 
LYS NZ  HZ3  sing N N 309 
LYS OXT HXT  sing N N 310 
MET N   CA   sing N N 311 
MET N   H    sing N N 312 
MET N   H2   sing N N 313 
MET CA  C    sing N N 314 
MET CA  CB   sing N N 315 
MET CA  HA   sing N N 316 
MET C   O    doub N N 317 
MET C   OXT  sing N N 318 
MET CB  CG   sing N N 319 
MET CB  HB2  sing N N 320 
MET CB  HB3  sing N N 321 
MET CG  SD   sing N N 322 
MET CG  HG2  sing N N 323 
MET CG  HG3  sing N N 324 
MET SD  CE   sing N N 325 
MET CE  HE1  sing N N 326 
MET CE  HE2  sing N N 327 
MET CE  HE3  sing N N 328 
MET OXT HXT  sing N N 329 
PHE N   CA   sing N N 330 
PHE N   H    sing N N 331 
PHE N   H2   sing N N 332 
PHE CA  C    sing N N 333 
PHE CA  CB   sing N N 334 
PHE CA  HA   sing N N 335 
PHE C   O    doub N N 336 
PHE C   OXT  sing N N 337 
PHE CB  CG   sing N N 338 
PHE CB  HB2  sing N N 339 
PHE CB  HB3  sing N N 340 
PHE CG  CD1  doub Y N 341 
PHE CG  CD2  sing Y N 342 
PHE CD1 CE1  sing Y N 343 
PHE CD1 HD1  sing N N 344 
PHE CD2 CE2  doub Y N 345 
PHE CD2 HD2  sing N N 346 
PHE CE1 CZ   doub Y N 347 
PHE CE1 HE1  sing N N 348 
PHE CE2 CZ   sing Y N 349 
PHE CE2 HE2  sing N N 350 
PHE CZ  HZ   sing N N 351 
PHE OXT HXT  sing N N 352 
PRO N   CA   sing N N 353 
PRO N   CD   sing N N 354 
PRO N   H    sing N N 355 
PRO CA  C    sing N N 356 
PRO CA  CB   sing N N 357 
PRO CA  HA   sing N N 358 
PRO C   O    doub N N 359 
PRO C   OXT  sing N N 360 
PRO CB  CG   sing N N 361 
PRO CB  HB2  sing N N 362 
PRO CB  HB3  sing N N 363 
PRO CG  CD   sing N N 364 
PRO CG  HG2  sing N N 365 
PRO CG  HG3  sing N N 366 
PRO CD  HD2  sing N N 367 
PRO CD  HD3  sing N N 368 
PRO OXT HXT  sing N N 369 
SER N   CA   sing N N 370 
SER N   H    sing N N 371 
SER N   H2   sing N N 372 
SER CA  C    sing N N 373 
SER CA  CB   sing N N 374 
SER CA  HA   sing N N 375 
SER C   O    doub N N 376 
SER C   OXT  sing N N 377 
SER CB  OG   sing N N 378 
SER CB  HB2  sing N N 379 
SER CB  HB3  sing N N 380 
SER OG  HG   sing N N 381 
SER OXT HXT  sing N N 382 
THR N   CA   sing N N 383 
THR N   H    sing N N 384 
THR N   H2   sing N N 385 
THR CA  C    sing N N 386 
THR CA  CB   sing N N 387 
THR CA  HA   sing N N 388 
THR C   O    doub N N 389 
THR C   OXT  sing N N 390 
THR CB  OG1  sing N N 391 
THR CB  CG2  sing N N 392 
THR CB  HB   sing N N 393 
THR OG1 HG1  sing N N 394 
THR CG2 HG21 sing N N 395 
THR CG2 HG22 sing N N 396 
THR CG2 HG23 sing N N 397 
THR OXT HXT  sing N N 398 
TRP N   CA   sing N N 399 
TRP N   H    sing N N 400 
TRP N   H2   sing N N 401 
TRP CA  C    sing N N 402 
TRP CA  CB   sing N N 403 
TRP CA  HA   sing N N 404 
TRP C   O    doub N N 405 
TRP C   OXT  sing N N 406 
TRP CB  CG   sing N N 407 
TRP CB  HB2  sing N N 408 
TRP CB  HB3  sing N N 409 
TRP CG  CD1  doub Y N 410 
TRP CG  CD2  sing Y N 411 
TRP CD1 NE1  sing Y N 412 
TRP CD1 HD1  sing N N 413 
TRP CD2 CE2  doub Y N 414 
TRP CD2 CE3  sing Y N 415 
TRP NE1 CE2  sing Y N 416 
TRP NE1 HE1  sing N N 417 
TRP CE2 CZ2  sing Y N 418 
TRP CE3 CZ3  doub Y N 419 
TRP CE3 HE3  sing N N 420 
TRP CZ2 CH2  doub Y N 421 
TRP CZ2 HZ2  sing N N 422 
TRP CZ3 CH2  sing Y N 423 
TRP CZ3 HZ3  sing N N 424 
TRP CH2 HH2  sing N N 425 
TRP OXT HXT  sing N N 426 
TYR N   CA   sing N N 427 
TYR N   H    sing N N 428 
TYR N   H2   sing N N 429 
TYR CA  C    sing N N 430 
TYR CA  CB   sing N N 431 
TYR CA  HA   sing N N 432 
TYR C   O    doub N N 433 
TYR C   OXT  sing N N 434 
TYR CB  CG   sing N N 435 
TYR CB  HB2  sing N N 436 
TYR CB  HB3  sing N N 437 
TYR CG  CD1  doub Y N 438 
TYR CG  CD2  sing Y N 439 
TYR CD1 CE1  sing Y N 440 
TYR CD1 HD1  sing N N 441 
TYR CD2 CE2  doub Y N 442 
TYR CD2 HD2  sing N N 443 
TYR CE1 CZ   doub Y N 444 
TYR CE1 HE1  sing N N 445 
TYR CE2 CZ   sing Y N 446 
TYR CE2 HE2  sing N N 447 
TYR CZ  OH   sing N N 448 
TYR OH  HH   sing N N 449 
TYR OXT HXT  sing N N 450 
VAL N   CA   sing N N 451 
VAL N   H    sing N N 452 
VAL N   H2   sing N N 453 
VAL CA  C    sing N N 454 
VAL CA  CB   sing N N 455 
VAL CA  HA   sing N N 456 
VAL C   O    doub N N 457 
VAL C   OXT  sing N N 458 
VAL CB  CG1  sing N N 459 
VAL CB  CG2  sing N N 460 
VAL CB  HB   sing N N 461 
VAL CG1 HG11 sing N N 462 
VAL CG1 HG12 sing N N 463 
VAL CG1 HG13 sing N N 464 
VAL CG2 HG21 sing N N 465 
VAL CG2 HG22 sing N N 466 
VAL CG2 HG23 sing N N 467 
VAL OXT HXT  sing N N 468 
# 
_pdbx_initial_refinement_model.id               1 
_pdbx_initial_refinement_model.entity_id_list   ? 
_pdbx_initial_refinement_model.type             'experimental model' 
_pdbx_initial_refinement_model.source_name      PDB 
_pdbx_initial_refinement_model.accession_code   3T5G 
_pdbx_initial_refinement_model.details          ? 
# 
_atom_sites.entry_id                    5NAL 
_atom_sites.fract_transf_matrix[1][1]   0.01468858 
_atom_sites.fract_transf_matrix[1][2]   0.01106729 
_atom_sites.fract_transf_matrix[1][3]   -0.00926694 
_atom_sites.fract_transf_matrix[2][1]   0.00919817 
_atom_sites.fract_transf_matrix[2][2]   -0.00723606 
_atom_sites.fract_transf_matrix[2][3]   -0.01694538 
_atom_sites.fract_transf_matrix[3][1]   -0.00602361 
_atom_sites.fract_transf_matrix[3][2]   0.00387223 
_atom_sites.fract_transf_matrix[3][3]   -0.00492322 
_atom_sites.fract_transf_vector[1]      -0.411259 
_atom_sites.fract_transf_vector[2]      0.152848 
_atom_sites.fract_transf_vector[3]      -0.090243 
# 
loop_
_atom_type.symbol 
C  
CL 
N  
O  
S  
# 
loop_
_atom_site.group_PDB 
_atom_site.id 
_atom_site.type_symbol 
_atom_site.label_atom_id 
_atom_site.label_alt_id 
_atom_site.label_comp_id 
_atom_site.label_asym_id 
_atom_site.label_entity_id 
_atom_site.label_seq_id 
_atom_site.pdbx_PDB_ins_code 
_atom_site.Cartn_x 
_atom_site.Cartn_y 
_atom_site.Cartn_z 
_atom_site.occupancy 
_atom_site.B_iso_or_equiv 
_atom_site.pdbx_formal_charge 
_atom_site.auth_seq_id 
_atom_site.auth_comp_id 
_atom_site.auth_asym_id 
_atom_site.auth_atom_id 
_atom_site.pdbx_PDB_model_num 
ATOM   1    N  N   . MET A 1 1   ? -21.230 -19.370 2.463   1.00 49.32 ? 1   MET B N   1 
ATOM   2    C  CA  . MET A 1 1   ? -20.740 -18.139 1.758   1.00 48.69 ? 1   MET B CA  1 
ATOM   3    C  C   . MET A 1 1   ? -21.844 -17.409 1.013   1.00 44.23 ? 1   MET B C   1 
ATOM   4    O  O   . MET A 1 1   ? -22.807 -18.019 0.561   1.00 44.74 ? 1   MET B O   1 
ATOM   5    C  CB  . MET A 1 1   ? -19.654 -18.493 0.750   1.00 50.05 ? 1   MET B CB  1 
ATOM   6    C  CG  . MET A 1 1   ? -18.260 -18.575 1.333   1.00 53.89 ? 1   MET B CG  1 
ATOM   7    S  SD  . MET A 1 1   ? -17.118 -19.000 0.010   1.00 58.41 ? 1   MET B SD  1 
ATOM   8    C  CE  . MET A 1 1   ? -16.728 -17.399 -0.689  1.00 52.92 ? 1   MET B CE  1 
ATOM   9    N  N   . SER A 1 2   ? -21.665 -16.101 0.870   1.00 40.76 ? 2   SER B N   1 
ATOM   10   C  CA  . SER A 1 2   ? -22.572 -15.245 0.114   1.00 38.58 ? 2   SER B CA  1 
ATOM   11   C  C   . SER A 1 2   ? -21.963 -14.879 -1.238  1.00 35.31 ? 2   SER B C   1 
ATOM   12   O  O   . SER A 1 2   ? -20.780 -15.133 -1.504  1.00 32.78 ? 2   SER B O   1 
ATOM   13   C  CB  . SER A 1 2   ? -22.854 -13.946 0.898   1.00 40.51 ? 2   SER B CB  1 
ATOM   14   O  OG  . SER A 1 2   ? -21.733 -13.053 0.869   1.00 40.08 ? 2   SER B OG  1 
ATOM   15   N  N   . ALA A 1 3   ? -22.790 -14.238 -2.056  1.00 33.60 ? 3   ALA B N   1 
ATOM   16   C  CA  . ALA A 1 3   ? -22.385 -13.693 -3.353  1.00 35.36 ? 3   ALA B CA  1 
ATOM   17   C  C   . ALA A 1 3   ? -21.226 -12.720 -3.238  1.00 34.08 ? 3   ALA B C   1 
ATOM   18   O  O   . ALA A 1 3   ? -20.347 -12.716 -4.074  1.00 31.85 ? 3   ALA B O   1 
ATOM   19   C  CB  . ALA A 1 3   ? -23.566 -13.007 -4.035  1.00 34.72 ? 3   ALA B CB  1 
ATOM   20   N  N   . LYS A 1 4   ? -21.245 -11.906 -2.190  1.00 37.60 ? 4   LYS B N   1 
ATOM   21   C  CA  . LYS A 1 4   ? -20.180 -10.937 -1.922  1.00 36.50 ? 4   LYS B CA  1 
ATOM   22   C  C   . LYS A 1 4   ? -18.839 -11.572 -1.509  1.00 31.66 ? 4   LYS B C   1 
ATOM   23   O  O   . LYS A 1 4   ? -17.786 -11.122 -1.957  1.00 31.05 ? 4   LYS B O   1 
ATOM   24   C  CB  . LYS A 1 4   ? -20.664 -9.886  -0.916  1.00 39.24 ? 4   LYS B CB  1 
ATOM   25   C  CG  . LYS A 1 4   ? -21.653 -8.945  -1.568  1.00 42.79 ? 4   LYS B CG  1 
ATOM   26   C  CD  . LYS A 1 4   ? -22.252 -7.947  -0.609  1.00 46.91 ? 4   LYS B CD  1 
ATOM   27   C  CE  . LYS A 1 4   ? -23.155 -7.005  -1.391  1.00 51.14 ? 4   LYS B CE  1 
ATOM   28   N  NZ  . LYS A 1 4   ? -23.910 -6.099  -0.482  1.00 55.84 ? 4   LYS B NZ  1 
ATOM   29   N  N   . ASP A 1 5   ? -18.867 -12.613 -0.688  1.00 29.47 ? 5   ASP B N   1 
ATOM   30   C  CA  . ASP A 1 5   ? -17.632 -13.364 -0.381  1.00 29.51 ? 5   ASP B CA  1 
ATOM   31   C  C   . ASP A 1 5   ? -17.012 -13.979 -1.676  1.00 26.71 ? 5   ASP B C   1 
ATOM   32   O  O   . ASP A 1 5   ? -15.794 -13.945 -1.871  1.00 23.25 ? 5   ASP B O   1 
ATOM   33   C  CB  . ASP A 1 5   ? -17.877 -14.487 0.631   1.00 32.30 ? 5   ASP B CB  1 
ATOM   34   C  CG  . ASP A 1 5   ? -18.558 -14.010 1.918   1.00 37.43 ? 5   ASP B CG  1 
ATOM   35   O  OD1 . ASP A 1 5   ? -18.063 -13.058 2.567   1.00 38.16 ? 5   ASP B OD1 1 
ATOM   36   O  OD2 . ASP A 1 5   ? -19.605 -14.616 2.274   1.00 41.58 ? 5   ASP B OD2 1 
ATOM   37   N  N   . GLU A 1 6   ? -17.870 -14.526 -2.541  1.00 23.34 ? 6   GLU B N   1 
ATOM   38   C  CA  . GLU A 1 6   ? -17.447 -15.117 -3.802  1.00 23.46 ? 6   GLU B CA  1 
ATOM   39   C  C   . GLU A 1 6   ? -16.858 -14.048 -4.727  1.00 21.33 ? 6   GLU B C   1 
ATOM   40   O  O   . GLU A 1 6   ? -15.850 -14.268 -5.361  1.00 19.49 ? 6   GLU B O   1 
ATOM   41   C  CB  . GLU A 1 6   ? -18.631 -15.819 -4.473  1.00 25.71 ? 6   GLU B CB  1 
ATOM   42   C  CG  . GLU A 1 6   ? -18.352 -16.461 -5.823  1.00 27.55 ? 6   GLU B CG  1 
ATOM   43   C  CD  . GLU A 1 6   ? -17.346 -17.597 -5.774  1.00 30.45 ? 6   GLU B CD  1 
ATOM   44   O  OE1 . GLU A 1 6   ? -17.138 -18.222 -4.705  1.00 32.46 ? 6   GLU B OE1 1 
ATOM   45   O  OE2 . GLU A 1 6   ? -16.772 -17.882 -6.842  1.00 34.00 ? 6   GLU B OE2 1 
ATOM   46   N  N   . ARG A 1 7   ? -17.499 -12.893 -4.777  1.00 20.31 ? 7   ARG B N   1 
ATOM   47   C  CA  . ARG A 1 7   ? -17.050 -11.786 -5.601  1.00 20.42 ? 7   ARG B CA  1 
ATOM   48   C  C   . ARG A 1 7   ? -15.682 -11.254 -5.156  1.00 19.02 ? 7   ARG B C   1 
ATOM   49   O  O   . ARG A 1 7   ? -14.807 -11.064 -5.982  1.00 18.15 ? 7   ARG B O   1 
ATOM   50   C  CB  . ARG A 1 7   ? -18.097 -10.670 -5.539  1.00 22.62 ? 7   ARG B CB  1 
ATOM   51   C  CG  . ARG A 1 7   ? -17.803 -9.425  -6.358  1.00 24.16 ? 7   ARG B CG  1 
ATOM   52   C  CD  . ARG A 1 7   ? -17.487 -9.808  -7.775  1.00 25.67 ? 7   ARG B CD  1 
ATOM   53   N  NE  . ARG A 1 7   ? -17.137 -8.685  -8.638  1.00 27.22 ? 7   ARG B NE  1 
ATOM   54   C  CZ  . ARG A 1 7   ? -16.536 -8.831  -9.816  1.00 25.20 ? 7   ARG B CZ  1 
ATOM   55   N  NH1 . ARG A 1 7   ? -16.212 -10.043 -10.280 1.00 24.74 ? 7   ARG B NH1 1 
ATOM   56   N  NH2 . ARG A 1 7   ? -16.241 -7.760  -10.521 1.00 25.53 ? 7   ARG B NH2 1 
ATOM   57   N  N   . ALA A 1 8   ? -15.507 -11.021 -3.852  1.00 18.14 ? 8   ALA B N   1 
ATOM   58   C  CA  . ALA A 1 8   ? -14.198 -10.677 -3.282  1.00 18.48 ? 8   ALA B CA  1 
ATOM   59   C  C   . ALA A 1 8   ? -13.088 -11.639 -3.743  1.00 18.11 ? 8   ALA B C   1 
ATOM   60   O  O   . ALA A 1 8   ? -11.998 -11.211 -4.145  1.00 16.92 ? 8   ALA B O   1 
ATOM   61   C  CB  . ALA A 1 8   ? -14.268 -10.680 -1.765  1.00 19.20 ? 8   ALA B CB  1 
ATOM   62   N  N   . ARG A 1 9   ? -13.385 -12.928 -3.700  1.00 17.67 ? 9   ARG B N   1 
ATOM   63   C  CA  . ARG A 1 9   ? -12.413 -13.941 -4.114  1.00 19.58 ? 9   ARG B CA  1 
ATOM   64   C  C   . ARG A 1 9   ? -12.106 -13.916 -5.613  1.00 17.09 ? 9   ARG B C   1 
ATOM   65   O  O   . ARG A 1 9   ? -10.968 -14.144 -6.006  1.00 16.28 ? 9   ARG B O   1 
ATOM   66   C  CB  . ARG A 1 9   ? -12.884 -15.328 -3.705  1.00 22.06 ? 9   ARG B CB  1 
ATOM   67   C  CG  . ARG A 1 9   ? -12.820 -15.584 -2.211  1.00 24.29 ? 9   ARG B CG  1 
ATOM   68   C  CD  . ARG A 1 9   ? -13.295 -16.995 -1.977  1.00 27.25 ? 9   ARG B CD  1 
ATOM   69   N  NE  . ARG A 1 9   ? -13.221 -17.410 -0.589  1.00 31.84 ? 9   ARG B NE  1 
ATOM   70   C  CZ  . ARG A 1 9   ? -13.385 -18.671 -0.165  1.00 35.49 ? 9   ARG B CZ  1 
ATOM   71   N  NH1 . ARG A 1 9   ? -13.646 -19.680 -1.029  1.00 37.20 ? 9   ARG B NH1 1 
ATOM   72   N  NH2 . ARG A 1 9   ? -13.288 -18.932 1.140   1.00 35.98 ? 9   ARG B NH2 1 
ATOM   73   N  N   . GLU A 1 10  ? -13.122 -13.636 -6.430  1.00 16.56 ? 10  GLU B N   1 
ATOM   74   C  CA  . GLU A 1 10  ? -12.962 -13.472 -7.877  1.00 16.03 ? 10  GLU B CA  1 
ATOM   75   C  C   . GLU A 1 10  ? -12.055 -12.283 -8.166  1.00 15.69 ? 10  GLU B C   1 
ATOM   76   O  O   . GLU A 1 10  ? -11.173 -12.368 -9.009  1.00 15.27 ? 10  GLU B O   1 
ATOM   77   C  CB  . GLU A 1 10  ? -14.328 -13.264 -8.563  1.00 16.07 ? 10  GLU B CB  1 
ATOM   78   N  N   . ILE A 1 11  ? -12.259 -11.179 -7.451  1.00 15.11 ? 11  ILE B N   1 
ATOM   79   C  CA  . ILE A 1 11  ? -11.441 -10.001 -7.654  1.00 15.86 ? 11  ILE B CA  1 
ATOM   80   C  C   . ILE A 1 11  ? -9.992  -10.328 -7.292  1.00 15.59 ? 11  ILE B C   1 
ATOM   81   O  O   . ILE A 1 11  ? -9.062  -10.052 -8.072  1.00 13.79 ? 11  ILE B O   1 
ATOM   82   C  CB  . ILE A 1 11  ? -11.964 -8.777  -6.887  1.00 16.96 ? 11  ILE B CB  1 
ATOM   83   C  CG1 . ILE A 1 11  ? -13.306 -8.349  -7.474  1.00 18.26 ? 11  ILE B CG1 1 
ATOM   84   C  CG2 . ILE A 1 11  ? -11.015 -7.582  -7.027  1.00 18.05 ? 11  ILE B CG2 1 
ATOM   85   C  CD1 . ILE A 1 11  ? -14.061 -7.312  -6.662  1.00 18.58 ? 11  ILE B CD1 1 
ATOM   86   N  N   . LEU A 1 12  ? -9.805  -10.943 -6.126  1.00 15.57 ? 12  LEU B N   1 
ATOM   87   C  CA  . LEU A 1 12  ? -8.461  -11.271 -5.695  1.00 15.99 ? 12  LEU B CA  1 
ATOM   88   C  C   . LEU A 1 12  ? -7.766  -12.130 -6.754  1.00 15.67 ? 12  LEU B C   1 
ATOM   89   O  O   . LEU A 1 12  ? -6.664  -11.817 -7.214  1.00 16.22 ? 12  LEU B O   1 
ATOM   90   C  CB  . LEU A 1 12  ? -8.478  -11.969 -4.348  1.00 16.12 ? 12  LEU B CB  1 
ATOM   91   C  CG  . LEU A 1 12  ? -7.095  -12.431 -3.854  1.00 16.51 ? 12  LEU B CG  1 
ATOM   92   C  CD1 . LEU A 1 12  ? -6.080  -11.289 -3.830  1.00 16.15 ? 12  LEU B CD1 1 
ATOM   93   C  CD2 . LEU A 1 12  ? -7.302  -13.040 -2.451  1.00 16.77 ? 12  LEU B CD2 1 
ATOM   94   N  N   . ARG A 1 13  ? -8.451  -13.180 -7.170  1.00 15.62 ? 13  ARG B N   1 
ATOM   95   C  CA  . ARG A 1 13  ? -7.970  -14.056 -8.229  1.00 15.69 ? 13  ARG B CA  1 
ATOM   96   C  C   . ARG A 1 13  ? -7.465  -13.339 -9.484  1.00 15.72 ? 13  ARG B C   1 
ATOM   97   O  O   . ARG A 1 13  ? -6.435  -13.746 -10.050 1.00 15.49 ? 13  ARG B O   1 
ATOM   98   C  CB  . ARG A 1 13  ? -9.067  -15.055 -8.625  1.00 15.45 ? 13  ARG B CB  1 
ATOM   99   C  CG  . ARG A 1 13  ? -8.578  -16.072 -9.626  1.00 15.81 ? 13  ARG B CG  1 
ATOM   100  C  CD  . ARG A 1 13  ? -9.617  -17.105 -10.021 1.00 15.73 ? 13  ARG B CD  1 
ATOM   101  N  NE  . ARG A 1 13  ? -9.079  -17.802 -11.180 1.00 15.81 ? 13  ARG B NE  1 
ATOM   102  C  CZ  . ARG A 1 13  ? -8.152  -18.753 -11.131 1.00 15.59 ? 13  ARG B CZ  1 
ATOM   103  N  NH1 . ARG A 1 13  ? -7.634  -19.170 -9.985  1.00 15.91 ? 13  ARG B NH1 1 
ATOM   104  N  NH2 . ARG A 1 13  ? -7.707  -19.273 -12.250 1.00 16.10 ? 13  ARG B NH2 1 
ATOM   105  N  N   . GLY A 1 14  ? -8.206  -12.317 -9.926  1.00 15.35 ? 14  GLY B N   1 
ATOM   106  C  CA  . GLY A 1 14  ? -7.884  -11.567 -11.127 1.00 15.30 ? 14  GLY B CA  1 
ATOM   107  C  C   . GLY A 1 14  ? -6.883  -10.457 -10.914 1.00 16.38 ? 14  GLY B C   1 
ATOM   108  O  O   . GLY A 1 14  ? -6.476  -9.795  -11.862 1.00 18.01 ? 14  GLY B O   1 
ATOM   109  N  N   . PHE A 1 15  ? -6.474  -10.225 -9.675  1.00 17.49 ? 15  PHE B N   1 
ATOM   110  C  CA  . PHE A 1 15  ? -5.670  -9.056  -9.335  1.00 17.19 ? 15  PHE B CA  1 
ATOM   111  C  C   . PHE A 1 15  ? -4.196  -9.396  -9.247  1.00 18.09 ? 15  PHE B C   1 
ATOM   112  O  O   . PHE A 1 15  ? -3.816  -10.471 -8.771  1.00 18.05 ? 15  PHE B O   1 
ATOM   113  C  CB  . PHE A 1 15  ? -6.133  -8.488  -8.003  1.00 17.12 ? 15  PHE B CB  1 
ATOM   114  C  CG  . PHE A 1 15  ? -5.425  -7.228  -7.611  1.00 17.33 ? 15  PHE B CG  1 
ATOM   115  C  CD1 . PHE A 1 15  ? -5.872  -6.008  -8.063  1.00 18.01 ? 15  PHE B CD1 1 
ATOM   116  C  CD2 . PHE A 1 15  ? -4.301  -7.271  -6.794  1.00 17.73 ? 15  PHE B CD2 1 
ATOM   117  C  CE1 . PHE A 1 15  ? -5.218  -4.835  -7.705  1.00 18.36 ? 15  PHE B CE1 1 
ATOM   118  C  CE2 . PHE A 1 15  ? -3.636  -6.108  -6.440  1.00 18.61 ? 15  PHE B CE2 1 
ATOM   119  C  CZ  . PHE A 1 15  ? -4.097  -4.885  -6.893  1.00 18.78 ? 15  PHE B CZ  1 
ATOM   120  N  N   . LYS A 1 16  ? -3.369  -8.454  -9.659  1.00 19.11 ? 16  LYS B N   1 
ATOM   121  C  CA  . LYS A 1 16  ? -1.918  -8.594  -9.594  1.00 22.30 ? 16  LYS B CA  1 
ATOM   122  C  C   . LYS A 1 16  ? -1.332  -7.183  -9.472  1.00 21.37 ? 16  LYS B C   1 
ATOM   123  O  O   . LYS A 1 16  ? -1.703  -6.287  -10.242 1.00 19.86 ? 16  LYS B O   1 
ATOM   124  C  CB  . LYS A 1 16  ? -1.432  -9.293  -10.884 1.00 25.59 ? 16  LYS B CB  1 
ATOM   125  C  CG  . LYS A 1 16  ? 0.070   -9.485  -11.068 1.00 28.97 ? 16  LYS B CG  1 
ATOM   126  C  CD  . LYS A 1 16  ? 0.639   -10.434 -10.026 1.00 33.54 ? 16  LYS B CD  1 
ATOM   127  C  CE  . LYS A 1 16  ? 2.119   -10.777 -10.238 1.00 34.01 ? 16  LYS B CE  1 
ATOM   128  N  NZ  . LYS A 1 16  ? 2.430   -11.391 -11.552 1.00 35.63 ? 16  LYS B NZ  1 
ATOM   129  N  N   . LEU A 1 17  ? -0.462  -6.977  -8.485  1.00 20.54 ? 17  LEU B N   1 
ATOM   130  C  CA  . LEU A 1 17  ? 0.355   -5.774  -8.400  1.00 22.06 ? 17  LEU B CA  1 
ATOM   131  C  C   . LEU A 1 17  ? 1.680   -6.084  -9.097  1.00 21.57 ? 17  LEU B C   1 
ATOM   132  O  O   . LEU A 1 17  ? 2.401   -6.963  -8.666  1.00 20.54 ? 17  LEU B O   1 
ATOM   133  C  CB  . LEU A 1 17  ? 0.530   -5.395  -6.933  1.00 23.69 ? 17  LEU B CB  1 
ATOM   134  C  CG  . LEU A 1 17  ? 1.065   -4.027  -6.550  1.00 25.52 ? 17  LEU B CG  1 
ATOM   135  C  CD1 . LEU A 1 17  ? 0.852   -3.830  -5.051  1.00 27.53 ? 17  LEU B CD1 1 
ATOM   136  C  CD2 . LEU A 1 17  ? 2.550   -3.918  -6.882  1.00 26.08 ? 17  LEU B CD2 1 
ATOM   137  N  N   . ASN A 1 18  ? 1.971   -5.368  -10.191 1.00 22.13 ? 18  ASN B N   1 
ATOM   138  C  CA  . ASN A 1 18  ? 3.088   -5.684  -11.081 1.00 21.96 ? 18  ASN B CA  1 
ATOM   139  C  C   . ASN A 1 18  ? 4.379   -4.999  -10.675 1.00 23.40 ? 18  ASN B C   1 
ATOM   140  O  O   . ASN A 1 18  ? 5.456   -5.600  -10.743 1.00 24.44 ? 18  ASN B O   1 
ATOM   141  C  CB  . ASN A 1 18  ? 2.767   -5.257  -12.504 1.00 22.49 ? 18  ASN B CB  1 
ATOM   142  C  CG  . ASN A 1 18  ? 1.502   -5.913  -13.036 1.00 21.99 ? 18  ASN B CG  1 
ATOM   143  O  OD1 . ASN A 1 18  ? 1.374   -7.134  -13.001 1.00 21.30 ? 18  ASN B OD1 1 
ATOM   144  N  ND2 . ASN A 1 18  ? 0.556   -5.101  -13.511 1.00 20.11 ? 18  ASN B ND2 1 
ATOM   145  N  N   . TRP A 1 19  ? 4.276   -3.720  -10.332 1.00 23.67 ? 19  TRP B N   1 
ATOM   146  C  CA  . TRP A 1 19  ? 5.419   -2.951  -9.852  1.00 23.78 ? 19  TRP B CA  1 
ATOM   147  C  C   . TRP A 1 19  ? 4.943   -1.742  -9.068  1.00 22.63 ? 19  TRP B C   1 
ATOM   148  O  O   . TRP A 1 19  ? 3.774   -1.349  -9.165  1.00 20.71 ? 19  TRP B O   1 
ATOM   149  C  CB  . TRP A 1 19  ? 6.391   -2.539  -10.993 1.00 24.65 ? 19  TRP B CB  1 
ATOM   150  C  CG  . TRP A 1 19  ? 5.797   -1.733  -12.116 1.00 25.32 ? 19  TRP B CG  1 
ATOM   151  C  CD1 . TRP A 1 19  ? 5.399   -2.204  -13.341 1.00 25.86 ? 19  TRP B CD1 1 
ATOM   152  C  CD2 . TRP A 1 19  ? 5.542   -0.322  -12.136 1.00 25.04 ? 19  TRP B CD2 1 
ATOM   153  N  NE1 . TRP A 1 19  ? 4.920   -1.178  -14.114 1.00 24.50 ? 19  TRP B NE1 1 
ATOM   154  C  CE2 . TRP A 1 19  ? 5.001   -0.012  -13.407 1.00 24.65 ? 19  TRP B CE2 1 
ATOM   155  C  CE3 . TRP A 1 19  ? 5.728   0.710   -11.219 1.00 24.63 ? 19  TRP B CE3 1 
ATOM   156  C  CZ2 . TRP A 1 19  ? 4.614   1.288   -13.769 1.00 25.10 ? 19  TRP B CZ2 1 
ATOM   157  C  CZ3 . TRP A 1 19  ? 5.352   2.014   -11.593 1.00 25.08 ? 19  TRP B CZ3 1 
ATOM   158  C  CH2 . TRP A 1 19  ? 4.807   2.283   -12.856 1.00 24.20 ? 19  TRP B CH2 1 
ATOM   159  N  N   . MET A 1 20  ? 5.865   -1.183  -8.284  1.00 21.80 ? 20  MET B N   1 
ATOM   160  C  CA  . MET A 1 20  ? 5.591   -0.047  -7.445  1.00 23.25 ? 20  MET B CA  1 
ATOM   161  C  C   . MET A 1 20  ? 6.880   0.741   -7.222  1.00 23.36 ? 20  MET B C   1 
ATOM   162  O  O   . MET A 1 20  ? 7.978   0.184   -7.262  1.00 23.32 ? 20  MET B O   1 
ATOM   163  C  CB  . MET A 1 20  ? 5.020   -0.545  -6.115  1.00 24.72 ? 20  MET B CB  1 
ATOM   164  C  CG  . MET A 1 20  ? 4.746   0.532   -5.082  1.00 26.10 ? 20  MET B CG  1 
ATOM   165  S  SD  . MET A 1 20  ? 3.658   -0.025  -3.739  1.00 31.11 ? 20  MET B SD  1 
ATOM   166  C  CE  . MET A 1 20  ? 4.315   -1.638  -3.348  1.00 28.16 ? 20  MET B CE  1 
ATOM   167  N  N   . ASN A 1 21  ? 6.752   2.039   -6.995  1.00 24.33 ? 21  ASN B N   1 
ATOM   168  C  CA  . ASN A 1 21  ? 7.870   2.808   -6.464  1.00 25.86 ? 21  ASN B CA  1 
ATOM   169  C  C   . ASN A 1 21  ? 7.430   3.926   -5.533  1.00 25.75 ? 21  ASN B C   1 
ATOM   170  O  O   . ASN A 1 21  ? 6.237   4.279   -5.471  1.00 25.41 ? 21  ASN B O   1 
ATOM   171  C  CB  . ASN A 1 21  ? 8.738   3.336   -7.605  1.00 27.62 ? 21  ASN B CB  1 
ATOM   172  C  CG  . ASN A 1 21  ? 7.993   4.272   -8.512  1.00 29.48 ? 21  ASN B CG  1 
ATOM   173  O  OD1 . ASN A 1 21  ? 7.439   5.273   -8.064  1.00 29.51 ? 21  ASN B OD1 1 
ATOM   174  N  ND2 . ASN A 1 21  ? 7.971   3.955   -9.799  1.00 31.28 ? 21  ASN B ND2 1 
ATOM   175  N  N   . LEU A 1 22  ? 8.411   4.455   -4.797  1.00 25.17 ? 22  LEU B N   1 
ATOM   176  C  CA  . LEU A 1 22  ? 8.246   5.642   -3.949  1.00 24.35 ? 22  LEU B CA  1 
ATOM   177  C  C   . LEU A 1 22  ? 9.252   6.713   -4.367  1.00 24.66 ? 22  LEU B C   1 
ATOM   178  O  O   . LEU A 1 22  ? 10.403  6.394   -4.653  1.00 24.17 ? 22  LEU B O   1 
ATOM   179  C  CB  . LEU A 1 22  ? 8.495   5.302   -2.488  1.00 23.30 ? 22  LEU B CB  1 
ATOM   180  C  CG  . LEU A 1 22  ? 7.721   4.142   -1.860  1.00 23.52 ? 22  LEU B CG  1 
ATOM   181  C  CD1 . LEU A 1 22  ? 8.233   3.962   -0.428  1.00 23.54 ? 22  LEU B CD1 1 
ATOM   182  C  CD2 . LEU A 1 22  ? 6.223   4.403   -1.888  1.00 23.42 ? 22  LEU B CD2 1 
ATOM   183  N  N   . ARG A 1 23  ? 8.822   7.971   -4.362  1.00 26.32 ? 23  ARG B N   1 
ATOM   184  C  CA  . ARG A 1 23  ? 9.689   9.119   -4.673  1.00 30.04 ? 23  ARG B CA  1 
ATOM   185  C  C   . ARG A 1 23  ? 9.559   10.183  -3.592  1.00 29.83 ? 23  ARG B C   1 
ATOM   186  O  O   . ARG A 1 23  ? 8.509   10.318  -2.993  1.00 27.55 ? 23  ARG B O   1 
ATOM   187  C  CB  . ARG A 1 23  ? 9.280   9.759   -6.009  1.00 33.41 ? 23  ARG B CB  1 
ATOM   188  C  CG  . ARG A 1 23  ? 9.504   8.916   -7.261  1.00 36.73 ? 23  ARG B CG  1 
ATOM   189  C  CD  . ARG A 1 23  ? 8.850   9.580   -8.487  1.00 38.79 ? 23  ARG B CD  1 
ATOM   190  N  NE  . ARG A 1 23  ? 9.349   9.025   -9.749  1.00 40.39 ? 23  ARG B NE  1 
ATOM   191  C  CZ  . ARG A 1 23  ? 8.811   8.008   -10.440 1.00 46.28 ? 23  ARG B CZ  1 
ATOM   192  N  NH1 . ARG A 1 23  ? 7.712   7.372   -10.020 1.00 50.96 ? 23  ARG B NH1 1 
ATOM   193  N  NH2 . ARG A 1 23  ? 9.383   7.604   -11.580 1.00 46.46 ? 23  ARG B NH2 1 
ATOM   194  N  N   . ASP A 1 24  ? 10.621  10.956  -3.359  1.00 33.54 ? 24  ASP B N   1 
ATOM   195  C  CA  . ASP A 1 24  ? 10.512  12.184  -2.564  1.00 33.27 ? 24  ASP B CA  1 
ATOM   196  C  C   . ASP A 1 24  ? 9.598   13.075  -3.367  1.00 32.68 ? 24  ASP B C   1 
ATOM   197  O  O   . ASP A 1 24  ? 9.845   13.290  -4.538  1.00 32.21 ? 24  ASP B O   1 
ATOM   198  C  CB  . ASP A 1 24  ? 11.886  12.849  -2.385  1.00 37.09 ? 24  ASP B CB  1 
ATOM   199  C  CG  . ASP A 1 24  ? 11.904  13.913  -1.276  1.00 39.45 ? 24  ASP B CG  1 
ATOM   200  O  OD1 . ASP A 1 24  ? 10.898  14.601  -1.024  1.00 41.29 ? 24  ASP B OD1 1 
ATOM   201  O  OD2 . ASP A 1 24  ? 12.963  14.064  -0.641  1.00 46.41 ? 24  ASP B OD2 1 
ATOM   202  N  N   . ALA A 1 25  ? 8.517   13.549  -2.764  1.00 34.05 ? 25  ALA B N   1 
ATOM   203  C  CA  . ALA A 1 25  ? 7.549   14.377  -3.489  1.00 36.29 ? 25  ALA B CA  1 
ATOM   204  C  C   . ALA A 1 25  ? 8.141   15.740  -3.865  1.00 39.89 ? 25  ALA B C   1 
ATOM   205  O  O   . ALA A 1 25  ? 7.851   16.261  -4.950  1.00 41.01 ? 25  ALA B O   1 
ATOM   206  C  CB  . ALA A 1 25  ? 6.275   14.571  -2.680  1.00 35.00 ? 25  ALA B CB  1 
ATOM   207  N  N   . GLU A 1 26  ? 8.959   16.311  -2.976  1.00 42.32 ? 26  GLU B N   1 
ATOM   208  C  CA  . GLU A 1 26  ? 9.552   17.630  -3.214  1.00 42.10 ? 26  GLU B CA  1 
ATOM   209  C  C   . GLU A 1 26  ? 10.577  17.559  -4.366  1.00 40.90 ? 26  GLU B C   1 
ATOM   210  O  O   . GLU A 1 26  ? 10.466  18.330  -5.314  1.00 42.49 ? 26  GLU B O   1 
ATOM   211  C  CB  . GLU A 1 26  ? 10.167  18.197  -1.932  1.00 40.71 ? 26  GLU B CB  1 
ATOM   212  N  N   . THR A 1 27  ? 11.506  16.599  -4.317  1.00 40.04 ? 27  THR B N   1 
ATOM   213  C  CA  . THR A 1 27  ? 12.603  16.492  -5.303  1.00 38.12 ? 27  THR B CA  1 
ATOM   214  C  C   . THR A 1 27  ? 12.366  15.545  -6.491  1.00 38.90 ? 27  THR B C   1 
ATOM   215  O  O   . THR A 1 27  ? 13.104  15.605  -7.488  1.00 39.62 ? 27  THR B O   1 
ATOM   216  C  CB  . THR A 1 27  ? 13.923  16.032  -4.647  1.00 38.91 ? 27  THR B CB  1 
ATOM   217  O  OG1 . THR A 1 27  ? 13.896  14.622  -4.410  1.00 37.32 ? 27  THR B OG1 1 
ATOM   218  C  CG2 . THR A 1 27  ? 14.182  16.778  -3.330  1.00 41.86 ? 27  THR B CG2 1 
ATOM   219  N  N   . GLY A 1 28  ? 11.399  14.634  -6.371  1.00 38.44 ? 28  GLY B N   1 
ATOM   220  C  CA  . GLY A 1 28  ? 11.150  13.610  -7.406  1.00 36.09 ? 28  GLY B CA  1 
ATOM   221  C  C   . GLY A 1 28  ? 12.150  12.459  -7.459  1.00 36.92 ? 28  GLY B C   1 
ATOM   222  O  O   . GLY A 1 28  ? 12.042  11.587  -8.333  1.00 37.78 ? 28  GLY B O   1 
ATOM   223  N  N   . LYS A 1 29  ? 13.120  12.435  -6.543  1.00 35.98 ? 29  LYS B N   1 
ATOM   224  C  CA  . LYS A 1 29  ? 14.139  11.384  -6.542  1.00 40.21 ? 29  LYS B CA  1 
ATOM   225  C  C   . LYS A 1 29  ? 13.536  10.039  -6.077  1.00 36.36 ? 29  LYS B C   1 
ATOM   226  O  O   . LYS A 1 29  ? 12.765  9.995   -5.121  1.00 34.68 ? 29  LYS B O   1 
ATOM   227  C  CB  . LYS A 1 29  ? 15.323  11.781  -5.643  1.00 44.48 ? 29  LYS B CB  1 
ATOM   228  C  CG  . LYS A 1 29  ? 16.070  13.037  -6.089  1.00 48.96 ? 29  LYS B CG  1 
ATOM   229  C  CD  . LYS A 1 29  ? 17.008  12.780  -7.266  1.00 52.70 ? 29  LYS B CD  1 
ATOM   230  C  CE  . LYS A 1 29  ? 17.749  14.047  -7.695  1.00 54.60 ? 29  LYS B CE  1 
ATOM   231  N  NZ  . LYS A 1 29  ? 18.864  14.404  -6.763  1.00 58.23 ? 29  LYS B NZ  1 
ATOM   232  N  N   . ILE A 1 30  ? 13.904  8.963   -6.760  1.00 34.50 ? 30  ILE B N   1 
ATOM   233  C  CA  . ILE A 1 30  ? 13.397  7.622   -6.467  1.00 36.23 ? 30  ILE B CA  1 
ATOM   234  C  C   . ILE A 1 30  ? 14.059  7.064   -5.207  1.00 34.20 ? 30  ILE B C   1 
ATOM   235  O  O   . ILE A 1 30  ? 15.284  6.976   -5.140  1.00 32.09 ? 30  ILE B O   1 
ATOM   236  C  CB  . ILE A 1 30  ? 13.588  6.662   -7.672  1.00 36.49 ? 30  ILE B CB  1 
ATOM   237  C  CG1 . ILE A 1 30  ? 12.656  7.099   -8.823  1.00 38.41 ? 30  ILE B CG1 1 
ATOM   238  C  CG2 . ILE A 1 30  ? 13.302  5.219   -7.268  1.00 36.88 ? 30  ILE B CG2 1 
ATOM   239  C  CD1 . ILE A 1 30  ? 12.859  6.373   -10.147 1.00 39.01 ? 30  ILE B CD1 1 
ATOM   240  N  N   . LEU A 1 31  ? 13.229  6.693   -4.224  1.00 32.22 ? 31  LEU B N   1 
ATOM   241  C  CA  . LEU A 1 31  ? 13.691  6.124   -2.941  1.00 29.86 ? 31  LEU B CA  1 
ATOM   242  C  C   . LEU A 1 31  ? 13.680  4.612   -2.889  1.00 28.10 ? 31  LEU B C   1 
ATOM   243  O  O   . LEU A 1 31  ? 14.533  3.986   -2.261  1.00 30.41 ? 31  LEU B O   1 
ATOM   244  C  CB  . LEU A 1 31  ? 12.795  6.613   -1.820  1.00 30.26 ? 31  LEU B CB  1 
ATOM   245  C  CG  . LEU A 1 31  ? 12.717  8.124   -1.695  1.00 31.30 ? 31  LEU B CG  1 
ATOM   246  C  CD1 . LEU A 1 31  ? 11.537  8.489   -0.808  1.00 32.05 ? 31  LEU B CD1 1 
ATOM   247  C  CD2 . LEU A 1 31  ? 14.032  8.683   -1.159  1.00 31.14 ? 31  LEU B CD2 1 
ATOM   248  N  N   . TRP A 1 32  ? 12.666  4.031   -3.499  1.00 26.71 ? 32  TRP B N   1 
ATOM   249  C  CA  . TRP A 1 32  ? 12.445  2.616   -3.448  1.00 24.85 ? 32  TRP B CA  1 
ATOM   250  C  C   . TRP A 1 32  ? 11.682  2.216   -4.709  1.00 25.24 ? 32  TRP B C   1 
ATOM   251  O  O   . TRP A 1 32  ? 10.856  2.980   -5.218  1.00 23.55 ? 32  TRP B O   1 
ATOM   252  C  CB  . TRP A 1 32  ? 11.652  2.262   -2.176  1.00 23.48 ? 32  TRP B CB  1 
ATOM   253  C  CG  . TRP A 1 32  ? 11.423  0.798   -2.016  1.00 23.37 ? 32  TRP B CG  1 
ATOM   254  C  CD1 . TRP A 1 32  ? 12.242  -0.100  -1.406  1.00 23.51 ? 32  TRP B CD1 1 
ATOM   255  C  CD2 . TRP A 1 32  ? 10.326  0.052   -2.530  1.00 23.43 ? 32  TRP B CD2 1 
ATOM   256  N  NE1 . TRP A 1 32  ? 11.710  -1.374  -1.485  1.00 22.47 ? 32  TRP B NE1 1 
ATOM   257  C  CE2 . TRP A 1 32  ? 10.531  -1.301  -2.176  1.00 23.30 ? 32  TRP B CE2 1 
ATOM   258  C  CE3 . TRP A 1 32  ? 9.182   0.394   -3.258  1.00 24.53 ? 32  TRP B CE3 1 
ATOM   259  C  CZ2 . TRP A 1 32  ? 9.630   -2.310  -2.527  1.00 23.61 ? 32  TRP B CZ2 1 
ATOM   260  C  CZ3 . TRP A 1 32  ? 8.291   -0.614  -3.605  1.00 24.40 ? 32  TRP B CZ3 1 
ATOM   261  C  CH2 . TRP A 1 32  ? 8.528   -1.950  -3.240  1.00 23.94 ? 32  TRP B CH2 1 
ATOM   262  N  N   . GLN A 1 33  ? 11.980  1.027   -5.214  1.00 25.78 ? 33  GLN B N   1 
ATOM   263  C  CA  . GLN A 1 33  ? 11.159  0.425   -6.230  1.00 29.42 ? 33  GLN B CA  1 
ATOM   264  C  C   . GLN A 1 33  ? 11.249  -1.087  -6.135  1.00 28.44 ? 33  GLN B C   1 
ATOM   265  O  O   . GLN A 1 33  ? 12.245  -1.618  -5.665  1.00 28.73 ? 33  GLN B O   1 
ATOM   266  C  CB  . GLN A 1 33  ? 11.538  0.943   -7.621  1.00 32.90 ? 33  GLN B CB  1 
ATOM   267  C  CG  . GLN A 1 33  ? 12.908  0.529   -8.114  1.00 37.26 ? 33  GLN B CG  1 
ATOM   268  C  CD  . GLN A 1 33  ? 13.352  1.356   -9.314  1.00 42.93 ? 33  GLN B CD  1 
ATOM   269  O  OE1 . GLN A 1 33  ? 12.580  1.590   -10.264 1.00 43.97 ? 33  GLN B OE1 1 
ATOM   270  N  NE2 . GLN A 1 33  ? 14.599  1.815   -9.269  1.00 42.87 ? 33  GLN B NE2 1 
ATOM   271  N  N   . GLY A 1 34  ? 10.173  -1.764  -6.517  1.00 28.15 ? 34  GLY B N   1 
ATOM   272  C  CA  . GLY A 1 34  ? 10.109  -3.219  -6.476  1.00 27.57 ? 34  GLY B CA  1 
ATOM   273  C  C   . GLY A 1 34  ? 9.081   -3.779  -7.439  1.00 27.47 ? 34  GLY B C   1 
ATOM   274  O  O   . GLY A 1 34  ? 8.171   -3.068  -7.878  1.00 26.16 ? 34  GLY B O   1 
ATOM   275  N  N   . THR A 1 35  ? 9.241   -5.061  -7.752  1.00 28.07 ? 35  THR B N   1 
ATOM   276  C  CA  . THR A 1 35  ? 8.312   -5.816  -8.589  1.00 30.80 ? 35  THR B CA  1 
ATOM   277  C  C   . THR A 1 35  ? 7.686   -7.002  -7.833  1.00 31.43 ? 35  THR B C   1 
ATOM   278  O  O   . THR A 1 35  ? 7.058   -7.855  -8.458  1.00 35.04 ? 35  THR B O   1 
ATOM   279  C  CB  . THR A 1 35  ? 9.020   -6.313  -9.888  1.00 31.28 ? 35  THR B CB  1 
ATOM   280  O  OG1 . THR A 1 35  ? 10.130  -7.158  -9.562  1.00 30.90 ? 35  THR B OG1 1 
ATOM   281  C  CG2 . THR A 1 35  ? 9.535   -5.152  -10.680 1.00 31.30 ? 35  THR B CG2 1 
ATOM   282  N  N   . GLU A 1 36  ? 7.859   -7.059  -6.506  1.00 32.58 ? 36  GLU B N   1 
ATOM   283  C  CA  . GLU A 1 36  ? 7.237   -8.091  -5.670  1.00 33.28 ? 36  GLU B CA  1 
ATOM   284  C  C   . GLU A 1 36  ? 5.799   -7.650  -5.397  1.00 29.53 ? 36  GLU B C   1 
ATOM   285  O  O   . GLU A 1 36  ? 5.566   -6.507  -5.032  1.00 28.77 ? 36  GLU B O   1 
ATOM   286  C  CB  . GLU A 1 36  ? 8.003   -8.270  -4.342  1.00 37.55 ? 36  GLU B CB  1 
ATOM   287  C  CG  . GLU A 1 36  ? 7.684   -9.567  -3.567  1.00 41.89 ? 36  GLU B CG  1 
ATOM   288  C  CD  . GLU A 1 36  ? 8.191   -9.601  -2.109  1.00 43.86 ? 36  GLU B CD  1 
ATOM   289  O  OE1 . GLU A 1 36  ? 9.366   -9.219  -1.869  1.00 51.45 ? 36  GLU B OE1 1 
ATOM   290  O  OE2 . GLU A 1 36  ? 7.424   -10.027 -1.196  1.00 37.82 ? 36  GLU B OE2 1 
ATOM   291  N  N   . ASP A 1 37  ? 4.831   -8.537  -5.606  1.00 26.57 ? 37  ASP B N   1 
ATOM   292  C  CA  . ASP A 1 37  ? 3.459   -8.221  -5.282  1.00 25.14 ? 37  ASP B CA  1 
ATOM   293  C  C   . ASP A 1 37  ? 3.274   -8.257  -3.767  1.00 25.30 ? 37  ASP B C   1 
ATOM   294  O  O   . ASP A 1 37  ? 2.951   -9.287  -3.181  1.00 25.18 ? 37  ASP B O   1 
ATOM   295  C  CB  . ASP A 1 37  ? 2.462   -9.143  -5.985  1.00 25.24 ? 37  ASP B CB  1 
ATOM   296  C  CG  . ASP A 1 37  ? 1.031   -8.682  -5.798  1.00 24.67 ? 37  ASP B CG  1 
ATOM   297  O  OD1 . ASP A 1 37  ? 0.776   -7.877  -4.869  1.00 22.68 ? 37  ASP B OD1 1 
ATOM   298  O  OD2 . ASP A 1 37  ? 0.149   -9.118  -6.582  1.00 25.23 ? 37  ASP B OD2 1 
ATOM   299  N  N   . LEU A 1 38  ? 3.446   -7.091  -3.153  1.00 24.17 ? 38  LEU B N   1 
ATOM   300  C  CA  . LEU A 1 38  ? 3.312   -6.947  -1.719  1.00 24.84 ? 38  LEU B CA  1 
ATOM   301  C  C   . LEU A 1 38  ? 1.875   -7.061  -1.256  1.00 23.20 ? 38  LEU B C   1 
ATOM   302  O  O   . LEU A 1 38  ? 1.660   -7.271  -0.080  1.00 25.64 ? 38  LEU B O   1 
ATOM   303  C  CB  . LEU A 1 38  ? 3.875   -5.597  -1.261  1.00 26.50 ? 38  LEU B CB  1 
ATOM   304  C  CG  . LEU A 1 38  ? 5.337   -5.316  -1.602  1.00 26.62 ? 38  LEU B CG  1 
ATOM   305  C  CD1 . LEU A 1 38  ? 5.734   -3.956  -1.061  1.00 27.90 ? 38  LEU B CD1 1 
ATOM   306  C  CD2 . LEU A 1 38  ? 6.268   -6.399  -1.070  1.00 28.12 ? 38  LEU B CD2 1 
ATOM   307  N  N   . SER A 1 39  ? 0.903   -6.950  -2.160  1.00 21.33 ? 39  SER B N   1 
ATOM   308  C  CA  . SER A 1 39  ? -0.502  -7.166  -1.810  1.00 22.13 ? 39  SER B CA  1 
ATOM   309  C  C   . SER A 1 39  ? -0.906  -8.631  -1.560  1.00 21.38 ? 39  SER B C   1 
ATOM   310  O  O   . SER A 1 39  ? -1.996  -8.858  -1.099  1.00 20.56 ? 39  SER B O   1 
ATOM   311  C  CB  . SER A 1 39  ? -1.433  -6.615  -2.893  1.00 22.53 ? 39  SER B CB  1 
ATOM   312  O  OG  . SER A 1 39  ? -1.459  -7.444  -4.048  1.00 23.29 ? 39  SER B OG  1 
ATOM   313  N  N   . VAL A 1 40  ? -0.042  -9.607  -1.844  1.00 21.26 ? 40  VAL B N   1 
ATOM   314  C  CA  . VAL A 1 40  ? -0.404  -11.022 -1.663  1.00 21.42 ? 40  VAL B CA  1 
ATOM   315  C  C   . VAL A 1 40  ? -0.684  -11.288 -0.173  1.00 19.95 ? 40  VAL B C   1 
ATOM   316  O  O   . VAL A 1 40  ? 0.160   -11.026 0.665   1.00 19.47 ? 40  VAL B O   1 
ATOM   317  C  CB  . VAL A 1 40  ? 0.679   -11.967 -2.235  1.00 22.02 ? 40  VAL B CB  1 
ATOM   318  C  CG1 . VAL A 1 40  ? 0.331   -13.419 -1.959  1.00 22.58 ? 40  VAL B CG1 1 
ATOM   319  C  CG2 . VAL A 1 40  ? 0.806   -11.752 -3.745  1.00 22.90 ? 40  VAL B CG2 1 
ATOM   320  N  N   . PRO A 1 41  ? -1.894  -11.736 0.154   1.00 19.27 ? 41  PRO B N   1 
ATOM   321  C  CA  . PRO A 1 41  ? -2.247  -11.965 1.545   1.00 19.84 ? 41  PRO B CA  1 
ATOM   322  C  C   . PRO A 1 41  ? -1.664  -13.226 2.113   1.00 21.11 ? 41  PRO B C   1 
ATOM   323  O  O   . PRO A 1 41  ? -1.274  -14.130 1.361   1.00 21.39 ? 41  PRO B O   1 
ATOM   324  C  CB  . PRO A 1 41  ? -3.773  -12.071 1.509   1.00 19.59 ? 41  PRO B CB  1 
ATOM   325  C  CG  . PRO A 1 41  ? -4.080  -12.531 0.141   1.00 19.48 ? 41  PRO B CG  1 
ATOM   326  C  CD  . PRO A 1 41  ? -3.030  -11.969 -0.756  1.00 19.22 ? 41  PRO B CD  1 
ATOM   327  N  N   . GLY A 1 42  ? -1.602  -13.278 3.446   1.00 23.04 ? 42  GLY B N   1 
ATOM   328  C  CA  . GLY A 1 42  ? -1.297  -14.518 4.183   1.00 24.23 ? 42  GLY B CA  1 
ATOM   329  C  C   . GLY A 1 42  ? 0.178   -14.810 4.398   1.00 26.44 ? 42  GLY B C   1 
ATOM   330  O  O   . GLY A 1 42  ? 0.540   -15.838 4.960   1.00 27.68 ? 42  GLY B O   1 
ATOM   331  N  N   . VAL A 1 43  ? 1.014   -13.876 3.988   1.00 27.44 ? 43  VAL B N   1 
ATOM   332  C  CA  . VAL A 1 43  ? 2.451   -13.993 4.056   1.00 28.19 ? 43  VAL B CA  1 
ATOM   333  C  C   . VAL A 1 43  ? 2.955   -12.620 4.551   1.00 26.02 ? 43  VAL B C   1 
ATOM   334  O  O   . VAL A 1 43  ? 2.413   -11.581 4.158   1.00 23.94 ? 43  VAL B O   1 
ATOM   335  C  CB  . VAL A 1 43  ? 2.934   -14.415 2.646   1.00 31.55 ? 43  VAL B CB  1 
ATOM   336  C  CG1 . VAL A 1 43  ? 4.253   -13.778 2.231   1.00 32.79 ? 43  VAL B CG1 1 
ATOM   337  C  CG2 . VAL A 1 43  ? 2.959   -15.944 2.551   1.00 32.45 ? 43  VAL B CG2 1 
ATOM   338  N  N   . GLU A 1 44  ? 3.921   -12.612 5.468   1.00 24.43 ? 44  GLU B N   1 
ATOM   339  C  CA  . GLU A 1 44  ? 4.499   -11.349 5.925   1.00 24.93 ? 44  GLU B CA  1 
ATOM   340  C  C   . GLU A 1 44  ? 5.623   -10.949 4.982   1.00 22.43 ? 44  GLU B C   1 
ATOM   341  O  O   . GLU A 1 44  ? 6.706   -11.492 5.069   1.00 21.70 ? 44  GLU B O   1 
ATOM   342  C  CB  . GLU A 1 44  ? 5.013   -11.416 7.366   1.00 26.53 ? 44  GLU B CB  1 
ATOM   343  C  CG  . GLU A 1 44  ? 5.396   -10.033 7.900   1.00 28.04 ? 44  GLU B CG  1 
ATOM   344  C  CD  . GLU A 1 44  ? 6.087   -10.071 9.253   1.00 28.45 ? 44  GLU B CD  1 
ATOM   345  O  OE1 . GLU A 1 44  ? 5.375   -10.035 10.278  1.00 28.44 ? 44  GLU B OE1 1 
ATOM   346  O  OE2 . GLU A 1 44  ? 7.339   -10.103 9.275   1.00 29.75 ? 44  GLU B OE2 1 
ATOM   347  N  N   . HIS A 1 45  ? 5.355   -9.977  4.116   1.00 19.55 ? 45  HIS B N   1 
ATOM   348  C  CA  . HIS A 1 45  ? 6.344   -9.454  3.198   1.00 19.70 ? 45  HIS B CA  1 
ATOM   349  C  C   . HIS A 1 45  ? 7.318   -8.553  3.959   1.00 20.09 ? 45  HIS B C   1 
ATOM   350  O  O   . HIS A 1 45  ? 7.001   -8.066  5.044   1.00 19.57 ? 45  HIS B O   1 
ATOM   351  C  CB  . HIS A 1 45  ? 5.675   -8.620  2.102   1.00 19.75 ? 45  HIS B CB  1 
ATOM   352  C  CG  . HIS A 1 45  ? 4.584   -9.331  1.365   1.00 19.71 ? 45  HIS B CG  1 
ATOM   353  N  ND1 . HIS A 1 45  ? 4.822   -10.097 0.246   1.00 20.17 ? 45  HIS B ND1 1 
ATOM   354  C  CD2 . HIS A 1 45  ? 3.248   -9.376  1.575   1.00 19.14 ? 45  HIS B CD2 1 
ATOM   355  C  CE1 . HIS A 1 45  ? 3.677   -10.582 -0.200  1.00 19.64 ? 45  HIS B CE1 1 
ATOM   356  N  NE2 . HIS A 1 45  ? 2.710   -10.159 0.590   1.00 19.45 ? 45  HIS B NE2 1 
ATOM   357  N  N   . GLU A 1 46  ? 8.483   -8.324  3.365   1.00 20.35 ? 46  GLU B N   1 
ATOM   358  C  CA  . GLU A 1 46  ? 9.508   -7.450  3.911   1.00 21.92 ? 46  GLU B CA  1 
ATOM   359  C  C   . GLU A 1 46  ? 9.869   -6.444  2.861   1.00 21.90 ? 46  GLU B C   1 
ATOM   360  O  O   . GLU A 1 46  ? 9.816   -6.746  1.670   1.00 22.55 ? 46  GLU B O   1 
ATOM   361  C  CB  . GLU A 1 46  ? 10.763  -8.241  4.264   1.00 23.59 ? 46  GLU B CB  1 
ATOM   362  C  CG  . GLU A 1 46  ? 10.504  -9.336  5.276   1.00 26.33 ? 46  GLU B CG  1 
ATOM   363  C  CD  . GLU A 1 46  ? 11.739  -10.149 5.650   1.00 27.00 ? 46  GLU B CD  1 
ATOM   364  O  OE1 . GLU A 1 46  ? 12.678  -10.262 4.830   1.00 28.74 ? 46  GLU B OE1 1 
ATOM   365  O  OE2 . GLU A 1 46  ? 11.742  -10.668 6.792   1.00 29.59 ? 46  GLU B OE2 1 
ATOM   366  N  N   . ALA A 1 47  ? 10.247  -5.249  3.293   1.00 20.85 ? 47  ALA B N   1 
ATOM   367  C  CA  . ALA A 1 47  ? 10.785  -4.256  2.375   1.00 21.22 ? 47  ALA B CA  1 
ATOM   368  C  C   . ALA A 1 47  ? 11.822  -3.426  3.089   1.00 21.52 ? 47  ALA B C   1 
ATOM   369  O  O   . ALA A 1 47  ? 11.663  -3.151  4.269   1.00 21.96 ? 47  ALA B O   1 
ATOM   370  C  CB  . ALA A 1 47  ? 9.673   -3.361  1.851   1.00 20.47 ? 47  ALA B CB  1 
ATOM   371  N  N   . ARG A 1 48  ? 12.854  -3.014  2.368   1.00 22.85 ? 48  ARG B N   1 
ATOM   372  C  CA  . ARG A 1 48  ? 13.910  -2.162  2.911   1.00 25.85 ? 48  ARG B CA  1 
ATOM   373  C  C   . ARG A 1 48  ? 13.830  -0.806  2.245   1.00 24.52 ? 48  ARG B C   1 
ATOM   374  O  O   . ARG A 1 48  ? 13.913  -0.741  1.038   1.00 22.14 ? 48  ARG B O   1 
ATOM   375  C  CB  . ARG A 1 48  ? 15.292  -2.749  2.626   1.00 28.01 ? 48  ARG B CB  1 
ATOM   376  C  CG  . ARG A 1 48  ? 15.507  -4.149  3.171   1.00 31.82 ? 48  ARG B CG  1 
ATOM   377  C  CD  . ARG A 1 48  ? 16.502  -4.914  2.321   1.00 35.22 ? 48  ARG B CD  1 
ATOM   378  N  NE  . ARG A 1 48  ? 16.552  -6.323  2.701   1.00 41.26 ? 48  ARG B NE  1 
ATOM   379  C  CZ  . ARG A 1 48  ? 17.524  -7.174  2.354   1.00 44.81 ? 48  ARG B CZ  1 
ATOM   380  N  NH1 . ARG A 1 48  ? 18.551  -6.763  1.596   1.00 45.31 ? 48  ARG B NH1 1 
ATOM   381  N  NH2 . ARG A 1 48  ? 17.476  -8.446  2.776   1.00 43.12 ? 48  ARG B NH2 1 
ATOM   382  N  N   . VAL A 1 49  ? 13.678  0.259   3.031   1.00 23.83 ? 49  VAL B N   1 
ATOM   383  C  CA  . VAL A 1 49  ? 13.633  1.618   2.497   1.00 24.38 ? 49  VAL B CA  1 
ATOM   384  C  C   . VAL A 1 49  ? 14.799  2.412   3.059   1.00 24.35 ? 49  VAL B C   1 
ATOM   385  O  O   . VAL A 1 49  ? 15.242  2.126   4.152   1.00 24.92 ? 49  VAL B O   1 
ATOM   386  C  CB  . VAL A 1 49  ? 12.281  2.315   2.773   1.00 23.30 ? 49  VAL B CB  1 
ATOM   387  C  CG1 . VAL A 1 49  ? 11.180  1.584   2.023   1.00 23.36 ? 49  VAL B CG1 1 
ATOM   388  C  CG2 . VAL A 1 49  ? 11.954  2.347   4.266   1.00 23.84 ? 49  VAL B CG2 1 
ATOM   389  N  N   . PRO A 1 50  ? 15.327  3.387   2.293   1.00 25.37 ? 50  PRO B N   1 
ATOM   390  C  CA  . PRO A 1 50  ? 16.377  4.237   2.863   1.00 25.59 ? 50  PRO B CA  1 
ATOM   391  C  C   . PRO A 1 50  ? 15.838  5.053   4.044   1.00 26.42 ? 50  PRO B C   1 
ATOM   392  O  O   . PRO A 1 50  ? 14.717  5.563   4.003   1.00 23.49 ? 50  PRO B O   1 
ATOM   393  C  CB  . PRO A 1 50  ? 16.807  5.128   1.697   1.00 25.82 ? 50  PRO B CB  1 
ATOM   394  C  CG  . PRO A 1 50  ? 15.660  5.099   0.742   1.00 27.13 ? 50  PRO B CG  1 
ATOM   395  C  CD  . PRO A 1 50  ? 14.990  3.765   0.912   1.00 26.03 ? 50  PRO B CD  1 
ATOM   396  N  N   . LYS A 1 51  ? 16.627  5.130   5.106   1.00 26.96 ? 51  LYS B N   1 
ATOM   397  C  CA  . LYS A 1 51  ? 16.205  5.836   6.289   1.00 28.97 ? 51  LYS B CA  1 
ATOM   398  C  C   . LYS A 1 51  ? 15.884  7.308   6.069   1.00 29.28 ? 51  LYS B C   1 
ATOM   399  O  O   . LYS A 1 51  ? 15.085  7.869   6.808   1.00 27.41 ? 51  LYS B O   1 
ATOM   400  C  CB  . LYS A 1 51  ? 17.226  5.658   7.426   1.00 32.45 ? 51  LYS B CB  1 
ATOM   401  C  CG  . LYS A 1 51  ? 18.595  6.294   7.255   1.00 34.16 ? 51  LYS B CG  1 
ATOM   402  C  CD  . LYS A 1 51  ? 19.554  5.813   8.344   1.00 36.83 ? 51  LYS B CD  1 
ATOM   403  C  CE  . LYS A 1 51  ? 20.112  4.426   8.016   1.00 41.71 ? 51  LYS B CE  1 
ATOM   404  N  NZ  . LYS A 1 51  ? 20.781  3.700   9.145   1.00 42.02 ? 51  LYS B NZ  1 
ATOM   405  N  N   . LYS A 1 52  ? 16.485  7.931   5.057   1.00 31.25 ? 52  LYS B N   1 
ATOM   406  C  CA  . LYS A 1 52  ? 16.176  9.330   4.741   1.00 33.69 ? 52  LYS B CA  1 
ATOM   407  C  C   . LYS A 1 52  ? 14.714  9.561   4.340   1.00 31.56 ? 52  LYS B C   1 
ATOM   408  O  O   . LYS A 1 52  ? 14.269  10.706  4.334   1.00 31.54 ? 52  LYS B O   1 
ATOM   409  C  CB  . LYS A 1 52  ? 17.125  9.905   3.669   1.00 36.23 ? 52  LYS B CB  1 
ATOM   410  C  CG  . LYS A 1 52  ? 16.958  9.306   2.285   1.00 40.45 ? 52  LYS B CG  1 
ATOM   411  C  CD  . LYS A 1 52  ? 17.925  9.899   1.268   1.00 43.08 ? 52  LYS B CD  1 
ATOM   412  C  CE  . LYS A 1 52  ? 17.999  9.014   0.034   1.00 45.99 ? 52  LYS B CE  1 
ATOM   413  N  NZ  . LYS A 1 52  ? 18.204  9.814   -1.204  1.00 48.82 ? 52  LYS B NZ  1 
ATOM   414  N  N   . ILE A 1 53  ? 13.963  8.502   4.023   1.00 28.57 ? 53  ILE B N   1 
ATOM   415  C  CA  . ILE A 1 53  ? 12.529  8.642   3.761   1.00 26.99 ? 53  ILE B CA  1 
ATOM   416  C  C   . ILE A 1 53  ? 11.793  9.253   4.947   1.00 25.81 ? 53  ILE B C   1 
ATOM   417  O  O   . ILE A 1 53  ? 10.806  9.986   4.769   1.00 24.50 ? 53  ILE B O   1 
ATOM   418  C  CB  . ILE A 1 53  ? 11.853  7.289   3.356   1.00 28.08 ? 53  ILE B CB  1 
ATOM   419  C  CG1 . ILE A 1 53  ? 10.460  7.535   2.773   1.00 28.46 ? 53  ILE B CG1 1 
ATOM   420  C  CG2 . ILE A 1 53  ? 11.759  6.313   4.521   1.00 27.67 ? 53  ILE B CG2 1 
ATOM   421  C  CD1 . ILE A 1 53  ? 9.918   6.351   2.015   1.00 30.05 ? 53  ILE B CD1 1 
ATOM   422  N  N   . LEU A 1 54  ? 12.272  8.967   6.157   1.00 23.60 ? 54  LEU B N   1 
ATOM   423  C  CA  . LEU A 1 54  ? 11.661  9.548   7.350   1.00 23.62 ? 54  LEU B CA  1 
ATOM   424  C  C   . LEU A 1 54  ? 11.823  11.089  7.458   1.00 24.44 ? 54  LEU B C   1 
ATOM   425  O  O   . LEU A 1 54  ? 11.074  11.716  8.193   1.00 23.38 ? 54  LEU B O   1 
ATOM   426  C  CB  . LEU A 1 54  ? 12.164  8.842   8.610   1.00 22.29 ? 54  LEU B CB  1 
ATOM   427  C  CG  . LEU A 1 54  ? 11.874  7.336   8.696   1.00 21.91 ? 54  LEU B CG  1 
ATOM   428  C  CD1 . LEU A 1 54  ? 12.732  6.709   9.787   1.00 22.18 ? 54  LEU B CD1 1 
ATOM   429  C  CD2 . LEU A 1 54  ? 10.404  7.009   8.931   1.00 21.13 ? 54  LEU B CD2 1 
ATOM   430  N  N   . LYS A 1 55  ? 12.775  11.673  6.720   1.00 26.43 ? 55  LYS B N   1 
ATOM   431  C  CA  . LYS A 1 55  ? 12.958  13.130  6.655   1.00 29.86 ? 55  LYS B CA  1 
ATOM   432  C  C   . LYS A 1 55  ? 12.044  13.815  5.630   1.00 32.10 ? 55  LYS B C   1 
ATOM   433  O  O   . LYS A 1 55  ? 11.874  15.025  5.704   1.00 32.26 ? 55  LYS B O   1 
ATOM   434  C  CB  . LYS A 1 55  ? 14.406  13.496  6.295   1.00 31.80 ? 55  LYS B CB  1 
ATOM   435  C  CG  . LYS A 1 55  ? 15.492  12.913  7.184   1.00 33.47 ? 55  LYS B CG  1 
ATOM   436  C  CD  . LYS A 1 55  ? 15.333  13.321  8.633   1.00 35.57 ? 55  LYS B CD  1 
ATOM   437  C  CE  . LYS A 1 55  ? 16.520  12.848  9.470   1.00 38.61 ? 55  LYS B CE  1 
ATOM   438  N  NZ  . LYS A 1 55  ? 16.523  13.450  10.843  1.00 39.90 ? 55  LYS B NZ  1 
ATOM   439  N  N   . CYS A 1 56  ? 11.483  13.062  4.674   1.00 32.09 ? 56  CYS B N   1 
ATOM   440  C  CA  . CYS A 1 56  ? 10.597  13.632  3.643   1.00 32.74 ? 56  CYS B CA  1 
ATOM   441  C  C   . CYS A 1 56  ? 9.384   14.308  4.218   1.00 35.43 ? 56  CYS B C   1 
ATOM   442  O  O   . CYS A 1 56  ? 8.835   13.845  5.215   1.00 39.34 ? 56  CYS B O   1 
ATOM   443  C  CB  . CYS A 1 56  ? 10.102  12.550  2.699   1.00 30.32 ? 56  CYS B CB  1 
ATOM   444  S  SG  . CYS A 1 56  ? 11.419  11.864  1.701   1.00 29.21 ? 56  CYS B SG  1 
ATOM   445  N  N   . LYS A 1 57  ? 8.949   15.389  3.581   1.00 38.16 ? 57  LYS B N   1 
ATOM   446  C  CA  . LYS A 1 57  ? 7.684   16.017  3.949   1.00 39.71 ? 57  LYS B CA  1 
ATOM   447  C  C   . LYS A 1 57  ? 6.514   15.250  3.318   1.00 35.53 ? 57  LYS B C   1 
ATOM   448  O  O   . LYS A 1 57  ? 5.427   15.159  3.892   1.00 33.71 ? 57  LYS B O   1 
ATOM   449  C  CB  . LYS A 1 57  ? 7.662   17.486  3.520   1.00 47.16 ? 57  LYS B CB  1 
ATOM   450  C  CG  . LYS A 1 57  ? 6.378   18.230  3.874   1.00 53.83 ? 57  LYS B CG  1 
ATOM   451  C  CD  . LYS A 1 57  ? 5.947   17.998  5.325   1.00 59.53 ? 57  LYS B CD  1 
ATOM   452  C  CE  . LYS A 1 57  ? 4.807   18.919  5.730   1.00 63.96 ? 57  LYS B CE  1 
ATOM   453  N  NZ  . LYS A 1 57  ? 5.259   20.336  5.849   1.00 65.69 ? 57  LYS B NZ  1 
ATOM   454  N  N   . ALA A 1 58  ? 6.743   14.719  2.128   1.00 30.84 ? 58  ALA B N   1 
ATOM   455  C  CA  . ALA A 1 58  ? 5.759   13.881  1.462   1.00 31.49 ? 58  ALA B CA  1 
ATOM   456  C  C   . ALA A 1 58  ? 6.429   12.919  0.476   1.00 29.54 ? 58  ALA B C   1 
ATOM   457  O  O   . ALA A 1 58  ? 7.552   13.152  -0.013  1.00 27.69 ? 58  ALA B O   1 
ATOM   458  C  CB  . ALA A 1 58  ? 4.713   14.726  0.751   1.00 31.28 ? 58  ALA B CB  1 
ATOM   459  N  N   . VAL A 1 59  ? 5.729   11.821  0.222   1.00 27.30 ? 59  VAL B N   1 
ATOM   460  C  CA  . VAL A 1 59  ? 6.250   10.758  -0.618  1.00 28.02 ? 59  VAL B CA  1 
ATOM   461  C  C   . VAL A 1 59  ? 5.209   10.503  -1.679  1.00 27.28 ? 59  VAL B C   1 
ATOM   462  O  O   . VAL A 1 59  ? 4.004   10.489  -1.389  1.00 25.95 ? 59  VAL B O   1 
ATOM   463  C  CB  . VAL A 1 59  ? 6.528   9.498   0.211   1.00 28.42 ? 59  VAL B CB  1 
ATOM   464  C  CG1 . VAL A 1 59  ? 6.797   8.293   -0.682  1.00 31.31 ? 59  VAL B CG1 1 
ATOM   465  C  CG2 . VAL A 1 59  ? 7.710   9.755   1.135   1.00 29.48 ? 59  VAL B CG2 1 
ATOM   466  N  N   . SER A 1 60  ? 5.673   10.337  -2.911  1.00 26.81 ? 60  SER B N   1 
ATOM   467  C  CA  . SER A 1 60  ? 4.768   10.044  -4.003  1.00 28.35 ? 60  SER B CA  1 
ATOM   468  C  C   . SER A 1 60  ? 4.922   8.571   -4.314  1.00 26.38 ? 60  SER B C   1 
ATOM   469  O  O   . SER A 1 60  ? 6.024   8.126   -4.601  1.00 25.21 ? 60  SER B O   1 
ATOM   470  C  CB  . SER A 1 60  ? 5.093   10.883  -5.247  1.00 29.22 ? 60  SER B CB  1 
ATOM   471  O  OG  . SER A 1 60  ? 4.113   10.660  -6.261  1.00 30.63 ? 60  SER B OG  1 
ATOM   472  N  N   . ARG A 1 61  ? 3.816   7.834   -4.263  1.00 24.77 ? 61  ARG B N   1 
ATOM   473  C  CA  . ARG A 1 61  ? 3.813   6.418   -4.628  1.00 23.39 ? 61  ARG B CA  1 
ATOM   474  C  C   . ARG A 1 61  ? 3.158   6.207   -5.966  1.00 23.48 ? 61  ARG B C   1 
ATOM   475  O  O   . ARG A 1 61  ? 2.040   6.681   -6.165  1.00 23.53 ? 61  ARG B O   1 
ATOM   476  C  CB  . ARG A 1 61  ? 3.039   5.621   -3.598  1.00 21.78 ? 61  ARG B CB  1 
ATOM   477  C  CG  . ARG A 1 61  ? 3.030   4.126   -3.857  1.00 21.36 ? 61  ARG B CG  1 
ATOM   478  C  CD  . ARG A 1 61  ? 2.391   3.426   -2.676  1.00 20.99 ? 61  ARG B CD  1 
ATOM   479  N  NE  . ARG A 1 61  ? 0.971   3.701   -2.576  1.00 19.76 ? 61  ARG B NE  1 
ATOM   480  C  CZ  . ARG A 1 61  ? 0.258   3.683   -1.455  1.00 18.83 ? 61  ARG B CZ  1 
ATOM   481  N  NH1 . ARG A 1 61  ? 0.816   3.412   -0.274  1.00 18.02 ? 61  ARG B NH1 1 
ATOM   482  N  NH2 . ARG A 1 61  ? -1.043  3.934   -1.522  1.00 18.14 ? 61  ARG B NH2 1 
ATOM   483  N  N   . GLU A 1 62  ? 3.836   5.458   -6.841  1.00 24.27 ? 62  GLU B N   1 
ATOM   484  C  CA  . GLU A 1 62  ? 3.278   4.955   -8.084  1.00 25.56 ? 62  GLU B CA  1 
ATOM   485  C  C   . GLU A 1 62  ? 3.132   3.453   -7.943  1.00 24.59 ? 62  GLU B C   1 
ATOM   486  O  O   . GLU A 1 62  ? 4.101   2.783   -7.630  1.00 25.17 ? 62  GLU B O   1 
ATOM   487  C  CB  . GLU A 1 62  ? 4.221   5.191   -9.257  1.00 28.98 ? 62  GLU B CB  1 
ATOM   488  C  CG  . GLU A 1 62  ? 4.044   6.483   -10.026 1.00 32.32 ? 62  GLU B CG  1 
ATOM   489  C  CD  . GLU A 1 62  ? 4.688   6.409   -11.410 1.00 35.29 ? 62  GLU B CD  1 
ATOM   490  O  OE1 . GLU A 1 62  ? 5.805   5.853   -11.528 1.00 33.53 ? 62  GLU B OE1 1 
ATOM   491  O  OE2 . GLU A 1 62  ? 4.060   6.890   -12.387 1.00 40.15 ? 62  GLU B OE2 1 
ATOM   492  N  N   . LEU A 1 63  ? 1.954   2.933   -8.256  1.00 23.42 ? 63  LEU B N   1 
ATOM   493  C  CA  . LEU A 1 63  ? 1.597   1.528   -8.041  1.00 23.39 ? 63  LEU B CA  1 
ATOM   494  C  C   . LEU A 1 63  ? 0.932   1.026   -9.323  1.00 22.53 ? 63  LEU B C   1 
ATOM   495  O  O   . LEU A 1 63  ? -0.088  1.586   -9.724  1.00 24.06 ? 63  LEU B O   1 
ATOM   496  C  CB  . LEU A 1 63  ? 0.631   1.492   -6.860  1.00 24.51 ? 63  LEU B CB  1 
ATOM   497  C  CG  . LEU A 1 63  ? 0.111   0.185   -6.274  1.00 26.01 ? 63  LEU B CG  1 
ATOM   498  C  CD1 . LEU A 1 63  ? -0.487  0.398   -4.884  1.00 25.24 ? 63  LEU B CD1 1 
ATOM   499  C  CD2 . LEU A 1 63  ? -0.882  -0.476  -7.222  1.00 26.60 ? 63  LEU B CD2 1 
ATOM   500  N  N   . ASN A 1 64  ? 1.507   0.023   -9.984  1.00 20.04 ? 64  ASN B N   1 
ATOM   501  C  CA  . ASN A 1 64  ? 0.948   -0.524  -11.229 1.00 20.48 ? 64  ASN B CA  1 
ATOM   502  C  C   . ASN A 1 64  ? 0.272   -1.882  -10.996 1.00 19.15 ? 64  ASN B C   1 
ATOM   503  O  O   . ASN A 1 64  ? 0.894   -2.785  -10.476 1.00 20.18 ? 64  ASN B O   1 
ATOM   504  C  CB  . ASN A 1 64  ? 2.044   -0.635  -12.291 1.00 20.66 ? 64  ASN B CB  1 
ATOM   505  C  CG  . ASN A 1 64  ? 1.518   -1.054  -13.657 1.00 20.79 ? 64  ASN B CG  1 
ATOM   506  O  OD1 . ASN A 1 64  ? 1.371   -2.237  -13.937 1.00 21.58 ? 64  ASN B OD1 1 
ATOM   507  N  ND2 . ASN A 1 64  ? 1.305   -0.079  -14.542 1.00 21.01 ? 64  ASN B ND2 1 
ATOM   508  N  N   . PHE A 1 65  ? -0.989  -2.017  -11.393 1.00 17.91 ? 65  PHE B N   1 
ATOM   509  C  CA  . PHE A 1 65  ? -1.750  -3.223  -11.135 1.00 17.84 ? 65  PHE B CA  1 
ATOM   510  C  C   . PHE A 1 65  ? -2.592  -3.628  -12.331 1.00 18.52 ? 65  PHE B C   1 
ATOM   511  O  O   . PHE A 1 65  ? -2.954  -2.795  -13.158 1.00 18.76 ? 65  PHE B O   1 
ATOM   512  C  CB  . PHE A 1 65  ? -2.653  -3.049  -9.913  1.00 17.48 ? 65  PHE B CB  1 
ATOM   513  C  CG  . PHE A 1 65  ? -3.783  -2.084  -10.112 1.00 17.12 ? 65  PHE B CG  1 
ATOM   514  C  CD1 . PHE A 1 65  ? -3.601  -0.720  -9.887  1.00 16.93 ? 65  PHE B CD1 1 
ATOM   515  C  CD2 . PHE A 1 65  ? -5.044  -2.535  -10.509 1.00 17.24 ? 65  PHE B CD2 1 
ATOM   516  C  CE1 . PHE A 1 65  ? -4.650  0.172   -10.064 1.00 16.33 ? 65  PHE B CE1 1 
ATOM   517  C  CE2 . PHE A 1 65  ? -6.099  -1.640  -10.685 1.00 17.16 ? 65  PHE B CE2 1 
ATOM   518  C  CZ  . PHE A 1 65  ? -5.899  -0.281  -10.457 1.00 16.54 ? 65  PHE B CZ  1 
ATOM   519  N  N   . SER A 1 66  ? -2.872  -4.925  -12.406 1.00 18.13 ? 66  SER B N   1 
ATOM   520  C  CA  . SER A 1 66  ? -3.752  -5.504  -13.394 1.00 17.65 ? 66  SER B CA  1 
ATOM   521  C  C   . SER A 1 66  ? -4.964  -6.100  -12.670 1.00 17.23 ? 66  SER B C   1 
ATOM   522  O  O   . SER A 1 66  ? -4.830  -6.586  -11.541 1.00 15.25 ? 66  SER B O   1 
ATOM   523  C  CB  . SER A 1 66  ? -3.015  -6.602  -14.146 1.00 18.68 ? 66  SER B CB  1 
ATOM   524  O  OG  . SER A 1 66  ? -1.819  -6.112  -14.721 1.00 19.59 ? 66  SER B OG  1 
ATOM   525  N  N   . SER A 1 67  ? -6.128  -6.073  -13.326 1.00 16.86 ? 67  SER B N   1 
ATOM   526  C  CA  . SER A 1 67  ? -7.352  -6.660  -12.775 1.00 17.78 ? 67  SER B CA  1 
ATOM   527  C  C   . SER A 1 67  ? -8.199  -7.256  -13.884 1.00 18.34 ? 67  SER B C   1 
ATOM   528  O  O   . SER A 1 67  ? -8.637  -6.524  -14.768 1.00 20.34 ? 67  SER B O   1 
ATOM   529  C  CB  . SER A 1 67  ? -8.155  -5.591  -12.028 1.00 16.76 ? 67  SER B CB  1 
ATOM   530  O  OG  . SER A 1 67  ? -9.386  -6.118  -11.564 1.00 16.07 ? 67  SER B OG  1 
ATOM   531  N  N   . THR A 1 68  ? -8.438  -8.564  -13.848 1.00 18.47 ? 68  THR B N   1 
ATOM   532  C  CA  . THR A 1 68  ? -9.359  -9.195  -14.789 1.00 18.00 ? 68  THR B CA  1 
ATOM   533  C  C   . THR A 1 68  ? -10.777 -8.719  -14.519 1.00 17.43 ? 68  THR B C   1 
ATOM   534  O  O   . THR A 1 68  ? -11.543 -8.492  -15.439 1.00 16.77 ? 68  THR B O   1 
ATOM   535  C  CB  . THR A 1 68  ? -9.326  -10.747 -14.760 1.00 19.21 ? 68  THR B CB  1 
ATOM   536  O  OG1 . THR A 1 68  ? -9.788  -11.239 -13.496 1.00 19.01 ? 68  THR B OG1 1 
ATOM   537  C  CG2 . THR A 1 68  ? -7.919  -11.287 -15.064 1.00 19.07 ? 68  THR B CG2 1 
ATOM   538  N  N   . GLU A 1 69  ? -11.105 -8.543  -13.246 1.00 18.29 ? 69  GLU B N   1 
ATOM   539  C  CA  . GLU A 1 69  ? -12.437 -8.106  -12.847 1.00 18.35 ? 69  GLU B CA  1 
ATOM   540  C  C   . GLU A 1 69  ? -12.619 -6.599  -12.876 1.00 17.81 ? 69  GLU B C   1 
ATOM   541  O  O   . GLU A 1 69  ? -11.707 -5.828  -12.567 1.00 17.04 ? 69  GLU B O   1 
ATOM   542  C  CB  . GLU A 1 69  ? -12.783 -8.616  -11.430 1.00 18.34 ? 69  GLU B CB  1 
ATOM   543  C  CG  . GLU A 1 69  ? -12.644 -10.111 -11.267 1.00 19.18 ? 69  GLU B CG  1 
ATOM   544  C  CD  . GLU A 1 69  ? -13.301 -10.853 -12.404 1.00 18.79 ? 69  GLU B CD  1 
ATOM   545  O  OE1 . GLU A 1 69  ? -14.540 -10.813 -12.455 1.00 18.12 ? 69  GLU B OE1 1 
ATOM   546  O  OE2 . GLU A 1 69  ? -12.578 -11.385 -13.276 1.00 19.19 ? 69  GLU B OE2 1 
ATOM   547  N  N   . GLN A 1 70  ? -13.843 -6.210  -13.216 1.00 17.96 ? 70  GLN B N   1 
ATOM   548  C  CA  . GLN A 1 70  ? -14.297 -4.835  -13.123 1.00 17.67 ? 70  GLN B CA  1 
ATOM   549  C  C   . GLN A 1 70  ? -14.470 -4.523  -11.653 1.00 17.92 ? 70  GLN B C   1 
ATOM   550  O  O   . GLN A 1 70  ? -14.919 -5.386  -10.891 1.00 17.10 ? 70  GLN B O   1 
ATOM   551  C  CB  . GLN A 1 70  ? -15.661 -4.666  -13.804 1.00 17.19 ? 70  GLN B CB  1 
ATOM   552  C  CG  . GLN A 1 70  ? -16.229 -3.247  -13.756 1.00 16.88 ? 70  GLN B CG  1 
ATOM   553  C  CD  . GLN A 1 70  ? -17.395 -3.069  -14.705 1.00 16.62 ? 70  GLN B CD  1 
ATOM   554  O  OE1 . GLN A 1 70  ? -17.252 -3.195  -15.924 1.00 16.38 ? 70  GLN B OE1 1 
ATOM   555  N  NE2 . GLN A 1 70  ? -18.551 -2.791  -14.150 1.00 16.96 ? 70  GLN B NE2 1 
ATOM   556  N  N   . MET A 1 71  ? -14.104 -3.301  -11.274 1.00 18.40 ? 71  MET B N   1 
ATOM   557  C  CA  . MET A 1 71  ? -14.410 -2.763  -9.961  1.00 20.24 ? 71  MET B CA  1 
ATOM   558  C  C   . MET A 1 71  ? -15.062 -1.392  -10.091 1.00 21.40 ? 71  MET B C   1 
ATOM   559  O  O   . MET A 1 71  ? -14.673 -0.573  -10.947 1.00 20.88 ? 71  MET B O   1 
ATOM   560  C  CB  . MET A 1 71  ? -13.162 -2.679  -9.092  1.00 20.66 ? 71  MET B CB  1 
ATOM   561  C  CG  . MET A 1 71  ? -12.646 -4.016  -8.568  1.00 20.87 ? 71  MET B CG  1 
ATOM   562  S  SD  . MET A 1 71  ? -11.202 -3.832  -7.479  1.00 22.19 ? 71  MET B SD  1 
ATOM   563  C  CE  . MET A 1 71  ? -9.855  -3.973  -8.650  1.00 21.41 ? 71  MET B CE  1 
ATOM   564  N  N   . GLU A 1 72  ? -16.038 -1.159  -9.214  1.00 24.29 ? 72  GLU B N   1 
ATOM   565  C  CA  . GLU A 1 72  ? -16.824 0.068   -9.204  1.00 28.20 ? 72  GLU B CA  1 
ATOM   566  C  C   . GLU A 1 72  ? -16.010 1.152   -8.484  1.00 26.96 ? 72  GLU B C   1 
ATOM   567  O  O   . GLU A 1 72  ? -15.783 2.219   -9.030  1.00 24.36 ? 72  GLU B O   1 
ATOM   568  C  CB  . GLU A 1 72  ? -18.179 -0.117  -8.496  1.00 34.62 ? 72  GLU B CB  1 
ATOM   569  C  CG  . GLU A 1 72  ? -18.882 -1.484  -8.638  1.00 42.24 ? 72  GLU B CG  1 
ATOM   570  C  CD  . GLU A 1 72  ? -19.494 -1.700  -10.013 1.00 47.92 ? 72  GLU B CD  1 
ATOM   571  O  OE1 . GLU A 1 72  ? -20.543 -1.053  -10.281 1.00 55.64 ? 72  GLU B OE1 1 
ATOM   572  O  OE2 . GLU A 1 72  ? -18.944 -2.520  -10.804 1.00 49.67 ? 72  GLU B OE2 1 
ATOM   573  N  N   . LYS A 1 73  ? -15.550 0.858   -7.268  1.00 27.06 ? 73  LYS B N   1 
ATOM   574  C  CA  . LYS A 1 73  ? -14.858 1.852   -6.438  1.00 28.67 ? 73  LYS B CA  1 
ATOM   575  C  C   . LYS A 1 73  ? -13.642 1.247   -5.727  1.00 25.32 ? 73  LYS B C   1 
ATOM   576  O  O   . LYS A 1 73  ? -13.650 1.014   -4.522  1.00 22.66 ? 73  LYS B O   1 
ATOM   577  C  CB  . LYS A 1 73  ? -15.848 2.463   -5.445  1.00 33.31 ? 73  LYS B CB  1 
ATOM   578  C  CG  . LYS A 1 73  ? -15.296 3.677   -4.702  1.00 40.82 ? 73  LYS B CG  1 
ATOM   579  C  CD  . LYS A 1 73  ? -16.409 4.499   -4.053  1.00 46.81 ? 73  LYS B CD  1 
ATOM   580  C  CE  . LYS A 1 73  ? -15.854 5.442   -2.984  1.00 50.31 ? 73  LYS B CE  1 
ATOM   581  N  NZ  . LYS A 1 73  ? -16.824 6.503   -2.558  1.00 49.95 ? 73  LYS B NZ  1 
ATOM   582  N  N   . PHE A 1 74  ? -12.602 0.980   -6.499  1.00 23.53 ? 74  PHE B N   1 
ATOM   583  C  CA  . PHE A 1 74  ? -11.392 0.374   -5.972  1.00 22.99 ? 74  PHE B CA  1 
ATOM   584  C  C   . PHE A 1 74  ? -10.688 1.379   -5.048  1.00 22.00 ? 74  PHE B C   1 
ATOM   585  O  O   . PHE A 1 74  ? -10.536 2.561   -5.376  1.00 20.90 ? 74  PHE B O   1 
ATOM   586  C  CB  . PHE A 1 74  ? -10.488 -0.075  -7.113  1.00 21.85 ? 74  PHE B CB  1 
ATOM   587  C  CG  . PHE A 1 74  ? -9.187  -0.696  -6.678  1.00 22.00 ? 74  PHE B CG  1 
ATOM   588  C  CD1 . PHE A 1 74  ? -9.162  -1.717  -5.746  1.00 23.10 ? 74  PHE B CD1 1 
ATOM   589  C  CD2 . PHE A 1 74  ? -7.984  -0.297  -7.249  1.00 21.85 ? 74  PHE B CD2 1 
ATOM   590  C  CE1 . PHE A 1 74  ? -7.964  -2.310  -5.365  1.00 22.79 ? 74  PHE B CE1 1 
ATOM   591  C  CE2 . PHE A 1 74  ? -6.781  -0.885  -6.882  1.00 22.63 ? 74  PHE B CE2 1 
ATOM   592  C  CZ  . PHE A 1 74  ? -6.764  -1.890  -5.927  1.00 22.89 ? 74  PHE B CZ  1 
ATOM   593  N  N   . ARG A 1 75  ? -10.308 0.911   -3.871  1.00 21.28 ? 75  ARG B N   1 
ATOM   594  C  CA  . ARG A 1 75  ? -9.656  1.782   -2.884  1.00 21.01 ? 75  ARG B CA  1 
ATOM   595  C  C   . ARG A 1 75  ? -8.825  0.964   -1.906  1.00 20.38 ? 75  ARG B C   1 
ATOM   596  O  O   . ARG A 1 75  ? -8.940  -0.285  -1.863  1.00 19.40 ? 75  ARG B O   1 
ATOM   597  C  CB  . ARG A 1 75  ? -10.712 2.621   -2.156  1.00 21.10 ? 75  ARG B CB  1 
ATOM   598  C  CG  . ARG A 1 75  ? -11.681 1.832   -1.310  1.00 21.47 ? 75  ARG B CG  1 
ATOM   599  C  CD  . ARG A 1 75  ? -12.742 2.725   -0.684  1.00 21.38 ? 75  ARG B CD  1 
ATOM   600  N  NE  . ARG A 1 75  ? -13.498 1.888   0.234   1.00 22.09 ? 75  ARG B NE  1 
ATOM   601  C  CZ  . ARG A 1 75  ? -13.165 1.627   1.502   1.00 23.04 ? 75  ARG B CZ  1 
ATOM   602  N  NH1 . ARG A 1 75  ? -12.096 2.200   2.076   1.00 22.95 ? 75  ARG B NH1 1 
ATOM   603  N  NH2 . ARG A 1 75  ? -13.924 0.793   2.215   1.00 21.57 ? 75  ARG B NH2 1 
ATOM   604  N  N   . LEU A 1 76  ? -7.980  1.674   -1.164  1.00 20.30 ? 76  LEU B N   1 
ATOM   605  C  CA  . LEU A 1 76  ? -7.100  1.107   -0.139  1.00 20.91 ? 76  LEU B CA  1 
ATOM   606  C  C   . LEU A 1 76  ? -7.236  1.811   1.185   1.00 19.16 ? 76  LEU B C   1 
ATOM   607  O  O   . LEU A 1 76  ? -7.372  3.038   1.243   1.00 19.67 ? 76  LEU B O   1 
ATOM   608  C  CB  . LEU A 1 76  ? -5.608  1.236   -0.525  1.00 23.28 ? 76  LEU B CB  1 
ATOM   609  C  CG  . LEU A 1 76  ? -5.160  0.687   -1.857  1.00 24.99 ? 76  LEU B CG  1 
ATOM   610  C  CD1 . LEU A 1 76  ? -3.699  1.013   -2.080  1.00 26.15 ? 76  LEU B CD1 1 
ATOM   611  C  CD2 . LEU A 1 76  ? -5.392  -0.814  -1.934  1.00 27.20 ? 76  LEU B CD2 1 
ATOM   612  N  N   . GLU A 1 77  ? -7.152  1.020   2.246   1.00 18.78 ? 77  GLU B N   1 
ATOM   613  C  CA  . GLU A 1 77  ? -6.936  1.514   3.595   1.00 18.92 ? 77  GLU B CA  1 
ATOM   614  C  C   . GLU A 1 77  ? -5.589  0.953   4.040   1.00 18.64 ? 77  GLU B C   1 
ATOM   615  O  O   . GLU A 1 77  ? -5.350  -0.238  3.925   1.00 17.80 ? 77  GLU B O   1 
ATOM   616  C  CB  . GLU A 1 77  ? -8.046  1.047   4.540   1.00 19.21 ? 77  GLU B CB  1 
ATOM   617  C  CG  . GLU A 1 77  ? -9.424  1.555   4.139   1.00 20.30 ? 77  GLU B CG  1 
ATOM   618  C  CD  . GLU A 1 77  ? -10.553 1.203   5.108   1.00 20.65 ? 77  GLU B CD  1 
ATOM   619  O  OE1 . GLU A 1 77  ? -10.320 0.503   6.130   1.00 22.43 ? 77  GLU B OE1 1 
ATOM   620  O  OE2 . GLU A 1 77  ? -11.703 1.613   4.813   1.00 20.76 ? 77  GLU B OE2 1 
ATOM   621  N  N   . GLN A 1 78  ? -4.711  1.816   4.534   1.00 18.85 ? 78  GLN B N   1 
ATOM   622  C  CA  . GLN A 1 78  ? -3.444  1.383   5.081   1.00 20.27 ? 78  GLN B CA  1 
ATOM   623  C  C   . GLN A 1 78  ? -3.273  1.854   6.529   1.00 20.90 ? 78  GLN B C   1 
ATOM   624  O  O   . GLN A 1 78  ? -3.464  3.032   6.815   1.00 20.92 ? 78  GLN B O   1 
ATOM   625  C  CB  . GLN A 1 78  ? -2.312  1.894   4.212   1.00 19.53 ? 78  GLN B CB  1 
ATOM   626  C  CG  . GLN A 1 78  ? -2.325  1.341   2.816   1.00 18.81 ? 78  GLN B CG  1 
ATOM   627  C  CD  . GLN A 1 78  ? -1.085  1.707   2.070   1.00 18.90 ? 78  GLN B CD  1 
ATOM   628  O  OE1 . GLN A 1 78  ? -0.894  2.856   1.748   1.00 20.16 ? 78  GLN B OE1 1 
ATOM   629  N  NE2 . GLN A 1 78  ? -0.218  0.730   1.807   1.00 19.42 ? 78  GLN B NE2 1 
ATOM   630  N  N   . LYS A 1 79  ? -2.951  0.923   7.428   1.00 21.69 ? 79  LYS B N   1 
ATOM   631  C  CA  . LYS A 1 79  ? -2.667  1.221   8.836   1.00 23.01 ? 79  LYS B CA  1 
ATOM   632  C  C   . LYS A 1 79  ? -1.198  0.952   9.121   1.00 23.14 ? 79  LYS B C   1 
ATOM   633  O  O   . LYS A 1 79  ? -0.685  -0.127  8.809   1.00 22.05 ? 79  LYS B O   1 
ATOM   634  C  CB  . LYS A 1 79  ? -3.504  0.361   9.764   1.00 25.98 ? 79  LYS B CB  1 
ATOM   635  C  CG  . LYS A 1 79  ? -4.978  0.747   9.812   1.00 29.71 ? 79  LYS B CG  1 
ATOM   636  C  CD  . LYS A 1 79  ? -5.698  -0.062  10.877  1.00 32.41 ? 79  LYS B CD  1 
ATOM   637  C  CE  . LYS A 1 79  ? -7.119  0.423   11.097  1.00 37.39 ? 79  LYS B CE  1 
ATOM   638  N  NZ  . LYS A 1 79  ? -7.622  -0.012  12.434  1.00 42.13 ? 79  LYS B NZ  1 
ATOM   639  N  N   . VAL A 1 80  ? -0.540  1.933   9.739   1.00 22.20 ? 80  VAL B N   1 
ATOM   640  C  CA  . VAL A 1 80  ? 0.875   1.862   10.051  1.00 22.04 ? 80  VAL B CA  1 
ATOM   641  C  C   . VAL A 1 80  ? 1.022   1.562   11.538  1.00 20.54 ? 80  VAL B C   1 
ATOM   642  O  O   . VAL A 1 80  ? 0.683   2.393   12.366  1.00 19.84 ? 80  VAL B O   1 
ATOM   643  C  CB  . VAL A 1 80  ? 1.571   3.186   9.676   1.00 22.67 ? 80  VAL B CB  1 
ATOM   644  C  CG1 . VAL A 1 80  ? 3.061   3.106   9.940   1.00 23.80 ? 80  VAL B CG1 1 
ATOM   645  C  CG2 . VAL A 1 80  ? 1.340   3.505   8.212   1.00 22.17 ? 80  VAL B CG2 1 
ATOM   646  N  N   . TYR A 1 81  ? 1.493   0.358   11.858  1.00 19.96 ? 81  TYR B N   1 
ATOM   647  C  CA  . TYR A 1 81  ? 1.700   -0.074  13.239  1.00 20.38 ? 81  TYR B CA  1 
ATOM   648  C  C   . TYR A 1 81  ? 3.177   -0.018  13.650  1.00 19.48 ? 81  TYR B C   1 
ATOM   649  O  O   . TYR A 1 81  ? 4.048   -0.443  12.894  1.00 18.81 ? 81  TYR B O   1 
ATOM   650  C  CB  . TYR A 1 81  ? 1.211   -1.502  13.459  1.00 20.42 ? 81  TYR B CB  1 
ATOM   651  C  CG  . TYR A 1 81  ? -0.260  -1.714  13.233  1.00 22.10 ? 81  TYR B CG  1 
ATOM   652  C  CD1 . TYR A 1 81  ? -0.731  -2.059  11.972  1.00 22.75 ? 81  TYR B CD1 1 
ATOM   653  C  CD2 . TYR A 1 81  ? -1.186  -1.604  14.282  1.00 23.22 ? 81  TYR B CD2 1 
ATOM   654  C  CE1 . TYR A 1 81  ? -2.071  -2.272  11.746  1.00 24.09 ? 81  TYR B CE1 1 
ATOM   655  C  CE2 . TYR A 1 81  ? -2.542  -1.825  14.066  1.00 23.89 ? 81  TYR B CE2 1 
ATOM   656  C  CZ  . TYR A 1 81  ? -2.977  -2.153  12.792  1.00 24.66 ? 81  TYR B CZ  1 
ATOM   657  O  OH  . TYR A 1 81  ? -4.306  -2.376  12.520  1.00 27.78 ? 81  TYR B OH  1 
ATOM   658  N  N   . PHE A 1 82  ? 3.425   0.494   14.854  1.00 18.15 ? 82  PHE B N   1 
ATOM   659  C  CA  . PHE A 1 82  ? 4.710   0.372   15.529  1.00 17.98 ? 82  PHE B CA  1 
ATOM   660  C  C   . PHE A 1 82  ? 4.507   -0.510  16.741  1.00 18.74 ? 82  PHE B C   1 
ATOM   661  O  O   . PHE A 1 82  ? 3.738   -0.142  17.664  1.00 17.72 ? 82  PHE B O   1 
ATOM   662  C  CB  . PHE A 1 82  ? 5.218   1.727   15.980  1.00 17.95 ? 82  PHE B CB  1 
ATOM   663  C  CG  . PHE A 1 82  ? 6.469   1.656   16.815  1.00 17.25 ? 82  PHE B CG  1 
ATOM   664  C  CD1 . PHE A 1 82  ? 7.710   1.403   16.214  1.00 16.96 ? 82  PHE B CD1 1 
ATOM   665  C  CD2 . PHE A 1 82  ? 6.406   1.816   18.201  1.00 17.15 ? 82  PHE B CD2 1 
ATOM   666  C  CE1 . PHE A 1 82  ? 8.868   1.339   16.987  1.00 17.17 ? 82  PHE B CE1 1 
ATOM   667  C  CE2 . PHE A 1 82  ? 7.561   1.749   18.986  1.00 17.22 ? 82  PHE B CE2 1 
ATOM   668  C  CZ  . PHE A 1 82  ? 8.791   1.509   18.380  1.00 17.18 ? 82  PHE B CZ  1 
ATOM   669  N  N   . LYS A 1 83  ? 5.180   -1.666  16.735  1.00 18.80 ? 83  LYS B N   1 
ATOM   670  C  CA  . LYS A 1 83  ? 5.045   -2.678  17.784  1.00 19.51 ? 83  LYS B CA  1 
ATOM   671  C  C   . LYS A 1 83  ? 3.581   -3.014  18.122  1.00 20.24 ? 83  LYS B C   1 
ATOM   672  O  O   . LYS A 1 83  ? 3.223   -3.217  19.300  1.00 19.55 ? 83  LYS B O   1 
ATOM   673  C  CB  . LYS A 1 83  ? 5.782   -2.229  19.049  1.00 19.17 ? 83  LYS B CB  1 
ATOM   674  C  CG  . LYS A 1 83  ? 7.266   -1.998  18.844  1.00 18.15 ? 83  LYS B CG  1 
ATOM   675  C  CD  . LYS A 1 83  ? 7.975   -1.981  20.179  1.00 18.22 ? 83  LYS B CD  1 
ATOM   676  C  CE  . LYS A 1 83  ? 9.476   -2.127  20.034  1.00 19.20 ? 83  LYS B CE  1 
ATOM   677  N  NZ  . LYS A 1 83  ? 10.194  -1.583  21.221  1.00 19.65 ? 83  LYS B NZ  1 
ATOM   678  N  N   . GLY A 1 84  ? 2.749   -3.107  17.089  1.00 20.69 ? 84  GLY B N   1 
ATOM   679  C  CA  . GLY A 1 84  ? 1.348   -3.502  17.265  1.00 21.57 ? 84  GLY B CA  1 
ATOM   680  C  C   . GLY A 1 84  ? 0.382   -2.361  17.520  1.00 22.22 ? 84  GLY B C   1 
ATOM   681  O  O   . GLY A 1 84  ? -0.815  -2.586  17.634  1.00 24.31 ? 84  GLY B O   1 
ATOM   682  N  N   . GLN A 1 85  ? 0.878   -1.128  17.559  1.00 23.07 ? 85  GLN B N   1 
ATOM   683  C  CA  . GLN A 1 85  ? 0.052   0.038   17.849  1.00 22.77 ? 85  GLN B CA  1 
ATOM   684  C  C   . GLN A 1 85  ? -0.067  0.914   16.607  1.00 22.06 ? 85  GLN B C   1 
ATOM   685  O  O   . GLN A 1 85  ? 0.940   1.340   16.041  1.00 20.24 ? 85  GLN B O   1 
ATOM   686  C  CB  . GLN A 1 85  ? 0.670   0.817   19.004  1.00 23.70 ? 85  GLN B CB  1 
ATOM   687  C  CG  . GLN A 1 85  ? -0.030  2.129   19.294  1.00 25.90 ? 85  GLN B CG  1 
ATOM   688  C  CD  . GLN A 1 85  ? 0.586   2.896   20.443  1.00 26.85 ? 85  GLN B CD  1 
ATOM   689  O  OE1 . GLN A 1 85  ? 1.538   2.455   21.093  1.00 30.06 ? 85  GLN B OE1 1 
ATOM   690  N  NE2 . GLN A 1 85  ? 0.064   4.065   20.674  1.00 26.93 ? 85  GLN B NE2 1 
ATOM   691  N  N   . CYS A 1 86  ? -1.307  1.212   16.215  1.00 22.44 ? 86  CYS B N   1 
ATOM   692  C  CA  . CYS A 1 86  ? -1.581  1.978   15.006  1.00 22.25 ? 86  CYS B CA  1 
ATOM   693  C  C   . CYS A 1 86  ? -1.232  3.431   15.235  1.00 23.00 ? 86  CYS B C   1 
ATOM   694  O  O   . CYS A 1 86  ? -1.808  4.065   16.091  1.00 23.54 ? 86  CYS B O   1 
ATOM   695  C  CB  . CYS A 1 86  ? -3.051  1.872   14.594  1.00 22.40 ? 86  CYS B CB  1 
ATOM   696  S  SG  . CYS A 1 86  ? -3.311  2.761   13.051  1.00 24.80 ? 86  CYS B SG  1 
ATOM   697  N  N   . LEU A 1 87  ? -0.274  3.948   14.491  1.00 24.47 ? 87  LEU B N   1 
ATOM   698  C  CA  . LEU A 1 87  ? 0.120   5.347   14.603  1.00 26.65 ? 87  LEU B CA  1 
ATOM   699  C  C   . LEU A 1 87  ? -0.377  6.250   13.462  1.00 30.04 ? 87  LEU B C   1 
ATOM   700  O  O   . LEU A 1 87  ? -0.461  7.469   13.646  1.00 32.36 ? 87  LEU B O   1 
ATOM   701  C  CB  . LEU A 1 87  ? 1.641   5.443   14.704  1.00 26.09 ? 87  LEU B CB  1 
ATOM   702  C  CG  . LEU A 1 87  ? 2.290   4.699   15.870  1.00 25.52 ? 87  LEU B CG  1 
ATOM   703  C  CD1 . LEU A 1 87  ? 3.751   5.079   15.958  1.00 26.20 ? 87  LEU B CD1 1 
ATOM   704  C  CD2 . LEU A 1 87  ? 1.590   4.979   17.195  1.00 25.73 ? 87  LEU B CD2 1 
ATOM   705  N  N   . GLU A 1 88  ? -0.688  5.674   12.301  1.00 30.50 ? 88  GLU B N   1 
ATOM   706  C  CA  . GLU A 1 88  ? -1.148  6.440   11.150  1.00 33.20 ? 88  GLU B CA  1 
ATOM   707  C  C   . GLU A 1 88  ? -2.170  5.588   10.381  1.00 32.60 ? 88  GLU B C   1 
ATOM   708  O  O   . GLU A 1 88  ? -2.049  4.351   10.320  1.00 29.75 ? 88  GLU B O   1 
ATOM   709  C  CB  . GLU A 1 88  ? 0.042   6.845   10.256  1.00 38.94 ? 88  GLU B CB  1 
ATOM   710  C  CG  . GLU A 1 88  ? 0.965   7.919   10.853  1.00 46.41 ? 88  GLU B CG  1 
ATOM   711  C  CD  . GLU A 1 88  ? 2.441   7.773   10.476  1.00 54.44 ? 88  GLU B CD  1 
ATOM   712  O  OE1 . GLU A 1 88  ? 2.752   8.145   9.320   1.00 62.18 ? 88  GLU B OE1 1 
ATOM   713  O  OE2 . GLU A 1 88  ? 3.313   7.361   11.339  1.00 63.88 ? 88  GLU B OE2 1 
ATOM   714  N  N   . GLU A 1 89  ? -3.190  6.250   9.829   1.00 31.10 ? 89  GLU B N   1 
ATOM   715  C  CA  . GLU A 1 89  ? -4.161  5.618   8.938   1.00 31.91 ? 89  GLU B CA  1 
ATOM   716  C  C   . GLU A 1 89  ? -4.318  6.438   7.651   1.00 28.82 ? 89  GLU B C   1 
ATOM   717  O  O   . GLU A 1 89  ? -4.647  7.623   7.709   1.00 28.19 ? 89  GLU B O   1 
ATOM   718  C  CB  . GLU A 1 89  ? -5.503  5.428   9.629   1.00 34.57 ? 89  GLU B CB  1 
ATOM   719  C  CG  . GLU A 1 89  ? -6.408  4.429   8.906   1.00 40.43 ? 89  GLU B CG  1 
ATOM   720  C  CD  . GLU A 1 89  ? -7.602  3.962   9.747   1.00 44.38 ? 89  GLU B CD  1 
ATOM   721  O  OE1 . GLU A 1 89  ? -7.903  4.613   10.787  1.00 50.09 ? 89  GLU B OE1 1 
ATOM   722  O  OE2 . GLU A 1 89  ? -8.228  2.933   9.367   1.00 44.19 ? 89  GLU B OE2 1 
ATOM   723  N  N   . TRP A 1 90  ? -4.050  5.797   6.511   1.00 24.10 ? 90  TRP B N   1 
ATOM   724  C  CA  . TRP A 1 90  ? -4.145  6.414   5.196   1.00 24.05 ? 90  TRP B CA  1 
ATOM   725  C  C   . TRP A 1 90  ? -5.296  5.800   4.384   1.00 23.37 ? 90  TRP B C   1 
ATOM   726  O  O   . TRP A 1 90  ? -5.604  4.613   4.534   1.00 22.75 ? 90  TRP B O   1 
ATOM   727  C  CB  . TRP A 1 90  ? -2.841  6.254   4.415   1.00 23.78 ? 90  TRP B CB  1 
ATOM   728  C  CG  . TRP A 1 90  ? -1.586  6.725   5.122   1.00 24.04 ? 90  TRP B CG  1 
ATOM   729  C  CD1 . TRP A 1 90  ? -1.481  7.781   5.968   1.00 24.06 ? 90  TRP B CD1 1 
ATOM   730  C  CD2 . TRP A 1 90  ? -0.272  6.177   5.005   1.00 24.05 ? 90  TRP B CD2 1 
ATOM   731  N  NE1 . TRP A 1 90  ? -0.198  7.927   6.391   1.00 24.20 ? 90  TRP B NE1 1 
ATOM   732  C  CE2 . TRP A 1 90  ? 0.574   6.954   5.824   1.00 24.69 ? 90  TRP B CE2 1 
ATOM   733  C  CE3 . TRP A 1 90  ? 0.276   5.107   4.292   1.00 24.91 ? 90  TRP B CE3 1 
ATOM   734  C  CZ2 . TRP A 1 90  ? 1.938   6.701   5.952   1.00 25.03 ? 90  TRP B CZ2 1 
ATOM   735  C  CZ3 . TRP A 1 90  ? 1.643   4.851   4.417   1.00 25.11 ? 90  TRP B CZ3 1 
ATOM   736  C  CH2 . TRP A 1 90  ? 2.456   5.643   5.247   1.00 24.80 ? 90  TRP B CH2 1 
ATOM   737  N  N   . PHE A 1 91  ? -5.920  6.628   3.553   1.00 23.03 ? 91  PHE B N   1 
ATOM   738  C  CA  . PHE A 1 91  ? -7.062  6.240   2.713   1.00 24.14 ? 91  PHE B CA  1 
ATOM   739  C  C   . PHE A 1 91  ? -6.762  6.764   1.314   1.00 23.64 ? 91  PHE B C   1 
ATOM   740  O  O   . PHE A 1 91  ? -6.317  7.890   1.177   1.00 23.66 ? 91  PHE B O   1 
ATOM   741  C  CB  . PHE A 1 91  ? -8.372  6.844   3.235   1.00 23.92 ? 91  PHE B CB  1 
ATOM   742  C  CG  . PHE A 1 91  ? -8.708  6.452   4.650   1.00 25.84 ? 91  PHE B CG  1 
ATOM   743  C  CD1 . PHE A 1 91  ? -8.229  7.193   5.728   1.00 26.55 ? 91  PHE B CD1 1 
ATOM   744  C  CD2 . PHE A 1 91  ? -9.505  5.331   4.919   1.00 26.47 ? 91  PHE B CD2 1 
ATOM   745  C  CE1 . PHE A 1 91  ? -8.541  6.823   7.034   1.00 25.95 ? 91  PHE B CE1 1 
ATOM   746  C  CE2 . PHE A 1 91  ? -9.828  4.967   6.220   1.00 26.31 ? 91  PHE B CE2 1 
ATOM   747  C  CZ  . PHE A 1 91  ? -9.345  5.714   7.281   1.00 26.08 ? 91  PHE B CZ  1 
ATOM   748  N  N   . PHE A 1 92  ? -6.919  5.917   0.300   1.00 23.74 ? 92  PHE B N   1 
ATOM   749  C  CA  . PHE A 1 92  ? -6.722  6.303   -1.104  1.00 24.77 ? 92  PHE B CA  1 
ATOM   750  C  C   . PHE A 1 92  ? -7.793  5.656   -1.981  1.00 25.52 ? 92  PHE B C   1 
ATOM   751  O  O   . PHE A 1 92  ? -8.123  4.482   -1.781  1.00 23.71 ? 92  PHE B O   1 
ATOM   752  C  CB  . PHE A 1 92  ? -5.348  5.858   -1.623  1.00 24.19 ? 92  PHE B CB  1 
ATOM   753  C  CG  . PHE A 1 92  ? -4.214  6.231   -0.722  1.00 25.44 ? 92  PHE B CG  1 
ATOM   754  C  CD1 . PHE A 1 92  ? -3.616  7.475   -0.820  1.00 25.15 ? 92  PHE B CD1 1 
ATOM   755  C  CD2 . PHE A 1 92  ? -3.752  5.335   0.230   1.00 25.28 ? 92  PHE B CD2 1 
ATOM   756  C  CE1 . PHE A 1 92  ? -2.574  7.824   0.019   1.00 26.92 ? 92  PHE B CE1 1 
ATOM   757  C  CE2 . PHE A 1 92  ? -2.703  5.673   1.063   1.00 26.60 ? 92  PHE B CE2 1 
ATOM   758  C  CZ  . PHE A 1 92  ? -2.113  6.924   0.962   1.00 25.92 ? 92  PHE B CZ  1 
ATOM   759  N  N   . GLU A 1 93  ? -8.294  6.412   -2.960  1.00 27.49 ? 93  GLU B N   1 
ATOM   760  C  CA  . GLU A 1 93  ? -9.329  5.946   -3.884  1.00 28.97 ? 93  GLU B CA  1 
ATOM   761  C  C   . GLU A 1 93  ? -8.773  5.932   -5.282  1.00 26.35 ? 93  GLU B C   1 
ATOM   762  O  O   . GLU A 1 93  ? -8.221  6.941   -5.737  1.00 23.99 ? 93  GLU B O   1 
ATOM   763  C  CB  . GLU A 1 93  ? -10.548 6.858   -3.895  1.00 33.74 ? 93  GLU B CB  1 
ATOM   764  C  CG  . GLU A 1 93  ? -11.291 6.941   -2.568  1.00 40.22 ? 93  GLU B CG  1 
ATOM   765  C  CD  . GLU A 1 93  ? -12.754 7.385   -2.705  1.00 46.23 ? 93  GLU B CD  1 
ATOM   766  O  OE1 . GLU A 1 93  ? -13.213 7.688   -3.843  1.00 47.35 ? 93  GLU B OE1 1 
ATOM   767  O  OE2 . GLU A 1 93  ? -13.451 7.420   -1.659  1.00 49.55 ? 93  GLU B OE2 1 
ATOM   768  N  N   . PHE A 1 94  ? -8.900  4.786   -5.949  1.00 23.14 ? 94  PHE B N   1 
ATOM   769  C  CA  . PHE A 1 94  ? -8.682  4.729   -7.388  1.00 22.81 ? 94  PHE B CA  1 
ATOM   770  C  C   . PHE A 1 94  ? -9.967  4.991   -8.179  1.00 21.83 ? 94  PHE B C   1 
ATOM   771  O  O   . PHE A 1 94  ? -9.908  5.674   -9.211  1.00 21.48 ? 94  PHE B O   1 
ATOM   772  C  CB  . PHE A 1 94  ? -8.090  3.395   -7.822  1.00 21.74 ? 94  PHE B CB  1 
ATOM   773  C  CG  . PHE A 1 94  ? -7.732  3.357   -9.274  1.00 22.24 ? 94  PHE B CG  1 
ATOM   774  C  CD1 . PHE A 1 94  ? -6.529  3.886   -9.716  1.00 22.91 ? 94  PHE B CD1 1 
ATOM   775  C  CD2 . PHE A 1 94  ? -8.606  2.818   -10.212 1.00 23.68 ? 94  PHE B CD2 1 
ATOM   776  C  CE1 . PHE A 1 94  ? -6.181  3.866   -11.065 1.00 23.38 ? 94  PHE B CE1 1 
ATOM   777  C  CE2 . PHE A 1 94  ? -8.268  2.797   -11.569 1.00 24.30 ? 94  PHE B CE2 1 
ATOM   778  C  CZ  . PHE A 1 94  ? -7.049  3.322   -11.995 1.00 23.10 ? 94  PHE B CZ  1 
ATOM   779  N  N   . GLY A 1 95  ? -11.090 4.412   -7.727  1.00 20.48 ? 95  GLY B N   1 
ATOM   780  C  CA  . GLY A 1 95  ? -12.359 4.443   -8.474  1.00 20.90 ? 95  GLY B CA  1 
ATOM   781  C  C   . GLY A 1 95  ? -12.578 3.252   -9.424  1.00 21.50 ? 95  GLY B C   1 
ATOM   782  O  O   . GLY A 1 95  ? -12.233 2.104   -9.119  1.00 20.43 ? 95  GLY B O   1 
ATOM   783  N  N   . PHE A 1 96  ? -13.137 3.542   -10.590 1.00 21.73 ? 96  PHE B N   1 
ATOM   784  C  CA  . PHE A 1 96  ? -13.570 2.519   -11.536 1.00 21.58 ? 96  PHE B CA  1 
ATOM   785  C  C   . PHE A 1 96  ? -12.376 1.829   -12.204 1.00 20.66 ? 96  PHE B C   1 
ATOM   786  O  O   . PHE A 1 96  ? -11.460 2.499   -12.662 1.00 21.25 ? 96  PHE B O   1 
ATOM   787  C  CB  . PHE A 1 96  ? -14.464 3.150   -12.610 1.00 22.48 ? 96  PHE B CB  1 
ATOM   788  C  CG  . PHE A 1 96  ? -14.954 2.171   -13.635 1.00 23.26 ? 96  PHE B CG  1 
ATOM   789  C  CD1 . PHE A 1 96  ? -15.963 1.284   -13.322 1.00 24.84 ? 96  PHE B CD1 1 
ATOM   790  C  CD2 . PHE A 1 96  ? -14.397 2.127   -14.900 1.00 24.88 ? 96  PHE B CD2 1 
ATOM   791  C  CE1 . PHE A 1 96  ? -16.408 0.359   -14.254 1.00 24.28 ? 96  PHE B CE1 1 
ATOM   792  C  CE2 . PHE A 1 96  ? -14.847 1.217   -15.843 1.00 25.87 ? 96  PHE B CE2 1 
ATOM   793  C  CZ  . PHE A 1 96  ? -15.852 0.329   -15.512 1.00 24.66 ? 96  PHE B CZ  1 
ATOM   794  N  N   . VAL A 1 97  ? -12.407 0.501   -12.267 1.00 19.43 ? 97  VAL B N   1 
ATOM   795  C  CA  . VAL A 1 97  ? -11.364 -0.271  -12.928 1.00 19.42 ? 97  VAL B CA  1 
ATOM   796  C  C   . VAL A 1 97  ? -11.969 -1.048  -14.068 1.00 19.85 ? 97  VAL B C   1 
ATOM   797  O  O   . VAL A 1 97  ? -12.884 -1.829  -13.856 1.00 19.67 ? 97  VAL B O   1 
ATOM   798  C  CB  . VAL A 1 97  ? -10.701 -1.281  -11.953 1.00 19.16 ? 97  VAL B CB  1 
ATOM   799  C  CG1 . VAL A 1 97  ? -9.652  -2.131  -12.682 1.00 18.48 ? 97  VAL B CG1 1 
ATOM   800  C  CG2 . VAL A 1 97  ? -10.095 -0.551  -10.744 1.00 18.91 ? 97  VAL B CG2 1 
ATOM   801  N  N   . ILE A 1 98  ? -11.422 -0.880  -15.264 1.00 21.68 ? 98  ILE B N   1 
ATOM   802  C  CA  . ILE A 1 98  ? -11.895 -1.597  -16.446 1.00 22.48 ? 98  ILE B CA  1 
ATOM   803  C  C   . ILE A 1 98  ? -11.516 -3.089  -16.333 1.00 21.77 ? 98  ILE B C   1 
ATOM   804  O  O   . ILE A 1 98  ? -10.389 -3.402  -16.006 1.00 20.87 ? 98  ILE B O   1 
ATOM   805  C  CB  . ILE A 1 98  ? -11.332 -0.943  -17.748 1.00 23.78 ? 98  ILE B CB  1 
ATOM   806  C  CG1 . ILE A 1 98  ? -12.112 0.331   -18.068 1.00 25.56 ? 98  ILE B CG1 1 
ATOM   807  C  CG2 . ILE A 1 98  ? -11.395 -1.885  -18.956 1.00 23.89 ? 98  ILE B CG2 1 
ATOM   808  C  CD1 . ILE A 1 98  ? -11.402 1.294   -19.017 1.00 26.72 ? 98  ILE B CD1 1 
ATOM   809  N  N   . PRO A 1 99  ? -12.458 -4.012  -16.623 1.00 21.63 ? 99  PRO B N   1 
ATOM   810  C  CA  . PRO A 1 99  ? -12.075 -5.429  -16.631 1.00 21.20 ? 99  PRO B CA  1 
ATOM   811  C  C   . PRO A 1 99  ? -10.949 -5.685  -17.628 1.00 21.59 ? 99  PRO B C   1 
ATOM   812  O  O   . PRO A 1 99  ? -10.990 -5.131  -18.736 1.00 20.65 ? 99  PRO B O   1 
ATOM   813  C  CB  . PRO A 1 99  ? -13.364 -6.169  -17.079 1.00 22.16 ? 99  PRO B CB  1 
ATOM   814  C  CG  . PRO A 1 99  ? -14.263 -5.100  -17.648 1.00 21.71 ? 99  PRO B CG  1 
ATOM   815  C  CD  . PRO A 1 99  ? -13.887 -3.822  -16.942 1.00 21.89 ? 99  PRO B CD  1 
ATOM   816  N  N   . ASN A 1 100 ? -9.959  -6.484  -17.211 1.00 20.06 ? 100 ASN B N   1 
ATOM   817  C  CA  . ASN A 1 100 ? -8.797  -6.846  -18.021 1.00 20.62 ? 100 ASN B CA  1 
ATOM   818  C  C   . ASN A 1 100 ? -7.977  -5.605  -18.374 1.00 21.06 ? 100 ASN B C   1 
ATOM   819  O  O   . ASN A 1 100 ? -7.443  -5.510  -19.472 1.00 20.54 ? 100 ASN B O   1 
ATOM   820  C  CB  . ASN A 1 100 ? -9.195  -7.614  -19.295 1.00 21.38 ? 100 ASN B CB  1 
ATOM   821  C  CG  . ASN A 1 100 ? -9.964  -8.892  -18.989 1.00 21.61 ? 100 ASN B CG  1 
ATOM   822  O  OD1 . ASN A 1 100 ? -11.162 -8.976  -19.234 1.00 22.67 ? 100 ASN B OD1 1 
ATOM   823  N  ND2 . ASN A 1 100 ? -9.282  -9.876  -18.421 1.00 21.16 ? 100 ASN B ND2 1 
ATOM   824  N  N   . SER A 1 101 ? -7.871  -4.674  -17.426 1.00 20.86 ? 101 SER B N   1 
ATOM   825  C  CA  . SER A 1 101 ? -7.004  -3.516  -17.577 1.00 20.84 ? 101 SER B CA  1 
ATOM   826  C  C   . SER A 1 101 ? -5.749  -3.610  -16.711 1.00 22.16 ? 101 SER B C   1 
ATOM   827  O  O   . SER A 1 101 ? -5.678  -4.378  -15.738 1.00 20.92 ? 101 SER B O   1 
ATOM   828  C  CB  . SER A 1 101 ? -7.764  -2.245  -17.235 1.00 20.91 ? 101 SER B CB  1 
ATOM   829  O  OG  . SER A 1 101 ? -8.209  -2.250  -15.893 1.00 20.70 ? 101 SER B OG  1 
ATOM   830  N  N   . THR A 1 102 ? -4.758  -2.810  -17.104 1.00 22.94 ? 102 THR B N   1 
ATOM   831  C  CA  . THR A 1 102 ? -3.541  -2.579  -16.365 1.00 22.83 ? 102 THR B CA  1 
ATOM   832  C  C   . THR A 1 102 ? -3.493  -1.065  -16.178 1.00 23.73 ? 102 THR B C   1 
ATOM   833  O  O   . THR A 1 102 ? -3.726  -0.334  -17.138 1.00 23.41 ? 102 THR B O   1 
ATOM   834  C  CB  . THR A 1 102 ? -2.340  -3.138  -17.147 1.00 23.71 ? 102 THR B CB  1 
ATOM   835  O  OG1 . THR A 1 102 ? -2.446  -4.562  -17.169 1.00 24.64 ? 102 THR B OG1 1 
ATOM   836  C  CG2 . THR A 1 102 ? -1.016  -2.760  -16.516 1.00 23.69 ? 102 THR B CG2 1 
ATOM   837  N  N   . ASN A 1 103 ? -3.231  -0.616  -14.939 1.00 23.25 ? 103 ASN B N   1 
ATOM   838  C  CA  . ASN A 1 103 ? -3.392  0.783   -14.514 1.00 22.99 ? 103 ASN B CA  1 
ATOM   839  C  C   . ASN A 1 103 ? -2.220  1.230   -13.648 1.00 23.91 ? 103 ASN B C   1 
ATOM   840  O  O   . ASN A 1 103 ? -1.701  0.459   -12.853 1.00 23.57 ? 103 ASN B O   1 
ATOM   841  C  CB  . ASN A 1 103 ? -4.655  0.955   -13.659 1.00 22.70 ? 103 ASN B CB  1 
ATOM   842  C  CG  . ASN A 1 103 ? -5.904  0.352   -14.290 1.00 23.64 ? 103 ASN B CG  1 
ATOM   843  O  OD1 . ASN A 1 103 ? -6.626  1.015   -15.012 1.00 24.98 ? 103 ASN B OD1 1 
ATOM   844  N  ND2 . ASN A 1 103 ? -6.159  -0.910  -14.007 1.00 24.41 ? 103 ASN B ND2 1 
ATOM   845  N  N   . THR A 1 104 ? -1.835  2.492   -13.770 1.00 24.46 ? 104 THR B N   1 
ATOM   846  C  CA  . THR A 1 104 ? -0.835  3.092   -12.905 1.00 24.19 ? 104 THR B CA  1 
ATOM   847  C  C   . THR A 1 104 ? -1.534  4.065   -12.009 1.00 24.37 ? 104 THR B C   1 
ATOM   848  O  O   . THR A 1 104 ? -2.246  4.925   -12.493 1.00 25.22 ? 104 THR B O   1 
ATOM   849  C  CB  . THR A 1 104 ? 0.241   3.768   -13.731 1.00 25.18 ? 104 THR B CB  1 
ATOM   850  O  OG1 . THR A 1 104 ? 0.995   2.742   -14.378 1.00 25.26 ? 104 THR B OG1 1 
ATOM   851  C  CG2 . THR A 1 104 ? 1.182   4.600   -12.863 1.00 26.60 ? 104 THR B CG2 1 
ATOM   852  N  N   . TRP A 1 105 ? -1.347  3.908   -10.699 1.00 24.17 ? 105 TRP B N   1 
ATOM   853  C  CA  . TRP A 1 105 ? -2.049  4.699   -9.695  1.00 23.82 ? 105 TRP B CA  1 
ATOM   854  C  C   . TRP A 1 105 ? -1.033  5.508   -8.873  1.00 26.24 ? 105 TRP B C   1 
ATOM   855  O  O   . TRP A 1 105 ? -0.243  4.941   -8.124  1.00 26.39 ? 105 TRP B O   1 
ATOM   856  C  CB  . TRP A 1 105 ? -2.850  3.751   -8.820  1.00 22.28 ? 105 TRP B CB  1 
ATOM   857  C  CG  . TRP A 1 105 ? -3.659  4.383   -7.720  1.00 21.95 ? 105 TRP B CG  1 
ATOM   858  C  CD1 . TRP A 1 105 ? -3.909  5.718   -7.527  1.00 21.56 ? 105 TRP B CD1 1 
ATOM   859  C  CD2 . TRP A 1 105 ? -4.384  3.691   -6.704  1.00 20.46 ? 105 TRP B CD2 1 
ATOM   860  N  NE1 . TRP A 1 105 ? -4.712  5.890   -6.441  1.00 21.42 ? 105 TRP B NE1 1 
ATOM   861  C  CE2 . TRP A 1 105 ? -5.027  4.665   -5.918  1.00 20.75 ? 105 TRP B CE2 1 
ATOM   862  C  CE3 . TRP A 1 105 ? -4.566  2.341   -6.393  1.00 20.69 ? 105 TRP B CE3 1 
ATOM   863  C  CZ2 . TRP A 1 105 ? -5.820  4.344   -4.825  1.00 20.53 ? 105 TRP B CZ2 1 
ATOM   864  C  CZ3 . TRP A 1 105 ? -5.361  2.007   -5.310  1.00 21.14 ? 105 TRP B CZ3 1 
ATOM   865  C  CH2 . TRP A 1 105 ? -5.979  3.023   -4.526  1.00 21.09 ? 105 TRP B CH2 1 
ATOM   866  N  N   . GLN A 1 106 ? -1.076  6.835   -9.026  1.00 28.72 ? 106 GLN B N   1 
ATOM   867  C  CA  . GLN A 1 106 ? -0.236  7.751   -8.282  1.00 30.81 ? 106 GLN B CA  1 
ATOM   868  C  C   . GLN A 1 106 ? -0.986  8.246   -7.051  1.00 29.92 ? 106 GLN B C   1 
ATOM   869  O  O   . GLN A 1 106 ? -2.168  8.601   -7.141  1.00 29.10 ? 106 GLN B O   1 
ATOM   870  C  CB  . GLN A 1 106 ? 0.177   8.911   -9.172  1.00 36.39 ? 106 GLN B CB  1 
ATOM   871  C  CG  . GLN A 1 106 ? 1.119   9.912   -8.512  1.00 41.82 ? 106 GLN B CG  1 
ATOM   872  C  CD  . GLN A 1 106 ? 1.860   10.762  -9.546  1.00 49.58 ? 106 GLN B CD  1 
ATOM   873  O  OE1 . GLN A 1 106 ? 2.748   10.268  -10.259 1.00 52.76 ? 106 GLN B OE1 1 
ATOM   874  N  NE2 . GLN A 1 106 ? 1.493   12.047  -9.639  1.00 52.51 ? 106 GLN B NE2 1 
ATOM   875  N  N   . SER A 1 107 ? -0.318  8.226   -5.899  1.00 27.16 ? 107 SER B N   1 
ATOM   876  C  CA  . SER A 1 107 ? -0.861  8.804   -4.670  1.00 27.92 ? 107 SER B CA  1 
ATOM   877  C  C   . SER A 1 107 ? 0.209   9.580   -3.930  1.00 27.37 ? 107 SER B C   1 
ATOM   878  O  O   . SER A 1 107 ? 1.391   9.302   -4.079  1.00 28.03 ? 107 SER B O   1 
ATOM   879  C  CB  . SER A 1 107 ? -1.441  7.726   -3.745  1.00 28.10 ? 107 SER B CB  1 
ATOM   880  O  OG  . SER A 1 107 ? -2.402  6.936   -4.420  1.00 29.07 ? 107 SER B OG  1 
ATOM   881  N  N   . LEU A 1 108 ? -0.229  10.558  -3.144  1.00 28.84 ? 108 LEU B N   1 
ATOM   882  C  CA  . LEU A 1 108 ? 0.646   11.372  -2.315  1.00 31.50 ? 108 LEU B CA  1 
ATOM   883  C  C   . LEU A 1 108 ? 0.467   10.952  -0.872  1.00 29.52 ? 108 LEU B C   1 
ATOM   884  O  O   . LEU A 1 108 ? -0.641  10.904  -0.379  1.00 29.37 ? 108 LEU B O   1 
ATOM   885  C  CB  . LEU A 1 108 ? 0.280   12.852  -2.445  1.00 33.74 ? 108 LEU B CB  1 
ATOM   886  C  CG  . LEU A 1 108 ? 1.206   13.868  -1.751  1.00 35.90 ? 108 LEU B CG  1 
ATOM   887  C  CD1 . LEU A 1 108 ? 2.519   13.982  -2.501  1.00 34.35 ? 108 LEU B CD1 1 
ATOM   888  C  CD2 . LEU A 1 108 ? 0.525   15.233  -1.672  1.00 37.55 ? 108 LEU B CD2 1 
ATOM   889  N  N   . ILE A 1 109 ? 1.563   10.647  -0.196  1.00 29.50 ? 109 ILE B N   1 
ATOM   890  C  CA  . ILE A 1 109 ? 1.504   10.282  1.212   1.00 30.94 ? 109 ILE B CA  1 
ATOM   891  C  C   . ILE A 1 109 ? 2.199   11.426  1.952   1.00 33.40 ? 109 ILE B C   1 
ATOM   892  O  O   . ILE A 1 109 ? 3.359   11.738  1.683   1.00 33.24 ? 109 ILE B O   1 
ATOM   893  C  CB  . ILE A 1 109 ? 2.167   8.925   1.489   1.00 29.76 ? 109 ILE B CB  1 
ATOM   894  C  CG1 . ILE A 1 109 ? 1.660   7.866   0.490   1.00 29.18 ? 109 ILE B CG1 1 
ATOM   895  C  CG2 . ILE A 1 109 ? 1.884   8.492   2.920   1.00 29.86 ? 109 ILE B CG2 1 
ATOM   896  C  CD1 . ILE A 1 109 ? 2.372   6.537   0.545   1.00 28.33 ? 109 ILE B CD1 1 
ATOM   897  N  N   . GLU A 1 110 ? 1.465   12.065  2.850   1.00 37.10 ? 110 GLU B N   1 
ATOM   898  C  CA  . GLU A 1 110 ? 1.926   13.289  3.494   1.00 42.29 ? 110 GLU B CA  1 
ATOM   899  C  C   . GLU A 1 110 ? 2.234   13.010  4.948   1.00 43.25 ? 110 GLU B C   1 
ATOM   900  O  O   . GLU A 1 110 ? 1.547   12.211  5.598   1.00 43.84 ? 110 GLU B O   1 
ATOM   901  C  CB  . GLU A 1 110 ? 0.872   14.393  3.367   1.00 44.00 ? 110 GLU B CB  1 
ATOM   902  C  CG  . GLU A 1 110 ? 0.793   14.979  1.960   1.00 47.03 ? 110 GLU B CG  1 
ATOM   903  C  CD  . GLU A 1 110 ? -0.123  16.186  1.878   1.00 49.44 ? 110 GLU B CD  1 
ATOM   904  O  OE1 . GLU A 1 110 ? -1.289  16.087  2.325   1.00 51.78 ? 110 GLU B OE1 1 
ATOM   905  O  OE2 . GLU A 1 110 ? 0.323   17.229  1.365   1.00 48.06 ? 110 GLU B OE2 1 
ATOM   906  N  N   . ALA A 1 111 ? 3.287   13.653  5.450   1.00 44.76 ? 111 ALA B N   1 
ATOM   907  C  CA  . ALA A 1 111 ? 3.615   13.578  6.869   1.00 46.25 ? 111 ALA B CA  1 
ATOM   908  C  C   . ALA A 1 111 ? 2.486   14.228  7.654   1.00 49.27 ? 111 ALA B C   1 
ATOM   909  O  O   . ALA A 1 111 ? 2.024   15.316  7.281   1.00 47.10 ? 111 ALA B O   1 
ATOM   910  C  CB  . ALA A 1 111 ? 4.933   14.281  7.152   1.00 45.67 ? 111 ALA B CB  1 
ATOM   911  N  N   . ALA A 1 112 ? 2.020   13.550  8.705   1.00 51.55 ? 112 ALA B N   1 
ATOM   912  C  CA  . ALA A 1 112 ? 1.085   14.161  9.651   1.00 56.63 ? 112 ALA B CA  1 
ATOM   913  C  C   . ALA A 1 112 ? 1.803   15.324  10.369  1.00 60.15 ? 112 ALA B C   1 
ATOM   914  O  O   . ALA A 1 112 ? 2.921   15.146  10.871  1.00 59.13 ? 112 ALA B O   1 
ATOM   915  C  CB  . ALA A 1 112 ? 0.562   13.130  10.647  1.00 57.18 ? 112 ALA B CB  1 
ATOM   916  N  N   . PRO A 1 113 ? 1.190   16.528  10.380  1.00 66.19 ? 113 PRO B N   1 
ATOM   917  C  CA  . PRO A 1 113 ? 1.861   17.695  10.993  1.00 66.95 ? 113 PRO B CA  1 
ATOM   918  C  C   . PRO A 1 113 ? 1.851   17.662  12.538  1.00 64.47 ? 113 PRO B C   1 
ATOM   919  O  O   . PRO A 1 113 ? 2.740   18.230  13.172  1.00 60.48 ? 113 PRO B O   1 
ATOM   920  C  CB  . PRO A 1 113 ? 1.043   18.875  10.461  1.00 68.42 ? 113 PRO B CB  1 
ATOM   921  C  CG  . PRO A 1 113 ? -0.343  18.313  10.321  1.00 70.14 ? 113 PRO B CG  1 
ATOM   922  C  CD  . PRO A 1 113 ? -0.185  16.858  9.946   1.00 68.51 ? 113 PRO B CD  1 
ATOM   923  N  N   . GLU A 1 114 ? 0.844   17.004  13.120  1.00 64.15 ? 114 GLU B N   1 
ATOM   924  C  CA  . GLU A 1 114 ? 0.769   16.753  14.557  1.00 65.48 ? 114 GLU B CA  1 
ATOM   925  C  C   . GLU A 1 114 ? 2.004   16.023  15.134  1.00 65.61 ? 114 GLU B C   1 
ATOM   926  O  O   . GLU A 1 114 ? 2.458   16.358  16.227  1.00 69.52 ? 114 GLU B O   1 
ATOM   927  C  CB  . GLU A 1 114 ? -0.502  15.939  14.865  1.00 64.73 ? 114 GLU B CB  1 
ATOM   928  N  N   . SER A 1 115 ? 2.554   15.063  14.385  1.00 62.11 ? 115 SER B N   1 
ATOM   929  C  CA  . SER A 1 115 ? 3.518   14.083  14.913  1.00 57.89 ? 115 SER B CA  1 
ATOM   930  C  C   . SER A 1 115 ? 4.995   14.310  14.536  1.00 53.27 ? 115 SER B C   1 
ATOM   931  O  O   . SER A 1 115 ? 5.305   14.979  13.550  1.00 50.71 ? 115 SER B O   1 
ATOM   932  C  CB  . SER A 1 115 ? 3.076   12.667  14.501  1.00 58.92 ? 115 SER B CB  1 
ATOM   933  O  OG  . SER A 1 115 ? 2.816   12.563  13.110  1.00 58.37 ? 115 SER B OG  1 
ATOM   934  N  N   . GLN A 1 116 ? 5.888   13.746  15.353  1.00 48.86 ? 116 GLN B N   1 
ATOM   935  C  CA  . GLN A 1 116 ? 7.331   13.701  15.075  1.00 49.12 ? 116 GLN B CA  1 
ATOM   936  C  C   . GLN A 1 116 ? 7.811   12.258  15.016  1.00 43.20 ? 116 GLN B C   1 
ATOM   937  O  O   . GLN A 1 116 ? 7.495   11.438  15.879  1.00 43.02 ? 116 GLN B O   1 
ATOM   938  C  CB  . GLN A 1 116 ? 8.150   14.445  16.139  1.00 54.06 ? 116 GLN B CB  1 
ATOM   939  C  CG  . GLN A 1 116 ? 7.923   15.953  16.163  1.00 62.07 ? 116 GLN B CG  1 
ATOM   940  C  CD  . GLN A 1 116 ? 6.975   16.384  17.269  1.00 66.99 ? 116 GLN B CD  1 
ATOM   941  O  OE1 . GLN A 1 116 ? 5.792   16.654  17.029  1.00 72.02 ? 116 GLN B OE1 1 
ATOM   942  N  NE2 . GLN A 1 116 ? 7.486   16.426  18.497  1.00 69.46 ? 116 GLN B NE2 1 
ATOM   943  N  N   . MET A 1 117 ? 8.626   11.982  14.012  1.00 38.43 ? 117 MET B N   1 
ATOM   944  C  CA  . MET A 1 117 ? 9.046   10.632  13.702  1.00 34.81 ? 117 MET B CA  1 
ATOM   945  C  C   . MET A 1 117 ? 10.077  10.154  14.716  1.00 29.13 ? 117 MET B C   1 
ATOM   946  O  O   . MET A 1 117 ? 11.002  10.876  15.047  1.00 26.58 ? 117 MET B O   1 
ATOM   947  C  CB  . MET A 1 117 ? 9.678   10.600  12.315  1.00 38.02 ? 117 MET B CB  1 
ATOM   948  C  CG  . MET A 1 117 ? 9.255   9.412   11.500  1.00 42.44 ? 117 MET B CG  1 
ATOM   949  S  SD  . MET A 1 117 ? 7.596   9.703   10.882  1.00 47.47 ? 117 MET B SD  1 
ATOM   950  C  CE  . MET A 1 117 ? 7.976   10.655  9.412   1.00 47.16 ? 117 MET B CE  1 
ATOM   951  N  N   . MET A 1 118 ? 9.912   8.932   15.198  1.00 25.79 ? 118 MET B N   1 
ATOM   952  C  CA  . MET A 1 118 ? 10.987  8.251   15.932  1.00 22.78 ? 118 MET B CA  1 
ATOM   953  C  C   . MET A 1 118 ? 12.195  8.021   15.006  1.00 20.07 ? 118 MET B C   1 
ATOM   954  O  O   . MET A 1 118 ? 12.062  8.061   13.788  1.00 18.65 ? 118 MET B O   1 
ATOM   955  C  CB  . MET A 1 118 ? 10.479  6.933   16.518  1.00 22.10 ? 118 MET B CB  1 
ATOM   956  C  CG  . MET A 1 118 ? 9.771   7.094   17.855  1.00 20.86 ? 118 MET B CG  1 
ATOM   957  S  SD  . MET A 1 118 ? 9.186   5.515   18.487  1.00 20.92 ? 118 MET B SD  1 
ATOM   958  C  CE  . MET A 1 118 ? 7.731   5.313   17.457  1.00 21.83 ? 118 MET B CE  1 
ATOM   959  N  N   . PRO A 1 119 ? 13.390  7.828   15.573  1.00 19.52 ? 119 PRO B N   1 
ATOM   960  C  CA  . PRO A 1 119 ? 14.539  7.550   14.672  1.00 18.21 ? 119 PRO B CA  1 
ATOM   961  C  C   . PRO A 1 119 ? 14.454  6.214   13.943  1.00 17.46 ? 119 PRO B C   1 
ATOM   962  O  O   . PRO A 1 119 ? 13.856  5.244   14.464  1.00 15.39 ? 119 PRO B O   1 
ATOM   963  C  CB  . PRO A 1 119 ? 15.752  7.544   15.613  1.00 18.36 ? 119 PRO B CB  1 
ATOM   964  C  CG  . PRO A 1 119 ? 15.259  7.998   16.942  1.00 18.85 ? 119 PRO B CG  1 
ATOM   965  C  CD  . PRO A 1 119 ? 13.779  7.806   16.997  1.00 19.31 ? 119 PRO B CD  1 
ATOM   966  N  N   . ALA A 1 120 ? 15.072  6.175   12.761  1.00 16.48 ? 120 ALA B N   1 
ATOM   967  C  CA  . ALA A 1 120 ? 15.146  4.967   11.934  1.00 16.41 ? 120 ALA B CA  1 
ATOM   968  C  C   . ALA A 1 120 ? 15.569  3.736   12.712  1.00 15.78 ? 120 ALA B C   1 
ATOM   969  O  O   . ALA A 1 120 ? 15.019  2.635   12.542  1.00 16.15 ? 120 ALA B O   1 
ATOM   970  C  CB  . ALA A 1 120 ? 16.107  5.183   10.782  1.00 16.86 ? 120 ALA B CB  1 
ATOM   971  N  N   . SER A 1 121 ? 16.533  3.921   13.599  1.00 15.30 ? 121 SER B N   1 
ATOM   972  C  CA  . SER A 1 121 ? 17.072  2.801   14.365  1.00 14.44 ? 121 SER B CA  1 
ATOM   973  C  C   . SER A 1 121 ? 16.070  2.160   15.319  1.00 13.83 ? 121 SER B C   1 
ATOM   974  O  O   . SER A 1 121 ? 16.146  0.973   15.577  1.00 14.21 ? 121 SER B O   1 
ATOM   975  C  CB  . SER A 1 121 ? 18.342  3.244   15.121  1.00 14.59 ? 121 SER B CB  1 
ATOM   976  O  OG  . SER A 1 121 ? 18.042  4.002   16.271  1.00 13.74 ? 121 SER B OG  1 
ATOM   977  N  N   . VAL A 1 122 ? 15.142  2.954   15.837  1.00 13.23 ? 122 VAL B N   1 
ATOM   978  C  CA  . VAL A 1 122 ? 14.049  2.469   16.684  1.00 13.24 ? 122 VAL B CA  1 
ATOM   979  C  C   . VAL A 1 122 ? 12.962  1.798   15.852  1.00 12.55 ? 122 VAL B C   1 
ATOM   980  O  O   . VAL A 1 122 ? 12.481  0.702   16.177  1.00 12.20 ? 122 VAL B O   1 
ATOM   981  C  CB  . VAL A 1 122 ? 13.447  3.645   17.491  1.00 13.23 ? 122 VAL B CB  1 
ATOM   982  C  CG1 . VAL A 1 122 ? 12.189  3.231   18.227  1.00 13.79 ? 122 VAL B CG1 1 
ATOM   983  C  CG2 . VAL A 1 122 ? 14.479  4.180   18.468  1.00 13.97 ? 122 VAL B CG2 1 
ATOM   984  N  N   . LEU A 1 123 ? 12.571  2.477   14.781  1.00 12.66 ? 123 LEU B N   1 
ATOM   985  C  CA  . LEU A 1 123 ? 11.510  2.001   13.910  1.00 13.07 ? 123 LEU B CA  1 
ATOM   986  C  C   . LEU A 1 123 ? 11.855  0.704   13.178  1.00 13.31 ? 123 LEU B C   1 
ATOM   987  O  O   . LEU A 1 123 ? 10.963  -0.104  12.924  1.00 13.40 ? 123 LEU B O   1 
ATOM   988  C  CB  . LEU A 1 123 ? 11.117  3.071   12.883  1.00 12.93 ? 123 LEU B CB  1 
ATOM   989  C  CG  . LEU A 1 123 ? 10.510  4.353   13.442  1.00 13.23 ? 123 LEU B CG  1 
ATOM   990  C  CD1 . LEU A 1 123 ? 10.286  5.346   12.306  1.00 13.63 ? 123 LEU B CD1 1 
ATOM   991  C  CD2 . LEU A 1 123 ? 9.226   4.049   14.220  1.00 13.19 ? 123 LEU B CD2 1 
ATOM   992  N  N   . THR A 1 124 ? 13.120  0.512   12.808  1.00 13.79 ? 124 THR B N   1 
ATOM   993  C  CA  . THR A 1 124 ? 13.443  -0.547  11.825  1.00 13.85 ? 124 THR B CA  1 
ATOM   994  C  C   . THR A 1 124 ? 13.065  -1.919  12.330  1.00 14.14 ? 124 THR B C   1 
ATOM   995  O  O   . THR A 1 124 ? 13.351  -2.276  13.481  1.00 14.23 ? 124 THR B O   1 
ATOM   996  C  CB  . THR A 1 124 ? 14.892  -0.506  11.313  1.00 13.73 ? 124 THR B CB  1 
ATOM   997  O  OG1 . THR A 1 124 ? 15.021  -1.444  10.229  1.00 13.51 ? 124 THR B OG1 1 
ATOM   998  C  CG2 . THR A 1 124 ? 15.924  -0.825  12.418  1.00 13.95 ? 124 THR B CG2 1 
ATOM   999  N  N   . GLY A 1 125 ? 12.359  -2.665  11.489  1.00 14.31 ? 125 GLY B N   1 
ATOM   1000 C  CA  . GLY A 1 125 ? 11.850  -3.987  11.875  1.00 14.48 ? 125 GLY B CA  1 
ATOM   1001 C  C   . GLY A 1 125 ? 10.659  -4.002  12.825  1.00 14.74 ? 125 GLY B C   1 
ATOM   1002 O  O   . GLY A 1 125 ? 10.129  -5.079  13.114  1.00 14.33 ? 125 GLY B O   1 
ATOM   1003 N  N   . ASN A 1 126 ? 10.225  -2.831  13.310  1.00 14.98 ? 126 ASN B N   1 
ATOM   1004 C  CA  . ASN A 1 126 ? 9.088   -2.729  14.239  1.00 14.92 ? 126 ASN B CA  1 
ATOM   1005 C  C   . ASN A 1 126 ? 7.858   -2.079  13.630  1.00 14.88 ? 126 ASN B C   1 
ATOM   1006 O  O   . ASN A 1 126 ? 6.884   -1.831  14.347  1.00 14.67 ? 126 ASN B O   1 
ATOM   1007 C  CB  . ASN A 1 126 ? 9.523   -1.910  15.447  1.00 15.21 ? 126 ASN B CB  1 
ATOM   1008 C  CG  . ASN A 1 126 ? 10.532  -2.632  16.279  1.00 15.55 ? 126 ASN B CG  1 
ATOM   1009 O  OD1 . ASN A 1 126 ? 10.350  -3.809  16.569  1.00 16.19 ? 126 ASN B OD1 1 
ATOM   1010 N  ND2 . ASN A 1 126 ? 11.621  -1.948  16.654  1.00 16.01 ? 126 ASN B ND2 1 
ATOM   1011 N  N   . VAL A 1 127 ? 7.919   -1.775  12.329  1.00 14.59 ? 127 VAL B N   1 
ATOM   1012 C  CA  . VAL A 1 127 ? 6.842   -1.143  11.619  1.00 15.48 ? 127 VAL B CA  1 
ATOM   1013 C  C   . VAL A 1 127 ? 6.197   -2.191  10.710  1.00 16.09 ? 127 VAL B C   1 
ATOM   1014 O  O   . VAL A 1 127 ? 6.890   -2.887  9.958   1.00 16.36 ? 127 VAL B O   1 
ATOM   1015 C  CB  . VAL A 1 127 ? 7.336   0.087   10.834  1.00 15.89 ? 127 VAL B CB  1 
ATOM   1016 C  CG1 . VAL A 1 127 ? 6.228   0.672   9.957   1.00 16.12 ? 127 VAL B CG1 1 
ATOM   1017 C  CG2 . VAL A 1 127 ? 7.843   1.146   11.793  1.00 16.02 ? 127 VAL B CG2 1 
ATOM   1018 N  N   . ILE A 1 128 ? 4.884   -2.334  10.823  1.00 16.77 ? 128 ILE B N   1 
ATOM   1019 C  CA  . ILE A 1 128 ? 4.093   -3.194  9.933   1.00 17.12 ? 128 ILE B CA  1 
ATOM   1020 C  C   . ILE A 1 128 ? 3.126   -2.261  9.217   1.00 16.75 ? 128 ILE B C   1 
ATOM   1021 O  O   . ILE A 1 128 ? 2.477   -1.436  9.859   1.00 16.54 ? 128 ILE B O   1 
ATOM   1022 C  CB  . ILE A 1 128 ? 3.298   -4.258  10.724  1.00 18.02 ? 128 ILE B CB  1 
ATOM   1023 C  CG1 . ILE A 1 128 ? 4.234   -5.288  11.356  1.00 19.02 ? 128 ILE B CG1 1 
ATOM   1024 C  CG2 . ILE A 1 128 ? 2.260   -4.966  9.841   1.00 17.98 ? 128 ILE B CG2 1 
ATOM   1025 C  CD1 . ILE A 1 128 ? 4.766   -6.305  10.372  1.00 20.00 ? 128 ILE B CD1 1 
ATOM   1026 N  N   . ILE A 1 129 ? 3.067   -2.354  7.892   1.00 17.40 ? 129 ILE B N   1 
ATOM   1027 C  CA  . ILE A 1 129 ? 1.978   -1.728  7.121   1.00 18.19 ? 129 ILE B CA  1 
ATOM   1028 C  C   . ILE A 1 129 ? 0.913   -2.790  6.847   1.00 18.87 ? 129 ILE B C   1 
ATOM   1029 O  O   . ILE A 1 129 ? 1.210   -3.817  6.207   1.00 19.24 ? 129 ILE B O   1 
ATOM   1030 C  CB  . ILE A 1 129 ? 2.422   -1.153  5.768   1.00 18.50 ? 129 ILE B CB  1 
ATOM   1031 C  CG1 . ILE A 1 129 ? 3.803   -0.503  5.852   1.00 18.58 ? 129 ILE B CG1 1 
ATOM   1032 C  CG2 . ILE A 1 129 ? 1.370   -0.147  5.272   1.00 18.47 ? 129 ILE B CG2 1 
ATOM   1033 C  CD1 . ILE A 1 129 ? 3.901   0.585   6.889   1.00 19.17 ? 129 ILE B CD1 1 
ATOM   1034 N  N   . GLU A 1 130 ? -0.301  -2.568  7.345   1.00 19.06 ? 130 GLU B N   1 
ATOM   1035 C  CA  . GLU A 1 130 ? -1.451  -3.391  6.980   1.00 20.54 ? 130 GLU B CA  1 
ATOM   1036 C  C   . GLU A 1 130 ? -2.267  -2.686  5.896   1.00 21.20 ? 130 GLU B C   1 
ATOM   1037 O  O   . GLU A 1 130 ? -2.815  -1.598  6.119   1.00 21.48 ? 130 GLU B O   1 
ATOM   1038 C  CB  . GLU A 1 130 ? -2.320  -3.644  8.196   1.00 21.63 ? 130 GLU B CB  1 
ATOM   1039 C  CG  . GLU A 1 130 ? -3.541  -4.508  7.929   1.00 22.58 ? 130 GLU B CG  1 
ATOM   1040 C  CD  . GLU A 1 130 ? -4.541  -4.469  9.089   1.00 24.78 ? 130 GLU B CD  1 
ATOM   1041 O  OE1 . GLU A 1 130 ? -5.178  -3.391  9.329   1.00 24.84 ? 130 GLU B OE1 1 
ATOM   1042 O  OE2 . GLU A 1 130 ? -4.704  -5.519  9.747   1.00 25.73 ? 130 GLU B OE2 1 
ATOM   1043 N  N   . THR A 1 131 ? -2.370  -3.320  4.737   1.00 21.21 ? 131 THR B N   1 
ATOM   1044 C  CA  . THR A 1 131 ? -3.104  -2.773  3.610   1.00 21.36 ? 131 THR B CA  1 
ATOM   1045 C  C   . THR A 1 131 ? -4.367  -3.585  3.330   1.00 22.54 ? 131 THR B C   1 
ATOM   1046 O  O   . THR A 1 131 ? -4.297  -4.804  3.203   1.00 25.10 ? 131 THR B O   1 
ATOM   1047 C  CB  . THR A 1 131 ? -2.213  -2.780  2.382   1.00 20.74 ? 131 THR B CB  1 
ATOM   1048 O  OG1 . THR A 1 131 ? -1.097  -1.910  2.631   1.00 19.61 ? 131 THR B OG1 1 
ATOM   1049 C  CG2 . THR A 1 131 ? -3.000  -2.329  1.143   1.00 21.32 ? 131 THR B CG2 1 
ATOM   1050 N  N   . LYS A 1 132 ? -5.504  -2.895  3.220   1.00 22.66 ? 132 LYS B N   1 
ATOM   1051 C  CA  . LYS A 1 132 ? -6.789  -3.509  2.917   1.00 22.63 ? 132 LYS B CA  1 
ATOM   1052 C  C   . LYS A 1 132 ? -7.251  -3.033  1.556   1.00 22.07 ? 132 LYS B C   1 
ATOM   1053 O  O   . LYS A 1 132 ? -7.392  -1.828  1.342   1.00 20.51 ? 132 LYS B O   1 
ATOM   1054 C  CB  . LYS A 1 132 ? -7.821  -3.130  3.960   1.00 24.06 ? 132 LYS B CB  1 
ATOM   1055 C  CG  . LYS A 1 132 ? -7.712  -3.898  5.265   1.00 26.86 ? 132 LYS B CG  1 
ATOM   1056 C  CD  . LYS A 1 132 ? -8.932  -3.652  6.148   1.00 29.65 ? 132 LYS B CD  1 
ATOM   1057 C  CE  . LYS A 1 132 ? -8.694  -4.089  7.593   1.00 31.79 ? 132 LYS B CE  1 
ATOM   1058 N  NZ  . LYS A 1 132 ? -8.655  -5.576  7.687   1.00 34.35 ? 132 LYS B NZ  1 
ATOM   1059 N  N   . PHE A 1 133 ? -7.444  -3.975  0.635   1.00 22.21 ? 133 PHE B N   1 
ATOM   1060 C  CA  . PHE A 1 133 ? -7.977  -3.696  -0.704  1.00 23.43 ? 133 PHE B CA  1 
ATOM   1061 C  C   . PHE A 1 133 ? -9.501  -3.850  -0.670  1.00 21.09 ? 133 PHE B C   1 
ATOM   1062 O  O   . PHE A 1 133 ? -10.013 -4.880  -0.239  1.00 19.61 ? 133 PHE B O   1 
ATOM   1063 C  CB  . PHE A 1 133 ? -7.378  -4.663  -1.743  1.00 26.39 ? 133 PHE B CB  1 
ATOM   1064 C  CG  . PHE A 1 133 ? -5.921  -4.399  -2.042  1.00 31.46 ? 133 PHE B CG  1 
ATOM   1065 C  CD1 . PHE A 1 133 ? -4.913  -4.747  -1.139  1.00 33.52 ? 133 PHE B CD1 1 
ATOM   1066 C  CD2 . PHE A 1 133 ? -5.542  -3.790  -3.232  1.00 35.21 ? 133 PHE B CD2 1 
ATOM   1067 C  CE1 . PHE A 1 133 ? -3.569  -4.475  -1.431  1.00 32.79 ? 133 PHE B CE1 1 
ATOM   1068 C  CE2 . PHE A 1 133 ? -4.201  -3.521  -3.523  1.00 33.45 ? 133 PHE B CE2 1 
ATOM   1069 C  CZ  . PHE A 1 133 ? -3.222  -3.863  -2.622  1.00 31.79 ? 133 PHE B CZ  1 
ATOM   1070 N  N   . PHE A 1 134 ? -10.207 -2.843  -1.153  1.00 20.20 ? 134 PHE B N   1 
ATOM   1071 C  CA  . PHE A 1 134 ? -11.666 -2.840  -1.199  1.00 19.77 ? 134 PHE B CA  1 
ATOM   1072 C  C   . PHE A 1 134 ? -12.144 -2.516  -2.605  1.00 19.83 ? 134 PHE B C   1 
ATOM   1073 O  O   . PHE A 1 134 ? -11.546 -1.697  -3.293  1.00 18.88 ? 134 PHE B O   1 
ATOM   1074 C  CB  . PHE A 1 134 ? -12.256 -1.749  -0.282  1.00 19.42 ? 134 PHE B CB  1 
ATOM   1075 C  CG  . PHE A 1 134 ? -12.126 -2.013  1.202   1.00 19.17 ? 134 PHE B CG  1 
ATOM   1076 C  CD1 . PHE A 1 134 ? -13.129 -2.703  1.894   1.00 18.95 ? 134 PHE B CD1 1 
ATOM   1077 C  CD2 . PHE A 1 134 ? -11.028 -1.520  1.924   1.00 18.85 ? 134 PHE B CD2 1 
ATOM   1078 C  CE1 . PHE A 1 134 ? -13.042 -2.915  3.273   1.00 18.83 ? 134 PHE B CE1 1 
ATOM   1079 C  CE2 . PHE A 1 134 ? -10.932 -1.728  3.301   1.00 18.94 ? 134 PHE B CE2 1 
ATOM   1080 C  CZ  . PHE A 1 134 ? -11.937 -2.436  3.978   1.00 19.17 ? 134 PHE B CZ  1 
ATOM   1081 N  N   . ASP A 1 135 ? -13.252 -3.125  -3.017  1.00 20.96 ? 135 ASP B N   1 
ATOM   1082 C  CA  . ASP A 1 135 ? -14.095 -2.497  -4.021  1.00 21.93 ? 135 ASP B CA  1 
ATOM   1083 C  C   . ASP A 1 135 ? -15.259 -1.909  -3.243  1.00 22.54 ? 135 ASP B C   1 
ATOM   1084 O  O   . ASP A 1 135 ? -16.122 -2.652  -2.790  1.00 22.68 ? 135 ASP B O   1 
ATOM   1085 C  CB  . ASP A 1 135 ? -14.582 -3.485  -5.066  1.00 22.69 ? 135 ASP B CB  1 
ATOM   1086 C  CG  . ASP A 1 135 ? -15.488 -2.831  -6.103  1.00 23.40 ? 135 ASP B CG  1 
ATOM   1087 O  OD1 . ASP A 1 135 ? -15.728 -1.622  -5.999  1.00 24.82 ? 135 ASP B OD1 1 
ATOM   1088 O  OD2 . ASP A 1 135 ? -15.949 -3.506  -7.031  1.00 24.05 ? 135 ASP B OD2 1 
ATOM   1089 N  N   . ASP A 1 136 ? -15.276 -0.591  -3.075  1.00 23.70 ? 136 ASP B N   1 
ATOM   1090 C  CA  . ASP A 1 136 ? -16.295 0.081   -2.248  1.00 26.89 ? 136 ASP B CA  1 
ATOM   1091 C  C   . ASP A 1 136 ? -16.245 -0.415  -0.785  1.00 26.31 ? 136 ASP B C   1 
ATOM   1092 O  O   . ASP A 1 136 ? -15.292 -0.105  -0.088  1.00 26.92 ? 136 ASP B O   1 
ATOM   1093 C  CB  . ASP A 1 136 ? -17.696 -0.053  -2.894  1.00 29.96 ? 136 ASP B CB  1 
ATOM   1094 C  CG  . ASP A 1 136 ? -18.732 0.891   -2.284  1.00 33.24 ? 136 ASP B CG  1 
ATOM   1095 O  OD1 . ASP A 1 136 ? -18.376 1.900   -1.651  1.00 37.40 ? 136 ASP B OD1 1 
ATOM   1096 O  OD2 . ASP A 1 136 ? -19.926 0.632   -2.468  1.00 37.77 ? 136 ASP B OD2 1 
ATOM   1097 N  N   . ASP A 1 137 ? -17.223 -1.188  -0.315  1.00 28.52 ? 137 ASP B N   1 
ATOM   1098 C  CA  . ASP A 1 137 ? -17.189 -1.761  1.043   1.00 30.45 ? 137 ASP B CA  1 
ATOM   1099 C  C   . ASP A 1 137 ? -16.960 -3.263  1.008   1.00 28.37 ? 137 ASP B C   1 
ATOM   1100 O  O   . ASP A 1 137 ? -17.050 -3.922  2.030   1.00 25.57 ? 137 ASP B O   1 
ATOM   1101 C  CB  . ASP A 1 137 ? -18.474 -1.414  1.828   1.00 35.23 ? 137 ASP B CB  1 
ATOM   1102 C  CG  . ASP A 1 137 ? -18.426 0.002   2.457   1.00 42.19 ? 137 ASP B CG  1 
ATOM   1103 O  OD1 . ASP A 1 137 ? -17.472 0.320   3.232   1.00 44.26 ? 137 ASP B OD1 1 
ATOM   1104 O  OD2 . ASP A 1 137 ? -19.355 0.802   2.171   1.00 46.89 ? 137 ASP B OD2 1 
ATOM   1105 N  N   . LEU A 1 138 ? -16.624 -3.802  -0.162  1.00 27.36 ? 138 LEU B N   1 
ATOM   1106 C  CA  . LEU A 1 138 ? -16.266 -5.214  -0.261  1.00 27.51 ? 138 LEU B CA  1 
ATOM   1107 C  C   . LEU A 1 138 ? -14.777 -5.415  0.007   1.00 25.34 ? 138 LEU B C   1 
ATOM   1108 O  O   . LEU A 1 138 ? -13.938 -4.964  -0.784  1.00 23.55 ? 138 LEU B O   1 
ATOM   1109 C  CB  . LEU A 1 138 ? -16.607 -5.741  -1.659  1.00 28.29 ? 138 LEU B CB  1 
ATOM   1110 C  CG  . LEU A 1 138 ? -16.408 -7.239  -1.883  1.00 28.06 ? 138 LEU B CG  1 
ATOM   1111 C  CD1 . LEU A 1 138 ? -17.087 -8.023  -0.769  1.00 28.53 ? 138 LEU B CD1 1 
ATOM   1112 C  CD2 . LEU A 1 138 ? -16.972 -7.618  -3.236  1.00 27.86 ? 138 LEU B CD2 1 
ATOM   1113 N  N   . LEU A 1 139 ? -14.445 -6.101  1.099   1.00 24.33 ? 139 LEU B N   1 
ATOM   1114 C  CA  . LEU A 1 139 ? -13.033 -6.361  1.433   1.00 24.54 ? 139 LEU B CA  1 
ATOM   1115 C  C   . LEU A 1 139 ? -12.509 -7.473  0.553   1.00 24.18 ? 139 LEU B C   1 
ATOM   1116 O  O   . LEU A 1 139 ? -13.013 -8.593  0.601   1.00 24.01 ? 139 LEU B O   1 
ATOM   1117 C  CB  . LEU A 1 139 ? -12.845 -6.759  2.890   1.00 24.94 ? 139 LEU B CB  1 
ATOM   1118 C  CG  . LEU A 1 139 ? -11.415 -7.081  3.335   1.00 24.56 ? 139 LEU B CG  1 
ATOM   1119 C  CD1 . LEU A 1 139 ? -10.499 -5.898  3.077   1.00 23.76 ? 139 LEU B CD1 1 
ATOM   1120 C  CD2 . LEU A 1 139 ? -11.393 -7.467  4.813   1.00 24.79 ? 139 LEU B CD2 1 
ATOM   1121 N  N   . VAL A 1 140 ? -11.497 -7.144  -0.238  1.00 23.63 ? 140 VAL B N   1 
ATOM   1122 C  CA  . VAL A 1 140 ? -10.934 -8.039  -1.236  1.00 24.65 ? 140 VAL B CA  1 
ATOM   1123 C  C   . VAL A 1 140 ? -9.739  -8.801  -0.682  1.00 25.15 ? 140 VAL B C   1 
ATOM   1124 O  O   . VAL A 1 140 ? -9.621  -10.014 -0.883  1.00 25.79 ? 140 VAL B O   1 
ATOM   1125 C  CB  . VAL A 1 140 ? -10.511 -7.241  -2.480  1.00 24.57 ? 140 VAL B CB  1 
ATOM   1126 C  CG1 . VAL A 1 140 ? -9.742  -8.111  -3.459  1.00 25.89 ? 140 VAL B CG1 1 
ATOM   1127 C  CG2 . VAL A 1 140 ? -11.748 -6.658  -3.142  1.00 24.83 ? 140 VAL B CG2 1 
ATOM   1128 N  N   . SER A 1 141 ? -8.825  -8.081  -0.037  1.00 24.24 ? 141 SER B N   1 
ATOM   1129 C  CA  . SER A 1 141 ? -7.670  -8.710  0.568   1.00 23.64 ? 141 SER B CA  1 
ATOM   1130 C  C   . SER A 1 141 ? -7.073  -7.858  1.670   1.00 23.77 ? 141 SER B C   1 
ATOM   1131 O  O   . SER A 1 141 ? -7.250  -6.638  1.696   1.00 21.95 ? 141 SER B O   1 
ATOM   1132 C  CB  . SER A 1 141 ? -6.599  -8.989  -0.481  1.00 23.39 ? 141 SER B CB  1 
ATOM   1133 O  OG  . SER A 1 141 ? -5.886  -7.821  -0.852  1.00 24.79 ? 141 SER B OG  1 
ATOM   1134 N  N   . THR A 1 142 ? -6.336  -8.533  2.547   1.00 22.42 ? 142 THR B N   1 
ATOM   1135 C  CA  . THR A 1 142 ? -5.582  -7.896  3.608   1.00 22.29 ? 142 THR B CA  1 
ATOM   1136 C  C   . THR A 1 142 ? -4.175  -8.444  3.556   1.00 21.53 ? 142 THR B C   1 
ATOM   1137 O  O   . THR A 1 142 ? -3.988  -9.653  3.529   1.00 21.05 ? 142 THR B O   1 
ATOM   1138 C  CB  . THR A 1 142 ? -6.216  -8.227  4.962   1.00 21.71 ? 142 THR B CB  1 
ATOM   1139 O  OG1 . THR A 1 142 ? -7.554  -7.733  4.954   1.00 21.67 ? 142 THR B OG1 1 
ATOM   1140 C  CG2 . THR A 1 142 ? -5.450  -7.580  6.111   1.00 21.55 ? 142 THR B CG2 1 
ATOM   1141 N  N   . SER A 1 143 ? -3.198  -7.554  3.496   1.00 20.46 ? 143 SER B N   1 
ATOM   1142 C  CA  . SER A 1 143 ? -1.797  -7.955  3.414   1.00 19.92 ? 143 SER B CA  1 
ATOM   1143 C  C   . SER A 1 143 ? -0.933  -7.128  4.366   1.00 19.73 ? 143 SER B C   1 
ATOM   1144 O  O   . SER A 1 143 ? -1.329  -6.039  4.796   1.00 17.97 ? 143 SER B O   1 
ATOM   1145 C  CB  . SER A 1 143 ? -1.314  -7.794  1.993   1.00 19.78 ? 143 SER B CB  1 
ATOM   1146 O  OG  . SER A 1 143 ? -1.418  -6.453  1.573   1.00 21.07 ? 143 SER B OG  1 
ATOM   1147 N  N   . ARG A 1 144 ? 0.240   -7.660  4.695   1.00 20.92 ? 144 ARG B N   1 
ATOM   1148 C  CA  . ARG A 1 144 ? 1.164   -7.025  5.631   1.00 22.93 ? 144 ARG B CA  1 
ATOM   1149 C  C   . ARG A 1 144 ? 2.552   -6.951  5.056   1.00 21.52 ? 144 ARG B C   1 
ATOM   1150 O  O   . ARG A 1 144 ? 2.982   -7.878  4.387   1.00 19.56 ? 144 ARG B O   1 
ATOM   1151 C  CB  . ARG A 1 144 ? 1.177   -7.783  6.953   1.00 26.16 ? 144 ARG B CB  1 
ATOM   1152 C  CG  . ARG A 1 144 ? -0.181  -7.721  7.627   1.00 31.00 ? 144 ARG B CG  1 
ATOM   1153 C  CD  . ARG A 1 144 ? -0.280  -8.413  8.989   1.00 35.40 ? 144 ARG B CD  1 
ATOM   1154 N  NE  . ARG A 1 144 ? -1.472  -9.261  8.984   1.00 44.18 ? 144 ARG B NE  1 
ATOM   1155 C  CZ  . ARG A 1 144 ? -2.748  -8.833  8.962   1.00 47.14 ? 144 ARG B CZ  1 
ATOM   1156 N  NH1 . ARG A 1 144 ? -3.743  -9.720  8.927   1.00 50.15 ? 144 ARG B NH1 1 
ATOM   1157 N  NH2 . ARG A 1 144 ? -3.052  -7.538  8.977   1.00 45.64 ? 144 ARG B NH2 1 
ATOM   1158 N  N   . VAL A 1 145 ? 3.227   -5.836  5.322   1.00 21.00 ? 145 VAL B N   1 
ATOM   1159 C  CA  . VAL A 1 145 ? 4.633   -5.628  4.982   1.00 20.69 ? 145 VAL B CA  1 
ATOM   1160 C  C   . VAL A 1 145 ? 5.384   -5.106  6.228   1.00 20.59 ? 145 VAL B C   1 
ATOM   1161 O  O   . VAL A 1 145 ? 4.934   -4.152  6.855   1.00 18.88 ? 145 VAL B O   1 
ATOM   1162 C  CB  . VAL A 1 145 ? 4.814   -4.590  3.843   1.00 21.00 ? 145 VAL B CB  1 
ATOM   1163 C  CG1 . VAL A 1 145 ? 6.285   -4.501  3.445   1.00 21.41 ? 145 VAL B CG1 1 
ATOM   1164 C  CG2 . VAL A 1 145 ? 3.972   -4.957  2.620   1.00 21.46 ? 145 VAL B CG2 1 
ATOM   1165 N  N   . ARG A 1 146 ? 6.504   -5.747  6.581   1.00 19.44 ? 146 ARG B N   1 
ATOM   1166 C  CA  . ARG A 1 146 ? 7.375   -5.302  7.687   1.00 19.84 ? 146 ARG B CA  1 
ATOM   1167 C  C   . ARG A 1 146 ? 8.457   -4.435  7.061   1.00 17.58 ? 146 ARG B C   1 
ATOM   1168 O  O   . ARG A 1 146 ? 9.053   -4.824  6.067   1.00 16.72 ? 146 ARG B O   1 
ATOM   1169 C  CB  . ARG A 1 146 ? 8.001   -6.513  8.408   1.00 20.85 ? 146 ARG B CB  1 
ATOM   1170 C  CG  . ARG A 1 146 ? 8.778   -6.236  9.700   1.00 22.69 ? 146 ARG B CG  1 
ATOM   1171 C  CD  . ARG A 1 146 ? 9.394   -7.536  10.257  1.00 25.96 ? 146 ARG B CD  1 
ATOM   1172 N  NE  . ARG A 1 146 ? 10.370  -7.315  11.341  1.00 30.86 ? 146 ARG B NE  1 
ATOM   1173 C  CZ  . ARG A 1 146 ? 11.308  -8.190  11.776  1.00 34.79 ? 146 ARG B CZ  1 
ATOM   1174 N  NH1 . ARG A 1 146 ? 11.451  -9.418  11.237  1.00 34.77 ? 146 ARG B NH1 1 
ATOM   1175 N  NH2 . ARG A 1 146 ? 12.133  -7.833  12.779  1.00 34.88 ? 146 ARG B NH2 1 
ATOM   1176 N  N   . LEU A 1 147 ? 8.689   -3.256  7.614   1.00 17.72 ? 147 LEU B N   1 
ATOM   1177 C  CA  . LEU A 1 147 ? 9.651   -2.308  7.030   1.00 17.85 ? 147 LEU B CA  1 
ATOM   1178 C  C   . LEU A 1 147 ? 10.947  -2.276  7.806   1.00 17.76 ? 147 LEU B C   1 
ATOM   1179 O  O   . LEU A 1 147 ? 10.934  -2.322  9.041   1.00 16.90 ? 147 LEU B O   1 
ATOM   1180 C  CB  . LEU A 1 147 ? 9.094   -0.876  6.966   1.00 18.20 ? 147 LEU B CB  1 
ATOM   1181 C  CG  . LEU A 1 147 ? 7.839   -0.608  6.135   1.00 19.82 ? 147 LEU B CG  1 
ATOM   1182 C  CD1 . LEU A 1 147 ? 7.515   0.891   6.108   1.00 19.94 ? 147 LEU B CD1 1 
ATOM   1183 C  CD2 . LEU A 1 147 ? 8.015   -1.117  4.705   1.00 20.57 ? 147 LEU B CD2 1 
ATOM   1184 N  N   . PHE A 1 148 ? 12.052  -2.200  7.052   1.00 17.78 ? 148 PHE B N   1 
ATOM   1185 C  CA  . PHE A 1 148 ? 13.374  -1.948  7.572   1.00 18.42 ? 148 PHE B CA  1 
ATOM   1186 C  C   . PHE A 1 148 ? 13.871  -0.647  6.957   1.00 18.58 ? 148 PHE B C   1 
ATOM   1187 O  O   . PHE A 1 148 ? 13.690  -0.401  5.773   1.00 18.58 ? 148 PHE B O   1 
ATOM   1188 C  CB  . PHE A 1 148 ? 14.315  -3.118  7.224   1.00 18.69 ? 148 PHE B CB  1 
ATOM   1189 C  CG  . PHE A 1 148 ? 13.807  -4.446  7.718   1.00 19.44 ? 148 PHE B CG  1 
ATOM   1190 C  CD1 . PHE A 1 148 ? 13.916  -4.787  9.067   1.00 19.61 ? 148 PHE B CD1 1 
ATOM   1191 C  CD2 . PHE A 1 148 ? 13.184  -5.335  6.854   1.00 20.33 ? 148 PHE B CD2 1 
ATOM   1192 C  CE1 . PHE A 1 148 ? 13.425  -5.997  9.538   1.00 20.15 ? 148 PHE B CE1 1 
ATOM   1193 C  CE2 . PHE A 1 148 ? 12.681  -6.553  7.315   1.00 21.46 ? 148 PHE B CE2 1 
ATOM   1194 C  CZ  . PHE A 1 148 ? 12.798  -6.889  8.660   1.00 20.59 ? 148 PHE B CZ  1 
ATOM   1195 N  N   . TYR A 1 149 ? 14.512  0.167   7.776   1.00 18.80 ? 149 TYR B N   1 
ATOM   1196 C  CA  . TYR A 1 149 ? 15.082  1.438   7.361   1.00 19.66 ? 149 TYR B CA  1 
ATOM   1197 C  C   . TYR A 1 149 ? 16.621  1.300   7.317   1.00 21.07 ? 149 TYR B C   1 
ATOM   1198 O  O   . TYR A 1 149 ? 17.241  1.033   8.361   1.00 21.04 ? 149 TYR B O   1 
ATOM   1199 C  CB  . TYR A 1 149 ? 14.616  2.524   8.338   1.00 19.64 ? 149 TYR B CB  1 
ATOM   1200 C  CG  . TYR A 1 149 ? 13.106  2.660   8.411   1.00 19.51 ? 149 TYR B CG  1 
ATOM   1201 C  CD1 . TYR A 1 149 ? 12.410  3.461   7.497   1.00 20.69 ? 149 TYR B CD1 1 
ATOM   1202 C  CD2 . TYR A 1 149 ? 12.359  1.968   9.373   1.00 19.27 ? 149 TYR B CD2 1 
ATOM   1203 C  CE1 . TYR A 1 149 ? 11.019  3.589   7.557   1.00 19.56 ? 149 TYR B CE1 1 
ATOM   1204 C  CE2 . TYR A 1 149 ? 10.981  2.082   9.433   1.00 18.89 ? 149 TYR B CE2 1 
ATOM   1205 C  CZ  . TYR A 1 149 ? 10.313  2.893   8.524   1.00 19.72 ? 149 TYR B CZ  1 
ATOM   1206 O  OH  . TYR A 1 149 ? 8.934   3.014   8.578   1.00 19.15 ? 149 TYR B OH  1 
ATOM   1207 N  N   . VAL A 1 150 ? 17.217  1.463   6.124   1.00 22.12 ? 150 VAL B N   1 
ATOM   1208 C  CA  . VAL A 1 150 ? 18.621  1.096   5.876   1.00 25.05 ? 150 VAL B CA  1 
ATOM   1209 C  C   . VAL A 1 150 ? 19.518  2.233   5.356   1.00 25.08 ? 150 VAL B C   1 
ATOM   1210 O  O   . VAL A 1 150 ? 19.010  3.251   4.887   1.00 26.44 ? 150 VAL B O   1 
ATOM   1211 C  CB  . VAL A 1 150 ? 18.731  -0.119  4.923   1.00 26.17 ? 150 VAL B CB  1 
ATOM   1212 C  CG1 . VAL A 1 150 ? 17.756  -1.202  5.343   1.00 27.99 ? 150 VAL B CG1 1 
ATOM   1213 C  CG2 . VAL A 1 150 ? 18.490  0.270   3.475   1.00 28.63 ? 150 VAL B CG2 1 
HETATM 1214 C  CBJ . 8RQ B 2 .   ? 5.199   8.760   5.174   1.00 46.43 ? 201 8RQ B CBJ 1 
HETATM 1215 C  CBK . 8RQ B 2 .   ? 4.782   9.918   4.358   1.00 46.63 ? 201 8RQ B CBK 1 
HETATM 1216 C  CBL . 8RQ B 2 .   ? 5.517   11.187  4.754   1.00 47.13 ? 201 8RQ B CBL 1 
HETATM 1217 C  CBM . 8RQ B 2 .   ? 7.006   11.015  4.773   1.00 47.92 ? 201 8RQ B CBM 1 
HETATM 1218 C  CBN . 8RQ B 2 .   ? 7.341   10.037  5.836   1.00 44.39 ? 201 8RQ B CBN 1 
HETATM 1219 C  CBO . 8RQ B 2 .   ? 6.718   8.700   5.474   1.00 43.66 ? 201 8RQ B CBO 1 
HETATM 1220 C  CBP . 8RQ B 2 .   ? 6.926   7.823   6.702   1.00 42.56 ? 201 8RQ B CBP 1 
HETATM 1221 N  NBQ . 8RQ B 2 .   ? 6.261   6.510   6.572   1.00 36.72 ? 201 8RQ B NBQ 1 
HETATM 1222 C  CBA . 8RQ B 2 .   ? 5.564   6.069   7.800   1.00 39.05 ? 201 8RQ B CBA 1 
HETATM 1223 C  CBB . 8RQ B 2 .   ? 6.538   5.994   8.963   1.00 43.92 ? 201 8RQ B CBB 1 
HETATM 1224 C  CBC . 8RQ B 2 .   ? 6.186   6.971   10.078  1.00 50.79 ? 201 8RQ B CBC 1 
HETATM 1225 C  CBD . 8RQ B 2 .   ? 5.356   6.440   11.306  1.00 57.07 ? 201 8RQ B CBD 1 
HETATM 1226 C  CBE . 8RQ B 2 .   ? 5.297   4.973   11.803  1.00 61.82 ? 201 8RQ B CBE 1 
HETATM 1227 C  CBF . 8RQ B 2 .   ? 6.002   3.795   11.163  1.00 63.34 ? 201 8RQ B CBF 1 
HETATM 1228 O  OBG . 8RQ B 2 .   ? 4.547   4.679   12.894  1.00 65.53 ? 201 8RQ B OBG 1 
HETATM 1229 C  CBH . 8RQ B 2 .   ? 4.449   7.406   12.123  1.00 62.11 ? 201 8RQ B CBH 1 
HETATM 1230 N  NBI . 8RQ B 2 .   ? 4.494   8.738   11.992  1.00 66.31 ? 201 8RQ B NBI 1 
HETATM 1231 C  CBR . 8RQ B 2 .   ? 3.640   9.540   12.903  1.00 67.92 ? 201 8RQ B CBR 1 
HETATM 1232 S  SAG . 8RQ B 2 .   ? 7.350   5.357   5.773   1.00 30.40 ? 201 8RQ B SAG 1 
HETATM 1233 O  OAI . 8RQ B 2 .   ? 8.478   6.048   5.046   1.00 31.75 ? 201 8RQ B OAI 1 
HETATM 1234 O  OAJ . 8RQ B 2 .   ? 7.885   4.373   6.779   1.00 29.71 ? 201 8RQ B OAJ 1 
HETATM 1235 C  CAF . 8RQ B 2 .   ? 6.388   4.590   4.604   1.00 28.81 ? 201 8RQ B CAF 1 
HETATM 1236 C  CAE . 8RQ B 2 .   ? 6.382   5.014   3.269   1.00 26.94 ? 201 8RQ B CAE 1 
HETATM 1237 C  CAD . 8RQ B 2 .   ? 5.586   4.368   2.323   1.00 25.71 ? 201 8RQ B CAD 1 
HETATM 1238 C  CAA . 8RQ B 2 .   ? 5.564   3.548   5.003   1.00 27.17 ? 201 8RQ B CAA 1 
HETATM 1239 C  CAB . 8RQ B 2 .   ? 4.767   2.900   4.049   1.00 27.47 ? 201 8RQ B CAB 1 
HETATM 1240 C  CAC . 8RQ B 2 .   ? 4.765   3.311   2.718   1.00 26.02 ? 201 8RQ B CAC 1 
HETATM 1241 S  SAH . 8RQ B 2 .   ? 3.767   2.470   1.586   1.00 24.94 ? 201 8RQ B SAH 1 
HETATM 1242 O  OAK . 8RQ B 2 .   ? 3.717   3.346   0.352   1.00 25.94 ? 201 8RQ B OAK 1 
HETATM 1243 O  OAL . 8RQ B 2 .   ? 2.379   2.243   2.173   1.00 24.36 ? 201 8RQ B OAL 1 
HETATM 1244 N  NAO . 8RQ B 2 .   ? 4.398   1.009   1.111   1.00 24.94 ? 201 8RQ B NAO 1 
HETATM 1245 C  CAP . 8RQ B 2 .   ? 5.836   1.033   0.767   1.00 25.09 ? 201 8RQ B CAP 1 
HETATM 1246 C  CAV . 8RQ B 2 .   ? 6.106   -0.044  -0.280  1.00 25.59 ? 201 8RQ B CAV 1 
HETATM 1247 C  CAW . 8RQ B 2 .   ? 7.411   -0.676  0.218   1.00 25.24 ? 201 8RQ B CAW 1 
HETATM 1248 C  CAX . 8RQ B 2 .   ? 7.987   0.256   1.206   1.00 25.56 ? 201 8RQ B CAX 1 
HETATM 1249 C  CAY . 8RQ B 2 .   ? 6.797   0.804   1.909   1.00 25.28 ? 201 8RQ B CAY 1 
HETATM 1250 C  CAN . 8RQ B 2 .   ? 3.863   -0.208  1.771   1.00 26.15 ? 201 8RQ B CAN 1 
HETATM 1251 C  CAM . 8RQ B 2 .   ? 2.867   -0.705  0.849   1.00 26.96 ? 201 8RQ B CAM 1 
HETATM 1252 C  CAQ . 8RQ B 2 .   ? 2.277   -1.937  1.119   1.00 27.64 ? 201 8RQ B CAQ 1 
HETATM 1253 C  CAR . 8RQ B 2 .   ? 1.304   -2.490  0.269   1.00 28.68 ? 201 8RQ B CAR 1 
HETATM 1254 C  CAS . 8RQ B 2 .   ? 0.912   -1.790  -0.867  1.00 30.36 ? 201 8RQ B CAS 1 
HETATM 1255 CL CL1 . 8RQ B 2 .   ? -0.280  -2.413  -1.897  1.00 37.51 ? 201 8RQ B CL1 1 
HETATM 1256 C  CAT . 8RQ B 2 .   ? 1.462   -0.543  -1.158  1.00 29.08 ? 201 8RQ B CAT 1 
HETATM 1257 C  CAU . 8RQ B 2 .   ? 2.443   -0.017  -0.323  1.00 27.84 ? 201 8RQ B CAU 1 
HETATM 1258 O  O   . HOH C 3 .   ? 0.563   -10.304 3.259   1.00 16.93 ? 301 HOH B O   1 
HETATM 1259 O  O   . HOH C 3 .   ? 0.044   -11.482 -7.151  1.00 20.68 ? 302 HOH B O   1 
HETATM 1260 O  O   . HOH C 3 .   ? -2.805  -11.340 4.982   1.00 27.70 ? 303 HOH B O   1 
HETATM 1261 O  O   . HOH C 3 .   ? 17.529  2.457   18.243  1.00 19.65 ? 304 HOH B O   1 
HETATM 1262 O  O   . HOH C 3 .   ? 9.780   16.006  0.853   1.00 42.15 ? 305 HOH B O   1 
HETATM 1263 O  O   . HOH C 3 .   ? -10.777 -12.290 -1.517  1.00 25.81 ? 306 HOH B O   1 
HETATM 1264 O  O   . HOH C 3 .   ? 14.906  12.806  2.872   1.00 28.61 ? 307 HOH B O   1 
HETATM 1265 O  O   . HOH C 3 .   ? -2.475  4.341   -3.946  1.00 33.52 ? 308 HOH B O   1 
HETATM 1266 O  O   . HOH C 3 .   ? 0.800   -3.557  3.494   1.00 20.37 ? 309 HOH B O   1 
HETATM 1267 O  O   . HOH C 3 .   ? -9.196  0.959   -15.727 1.00 23.09 ? 310 HOH B O   1 
HETATM 1268 O  O   . HOH C 3 .   ? -14.235 -11.981 -15.284 1.00 11.56 ? 311 HOH B O   1 
HETATM 1269 O  O   . HOH C 3 .   ? -17.161 -5.770  -7.795  1.00 27.14 ? 312 HOH B O   1 
HETATM 1270 O  O   . HOH C 3 .   ? 4.620   14.997  18.782  1.00 40.05 ? 313 HOH B O   1 
HETATM 1271 O  O   . HOH C 3 .   ? 6.070   -7.677  -12.327 1.00 31.47 ? 314 HOH B O   1 
HETATM 1272 O  O   . HOH C 3 .   ? -4.427  -9.527  -13.615 1.00 24.14 ? 315 HOH B O   1 
HETATM 1273 O  O   . HOH C 3 .   ? 9.018   -9.976  1.011   1.00 30.29 ? 316 HOH B O   1 
HETATM 1274 O  O   . HOH C 3 .   ? 9.146   1.693   -10.759 1.00 37.63 ? 317 HOH B O   1 
HETATM 1275 O  O   . HOH C 3 .   ? 4.493   -8.551  -9.388  1.00 30.83 ? 318 HOH B O   1 
HETATM 1276 O  O   . HOH C 3 .   ? 18.503  -0.400  15.190  1.00 12.31 ? 319 HOH B O   1 
HETATM 1277 O  O   . HOH C 3 .   ? -6.892  8.783   -3.217  1.00 27.90 ? 320 HOH B O   1 
HETATM 1278 O  O   . HOH C 3 .   ? 16.104  9.291   8.954   1.00 29.57 ? 321 HOH B O   1 
HETATM 1279 O  O   . HOH C 3 .   ? -10.140 3.991   1.274   1.00 25.94 ? 322 HOH B O   1 
HETATM 1280 O  O   . HOH C 3 .   ? -21.761 -22.104 2.410   1.00 36.19 ? 323 HOH B O   1 
HETATM 1281 O  O   . HOH C 3 .   ? -14.269 -19.368 -3.727  1.00 37.05 ? 324 HOH B O   1 
HETATM 1282 O  O   . HOH C 3 .   ? 13.419  9.815   12.074  1.00 24.21 ? 325 HOH B O   1 
HETATM 1283 O  O   . HOH C 3 .   ? -0.145  4.561   -5.346  1.00 26.25 ? 326 HOH B O   1 
HETATM 1284 O  O   . HOH C 3 .   ? -13.846 6.204   -11.151 1.00 29.08 ? 327 HOH B O   1 
HETATM 1285 O  O   . HOH C 3 .   ? -8.285  -0.321  7.902   1.00 29.20 ? 328 HOH B O   1 
HETATM 1286 O  O   . HOH C 3 .   ? -5.613  -1.550  7.218   1.00 28.46 ? 329 HOH B O   1 
HETATM 1287 O  O   . HOH C 3 .   ? -9.410  -8.796  -10.623 1.00 13.82 ? 330 HOH B O   1 
HETATM 1288 O  O   . HOH C 3 .   ? -4.770  0.879   -19.493 1.00 43.75 ? 331 HOH B O   1 
HETATM 1289 O  O   . HOH C 3 .   ? -10.019 -12.624 -18.257 1.00 19.27 ? 332 HOH B O   1 
HETATM 1290 O  O   . HOH C 3 .   ? 12.712  -3.832  -0.442  1.00 21.53 ? 333 HOH B O   1 
HETATM 1291 O  O   . HOH C 3 .   ? -15.742 -8.468  -13.570 1.00 15.84 ? 334 HOH B O   1 
HETATM 1292 O  O   . HOH C 3 .   ? 15.947  8.586   11.489  1.00 24.68 ? 335 HOH B O   1 
HETATM 1293 O  O   . HOH C 3 .   ? -3.074  11.058  -3.227  1.00 33.38 ? 336 HOH B O   1 
HETATM 1294 O  O   . HOH C 3 .   ? -9.069  -10.017 4.036   1.00 30.53 ? 337 HOH B O   1 
HETATM 1295 O  O   . HOH C 3 .   ? -15.310 -9.813  1.864   1.00 37.71 ? 338 HOH B O   1 
HETATM 1296 O  O   . HOH C 3 .   ? 17.991  2.170   10.916  1.00 32.12 ? 339 HOH B O   1 
HETATM 1297 O  O   . HOH C 3 .   ? -2.760  -10.003 -4.506  1.00 30.81 ? 340 HOH B O   1 
HETATM 1298 O  O   . HOH C 3 .   ? -10.439 3.303   -15.264 1.00 31.92 ? 341 HOH B O   1 
HETATM 1299 O  O   . HOH C 3 .   ? -4.763  8.637   -4.371  1.00 31.60 ? 342 HOH B O   1 
HETATM 1300 O  O   . HOH C 3 .   ? -0.788  -16.999 1.518   1.00 23.50 ? 343 HOH B O   1 
HETATM 1301 O  O   . HOH C 3 .   ? -3.624  0.607   17.908  1.00 21.37 ? 344 HOH B O   1 
HETATM 1302 O  O   . HOH C 3 .   ? -4.268  -5.996  -18.966 1.00 34.51 ? 345 HOH B O   1 
HETATM 1303 O  O   . HOH C 3 .   ? -16.930 -20.965 -5.730  1.00 52.70 ? 346 HOH B O   1 
HETATM 1304 O  O   . HOH C 3 .   ? 2.820   4.243   -16.157 1.00 36.32 ? 347 HOH B O   1 
HETATM 1305 O  O   . HOH C 3 .   ? 7.415   7.444   14.650  1.00 22.91 ? 348 HOH B O   1 
HETATM 1306 O  O   . HOH C 3 .   ? 18.416  6.204   13.447  1.00 21.55 ? 349 HOH B O   1 
HETATM 1307 O  O   . HOH C 3 .   ? 14.575  -0.109  -4.291  1.00 24.60 ? 350 HOH B O   1 
HETATM 1308 O  O   . HOH C 3 .   ? -10.887 5.417   -12.350 1.00 34.82 ? 351 HOH B O   1 
HETATM 1309 O  O   . HOH C 3 .   ? 19.661  4.191   11.884  1.00 37.18 ? 352 HOH B O   1 
HETATM 1310 O  O   . HOH C 3 .   ? 3.291   0.033   20.685  1.00 26.82 ? 353 HOH B O   1 
HETATM 1311 O  O   . HOH C 3 .   ? -7.135  -11.425 2.886   1.00 24.64 ? 354 HOH B O   1 
HETATM 1312 O  O   . HOH C 3 .   ? -4.883  9.490   3.687   1.00 26.86 ? 355 HOH B O   1 
HETATM 1313 O  O   . HOH C 3 .   ? -3.173  9.264   10.338  1.00 34.89 ? 356 HOH B O   1 
HETATM 1314 O  O   . HOH C 3 .   ? -5.924  -15.741 -12.318 1.00 19.25 ? 357 HOH B O   1 
HETATM 1315 O  O   . HOH C 3 .   ? 4.102   -3.405  14.339  1.00 14.67 ? 358 HOH B O   1 
HETATM 1316 O  O   . HOH C 3 .   ? -5.124  -1.708  -19.961 1.00 22.83 ? 359 HOH B O   1 
HETATM 1317 O  O   . HOH C 3 .   ? 13.038  -5.943  15.045  1.00 36.45 ? 360 HOH B O   1 
HETATM 1318 O  O   . HOH C 3 .   ? 19.030  7.002   3.578   1.00 32.26 ? 361 HOH B O   1 
HETATM 1319 O  O   . HOH C 3 .   ? 4.927   -10.938 -7.624  1.00 33.91 ? 362 HOH B O   1 
HETATM 1320 O  O   . HOH C 3 .   ? 7.117   -8.239  12.220  1.00 29.05 ? 363 HOH B O   1 
HETATM 1321 O  O   . HOH C 3 .   ? 10.036  10.719  18.278  1.00 37.86 ? 364 HOH B O   1 
HETATM 1322 O  O   . HOH C 3 .   ? 12.784  -10.424 1.407   1.00 45.02 ? 365 HOH B O   1 
HETATM 1323 O  O   . HOH C 3 .   ? -20.174 -8.674  -10.232 1.00 37.40 ? 366 HOH B O   1 
HETATM 1324 O  O   . HOH C 3 .   ? -10.975 -20.944 2.756   1.00 43.99 ? 367 HOH B O   1 
HETATM 1325 O  O   . HOH C 3 .   ? 8.153   0.182   -14.181 1.00 46.01 ? 368 HOH B O   1 
HETATM 1326 O  O   . HOH C 3 .   ? 20.703  11.533  -7.631  1.00 41.14 ? 369 HOH B O   1 
HETATM 1327 O  O   . HOH C 3 .   ? 5.726   -5.119  15.013  1.00 25.04 ? 370 HOH B O   1 
HETATM 1328 O  O   . HOH C 3 .   ? -7.442  7.018   -11.385 1.00 42.45 ? 371 HOH B O   1 
HETATM 1329 O  O   . HOH C 3 .   ? -18.472 -11.070 -12.822 1.00 23.39 ? 372 HOH B O   1 
HETATM 1330 O  O   . HOH C 3 .   ? 4.348   -6.255  17.779  1.00 37.16 ? 373 HOH B O   1 
HETATM 1331 O  O   . HOH C 3 .   ? -7.088  1.103   -18.561 1.00 41.51 ? 374 HOH B O   1 
HETATM 1332 O  O   . HOH C 3 .   ? -8.223  -6.226  -22.925 1.00 37.94 ? 375 HOH B O   1 
HETATM 1333 O  O   . HOH C 3 .   ? 19.750  -3.335  1.964   1.00 37.19 ? 376 HOH B O   1 
HETATM 1334 O  O   . HOH C 3 .   ? 14.654  11.265  15.152  1.00 40.42 ? 377 HOH B O   1 
HETATM 1335 O  O   . HOH C 3 .   ? -2.059  11.050  3.183   1.00 36.98 ? 378 HOH B O   1 
HETATM 1336 O  O   . HOH C 3 .   ? -19.350 -6.651  -12.375 1.00 19.32 ? 379 HOH B O   1 
HETATM 1337 O  O   . HOH C 3 .   ? -10.002 8.738   0.187   1.00 30.55 ? 380 HOH B O   1 
HETATM 1338 O  O   . HOH C 3 .   ? -4.612  6.535   14.353  1.00 36.33 ? 381 HOH B O   1 
HETATM 1339 O  O   . HOH C 3 .   ? -7.635  -13.146 1.163   1.00 38.46 ? 382 HOH B O   1 
HETATM 1340 O  O   . HOH C 3 .   ? 19.190  5.337   -0.904  1.00 44.92 ? 383 HOH B O   1 
HETATM 1341 O  O   . HOH C 3 .   ? -7.817  -1.039  -20.904 1.00 36.85 ? 384 HOH B O   1 
HETATM 1342 O  O   . HOH C 3 .   ? -8.156  10.816  4.468   1.00 40.04 ? 385 HOH B O   1 
HETATM 1343 O  O   . HOH C 3 .   ? -0.214  -6.010  13.146  1.00 33.34 ? 386 HOH B O   1 
HETATM 1344 O  O   . HOH C 3 .   ? -12.084 7.986   4.272   1.00 41.34 ? 387 HOH B O   1 
# 
